data_4DT6
# 
_entry.id   4DT6 
# 
_audit_conform.dict_name       mmcif_pdbx.dic 
_audit_conform.dict_version    5.387 
_audit_conform.dict_location   http://mmcif.pdb.org/dictionaries/ascii/mmcif_pdbx.dic 
# 
loop_
_database_2.database_id 
_database_2.database_code 
_database_2.pdbx_database_accession 
_database_2.pdbx_DOI 
PDB   4DT6         pdb_00004dt6 10.2210/pdb4dt6/pdb 
RCSB  RCSB070750   ?            ?                   
WWPDB D_1000070750 ?            ?                   
# 
loop_
_pdbx_audit_revision_history.ordinal 
_pdbx_audit_revision_history.data_content_type 
_pdbx_audit_revision_history.major_revision 
_pdbx_audit_revision_history.minor_revision 
_pdbx_audit_revision_history.revision_date 
1 'Structure model' 1 0 2012-04-11 
2 'Structure model' 1 1 2012-05-02 
3 'Structure model' 1 2 2012-06-27 
4 'Structure model' 1 3 2017-11-15 
5 'Structure model' 1 4 2024-02-28 
# 
_pdbx_audit_revision_details.ordinal             1 
_pdbx_audit_revision_details.revision_ordinal    1 
_pdbx_audit_revision_details.data_content_type   'Structure model' 
_pdbx_audit_revision_details.provider            repository 
_pdbx_audit_revision_details.type                'Initial release' 
_pdbx_audit_revision_details.description         ? 
_pdbx_audit_revision_details.details             ? 
# 
loop_
_pdbx_audit_revision_group.ordinal 
_pdbx_audit_revision_group.revision_ordinal 
_pdbx_audit_revision_group.data_content_type 
_pdbx_audit_revision_group.group 
1 2 'Structure model' 'Database references'    
2 3 'Structure model' 'Database references'    
3 4 'Structure model' 'Refinement description' 
4 5 'Structure model' 'Data collection'        
5 5 'Structure model' 'Database references'    
6 5 'Structure model' 'Derived calculations'   
# 
loop_
_pdbx_audit_revision_category.ordinal 
_pdbx_audit_revision_category.revision_ordinal 
_pdbx_audit_revision_category.data_content_type 
_pdbx_audit_revision_category.category 
1 4 'Structure model' software           
2 5 'Structure model' chem_comp_atom     
3 5 'Structure model' chem_comp_bond     
4 5 'Structure model' database_2         
5 5 'Structure model' struct_ref_seq_dif 
6 5 'Structure model' struct_site        
# 
loop_
_pdbx_audit_revision_item.ordinal 
_pdbx_audit_revision_item.revision_ordinal 
_pdbx_audit_revision_item.data_content_type 
_pdbx_audit_revision_item.item 
1 4 'Structure model' '_software.name'                      
2 5 'Structure model' '_database_2.pdbx_DOI'                
3 5 'Structure model' '_database_2.pdbx_database_accession' 
4 5 'Structure model' '_struct_ref_seq_dif.details'         
5 5 'Structure model' '_struct_site.pdbx_auth_asym_id'      
6 5 'Structure model' '_struct_site.pdbx_auth_comp_id'      
7 5 'Structure model' '_struct_site.pdbx_auth_seq_id'       
# 
_pdbx_database_status.status_code                     REL 
_pdbx_database_status.entry_id                        4DT6 
_pdbx_database_status.recvd_initial_deposition_date   2012-02-20 
_pdbx_database_status.deposit_site                    RCSB 
_pdbx_database_status.process_site                    RCSB 
_pdbx_database_status.status_code_sf                  REL 
_pdbx_database_status.status_code_mr                  ? 
_pdbx_database_status.SG_entry                        ? 
_pdbx_database_status.status_code_cs                  ? 
_pdbx_database_status.methods_development_category    ? 
_pdbx_database_status.pdb_format_compatible           Y 
_pdbx_database_status.status_code_nmr_data            ? 
# 
_pdbx_database_related.db_name        PDB 
_pdbx_database_related.db_id          4DUM 
_pdbx_database_related.details        . 
_pdbx_database_related.content_type   unspecified 
# 
loop_
_audit_author.name 
_audit_author.pdbx_ordinal 
'Min, X.'       1 
'Johnstone, S.' 2 
'Walker, N.'    3 
'Wang, Z.'      4 
# 
_citation.id                        primary 
_citation.title                     
'Structure-Guided Design, Synthesis, and Evaluation of Guanine-Derived Inhibitors of the eIF4E mRNA-Cap Interaction.' 
_citation.journal_abbrev            J.Med.Chem. 
_citation.journal_volume            55 
_citation.page_first                3837 
_citation.page_last                 3851 
_citation.year                      2012 
_citation.journal_id_ASTM           JMCMAR 
_citation.country                   US 
_citation.journal_id_ISSN           0022-2623 
_citation.journal_id_CSD            0151 
_citation.book_publisher            ? 
_citation.pdbx_database_id_PubMed   22458568 
_citation.pdbx_database_id_DOI      10.1021/jm300037x 
# 
loop_
_citation_author.citation_id 
_citation_author.name 
_citation_author.ordinal 
_citation_author.identifier_ORCID 
primary 'Chen, X.'      1  ? 
primary 'Kopecky, D.J.' 2  ? 
primary 'Mihalic, J.'   3  ? 
primary 'Jeffries, S.'  4  ? 
primary 'Min, X.'       5  ? 
primary 'Heath, J.'     6  ? 
primary 'Deignan, J.'   7  ? 
primary 'Lai, S.'       8  ? 
primary 'Fu, Z.'        9  ? 
primary 'Guimaraes, C.' 10 ? 
primary 'Shen, S.'      11 ? 
primary 'Li, S.'        12 ? 
primary 'Johnstone, S.' 13 ? 
primary 'Thibault, S.'  14 ? 
primary 'Xu, H.'        15 ? 
primary 'Cardozo, M.'   16 ? 
primary 'Shen, W.'      17 ? 
primary 'Walker, N.'    18 ? 
primary 'Kayser, F.'    19 ? 
primary 'Wang, Z.'      20 ? 
# 
loop_
_entity.id 
_entity.type 
_entity.src_method 
_entity.pdbx_description 
_entity.formula_weight 
_entity.pdbx_number_of_molecules 
_entity.pdbx_ec 
_entity.pdbx_mutation 
_entity.pdbx_fragment 
_entity.details 
1 polymer     man 'Eukaryotic translation initiation factor 4E'                     28040.301 1  ? ? ? ? 
2 non-polymer syn 
;7-[2-(4-chlorophenoxy)ethyl]guanosine 5'-(dihydrogen phosphate)
;
518.822   1  ? ? ? ? 
3 non-polymer syn GLYCEROL                                                          92.094    1  ? ? ? ? 
4 non-polymer syn 1,2-ETHANEDIOL                                                    62.068    4  ? ? ? ? 
5 water       nat water                                                             18.015    39 ? ? ? ? 
# 
_entity_name_com.entity_id   1 
_entity_name_com.name        'eIF-4E, eIF4E, eIF-4F 25 kDa subunit, mRNA cap-binding protein' 
# 
_entity_poly.entity_id                      1 
_entity_poly.type                           'polypeptide(L)' 
_entity_poly.nstd_linkage                   no 
_entity_poly.nstd_monomer                   no 
_entity_poly.pdbx_seq_one_letter_code       
;MDYKDDDDKHHHHHHTENLYFQGMATVEPETTPTPNPPTTEEEKTESNQEVANPEHYIKHPLQNRWALWFFKNDKSKTWQ
ANLRLISKFDTVEDFWALYNHIQLSSNLMPGCDYSLFKDGIEPMWEDEKNKRGGRWLITLNKQQRRSDLDRFWLETLLCL
IGESFDDYSDDVCGAVVNVRAKGDKIAIWTTECENREAVTHIGRVYKERLGLPPKIVIGYQSHADTATKSGSTTKNRFVV
;
_entity_poly.pdbx_seq_one_letter_code_can   
;MDYKDDDDKHHHHHHTENLYFQGMATVEPETTPTPNPPTTEEEKTESNQEVANPEHYIKHPLQNRWALWFFKNDKSKTWQ
ANLRLISKFDTVEDFWALYNHIQLSSNLMPGCDYSLFKDGIEPMWEDEKNKRGGRWLITLNKQQRRSDLDRFWLETLLCL
IGESFDDYSDDVCGAVVNVRAKGDKIAIWTTECENREAVTHIGRVYKERLGLPPKIVIGYQSHADTATKSGSTTKNRFVV
;
_entity_poly.pdbx_strand_id                 A 
_entity_poly.pdbx_target_identifier         ? 
# 
loop_
_pdbx_entity_nonpoly.entity_id 
_pdbx_entity_nonpoly.name 
_pdbx_entity_nonpoly.comp_id 
2 
;7-[2-(4-chlorophenoxy)ethyl]guanosine 5'-(dihydrogen phosphate)
;
6LI 
3 GLYCEROL                                                          GOL 
4 1,2-ETHANEDIOL                                                    EDO 
5 water                                                             HOH 
# 
loop_
_entity_poly_seq.entity_id 
_entity_poly_seq.num 
_entity_poly_seq.mon_id 
_entity_poly_seq.hetero 
1 1   MET n 
1 2   ASP n 
1 3   TYR n 
1 4   LYS n 
1 5   ASP n 
1 6   ASP n 
1 7   ASP n 
1 8   ASP n 
1 9   LYS n 
1 10  HIS n 
1 11  HIS n 
1 12  HIS n 
1 13  HIS n 
1 14  HIS n 
1 15  HIS n 
1 16  THR n 
1 17  GLU n 
1 18  ASN n 
1 19  LEU n 
1 20  TYR n 
1 21  PHE n 
1 22  GLN n 
1 23  GLY n 
1 24  MET n 
1 25  ALA n 
1 26  THR n 
1 27  VAL n 
1 28  GLU n 
1 29  PRO n 
1 30  GLU n 
1 31  THR n 
1 32  THR n 
1 33  PRO n 
1 34  THR n 
1 35  PRO n 
1 36  ASN n 
1 37  PRO n 
1 38  PRO n 
1 39  THR n 
1 40  THR n 
1 41  GLU n 
1 42  GLU n 
1 43  GLU n 
1 44  LYS n 
1 45  THR n 
1 46  GLU n 
1 47  SER n 
1 48  ASN n 
1 49  GLN n 
1 50  GLU n 
1 51  VAL n 
1 52  ALA n 
1 53  ASN n 
1 54  PRO n 
1 55  GLU n 
1 56  HIS n 
1 57  TYR n 
1 58  ILE n 
1 59  LYS n 
1 60  HIS n 
1 61  PRO n 
1 62  LEU n 
1 63  GLN n 
1 64  ASN n 
1 65  ARG n 
1 66  TRP n 
1 67  ALA n 
1 68  LEU n 
1 69  TRP n 
1 70  PHE n 
1 71  PHE n 
1 72  LYS n 
1 73  ASN n 
1 74  ASP n 
1 75  LYS n 
1 76  SER n 
1 77  LYS n 
1 78  THR n 
1 79  TRP n 
1 80  GLN n 
1 81  ALA n 
1 82  ASN n 
1 83  LEU n 
1 84  ARG n 
1 85  LEU n 
1 86  ILE n 
1 87  SER n 
1 88  LYS n 
1 89  PHE n 
1 90  ASP n 
1 91  THR n 
1 92  VAL n 
1 93  GLU n 
1 94  ASP n 
1 95  PHE n 
1 96  TRP n 
1 97  ALA n 
1 98  LEU n 
1 99  TYR n 
1 100 ASN n 
1 101 HIS n 
1 102 ILE n 
1 103 GLN n 
1 104 LEU n 
1 105 SER n 
1 106 SER n 
1 107 ASN n 
1 108 LEU n 
1 109 MET n 
1 110 PRO n 
1 111 GLY n 
1 112 CYS n 
1 113 ASP n 
1 114 TYR n 
1 115 SER n 
1 116 LEU n 
1 117 PHE n 
1 118 LYS n 
1 119 ASP n 
1 120 GLY n 
1 121 ILE n 
1 122 GLU n 
1 123 PRO n 
1 124 MET n 
1 125 TRP n 
1 126 GLU n 
1 127 ASP n 
1 128 GLU n 
1 129 LYS n 
1 130 ASN n 
1 131 LYS n 
1 132 ARG n 
1 133 GLY n 
1 134 GLY n 
1 135 ARG n 
1 136 TRP n 
1 137 LEU n 
1 138 ILE n 
1 139 THR n 
1 140 LEU n 
1 141 ASN n 
1 142 LYS n 
1 143 GLN n 
1 144 GLN n 
1 145 ARG n 
1 146 ARG n 
1 147 SER n 
1 148 ASP n 
1 149 LEU n 
1 150 ASP n 
1 151 ARG n 
1 152 PHE n 
1 153 TRP n 
1 154 LEU n 
1 155 GLU n 
1 156 THR n 
1 157 LEU n 
1 158 LEU n 
1 159 CYS n 
1 160 LEU n 
1 161 ILE n 
1 162 GLY n 
1 163 GLU n 
1 164 SER n 
1 165 PHE n 
1 166 ASP n 
1 167 ASP n 
1 168 TYR n 
1 169 SER n 
1 170 ASP n 
1 171 ASP n 
1 172 VAL n 
1 173 CYS n 
1 174 GLY n 
1 175 ALA n 
1 176 VAL n 
1 177 VAL n 
1 178 ASN n 
1 179 VAL n 
1 180 ARG n 
1 181 ALA n 
1 182 LYS n 
1 183 GLY n 
1 184 ASP n 
1 185 LYS n 
1 186 ILE n 
1 187 ALA n 
1 188 ILE n 
1 189 TRP n 
1 190 THR n 
1 191 THR n 
1 192 GLU n 
1 193 CYS n 
1 194 GLU n 
1 195 ASN n 
1 196 ARG n 
1 197 GLU n 
1 198 ALA n 
1 199 VAL n 
1 200 THR n 
1 201 HIS n 
1 202 ILE n 
1 203 GLY n 
1 204 ARG n 
1 205 VAL n 
1 206 TYR n 
1 207 LYS n 
1 208 GLU n 
1 209 ARG n 
1 210 LEU n 
1 211 GLY n 
1 212 LEU n 
1 213 PRO n 
1 214 PRO n 
1 215 LYS n 
1 216 ILE n 
1 217 VAL n 
1 218 ILE n 
1 219 GLY n 
1 220 TYR n 
1 221 GLN n 
1 222 SER n 
1 223 HIS n 
1 224 ALA n 
1 225 ASP n 
1 226 THR n 
1 227 ALA n 
1 228 THR n 
1 229 LYS n 
1 230 SER n 
1 231 GLY n 
1 232 SER n 
1 233 THR n 
1 234 THR n 
1 235 LYS n 
1 236 ASN n 
1 237 ARG n 
1 238 PHE n 
1 239 VAL n 
1 240 VAL n 
# 
_entity_src_gen.entity_id                          1 
_entity_src_gen.pdbx_src_id                        1 
_entity_src_gen.pdbx_alt_source_flag               sample 
_entity_src_gen.pdbx_seq_type                      ? 
_entity_src_gen.pdbx_beg_seq_num                   ? 
_entity_src_gen.pdbx_end_seq_num                   ? 
_entity_src_gen.gene_src_common_name               human 
_entity_src_gen.gene_src_genus                     ? 
_entity_src_gen.pdbx_gene_src_gene                 'EIF4E, EIF4EL1, EIF4F' 
_entity_src_gen.gene_src_species                   ? 
_entity_src_gen.gene_src_strain                    ? 
_entity_src_gen.gene_src_tissue                    ? 
_entity_src_gen.gene_src_tissue_fraction           ? 
_entity_src_gen.gene_src_details                   ? 
_entity_src_gen.pdbx_gene_src_fragment             ? 
_entity_src_gen.pdbx_gene_src_scientific_name      'Homo sapiens' 
_entity_src_gen.pdbx_gene_src_ncbi_taxonomy_id     9606 
_entity_src_gen.pdbx_gene_src_variant              ? 
_entity_src_gen.pdbx_gene_src_cell_line            ? 
_entity_src_gen.pdbx_gene_src_atcc                 ? 
_entity_src_gen.pdbx_gene_src_organ                ? 
_entity_src_gen.pdbx_gene_src_organelle            ? 
_entity_src_gen.pdbx_gene_src_cell                 ? 
_entity_src_gen.pdbx_gene_src_cellular_location    ? 
_entity_src_gen.host_org_common_name               ? 
_entity_src_gen.pdbx_host_org_scientific_name      'Escherichia coli' 
_entity_src_gen.pdbx_host_org_ncbi_taxonomy_id     562 
_entity_src_gen.host_org_genus                     ? 
_entity_src_gen.pdbx_host_org_gene                 ? 
_entity_src_gen.pdbx_host_org_organ                ? 
_entity_src_gen.host_org_species                   ? 
_entity_src_gen.pdbx_host_org_tissue               ? 
_entity_src_gen.pdbx_host_org_tissue_fraction      ? 
_entity_src_gen.pdbx_host_org_strain               ? 
_entity_src_gen.pdbx_host_org_variant              ? 
_entity_src_gen.pdbx_host_org_cell_line            ? 
_entity_src_gen.pdbx_host_org_atcc                 ? 
_entity_src_gen.pdbx_host_org_culture_collection   ? 
_entity_src_gen.pdbx_host_org_cell                 ? 
_entity_src_gen.pdbx_host_org_organelle            ? 
_entity_src_gen.pdbx_host_org_cellular_location    ? 
_entity_src_gen.pdbx_host_org_vector_type          plasmid 
_entity_src_gen.pdbx_host_org_vector               ? 
_entity_src_gen.host_org_details                   ? 
_entity_src_gen.expression_system_id               ? 
_entity_src_gen.plasmid_name                       pET101 
_entity_src_gen.plasmid_details                    ? 
_entity_src_gen.pdbx_description                   ? 
# 
loop_
_chem_comp.id 
_chem_comp.type 
_chem_comp.mon_nstd_flag 
_chem_comp.name 
_chem_comp.pdbx_synonyms 
_chem_comp.formula 
_chem_comp.formula_weight 
6LI non-polymer         . 
;7-[2-(4-chlorophenoxy)ethyl]guanosine 5'-(dihydrogen phosphate)
;
?                               'C18 H22 Cl N5 O9 P 1' 518.822 
ALA 'L-peptide linking' y ALANINE                                                           ?                               
'C3 H7 N O2'           89.093  
ARG 'L-peptide linking' y ARGININE                                                          ?                               
'C6 H15 N4 O2 1'       175.209 
ASN 'L-peptide linking' y ASPARAGINE                                                        ?                               
'C4 H8 N2 O3'          132.118 
ASP 'L-peptide linking' y 'ASPARTIC ACID'                                                   ?                               
'C4 H7 N O4'           133.103 
CYS 'L-peptide linking' y CYSTEINE                                                          ?                               
'C3 H7 N O2 S'         121.158 
EDO non-polymer         . 1,2-ETHANEDIOL                                                    'ETHYLENE GLYCOL'               
'C2 H6 O2'             62.068  
GLN 'L-peptide linking' y GLUTAMINE                                                         ?                               
'C5 H10 N2 O3'         146.144 
GLU 'L-peptide linking' y 'GLUTAMIC ACID'                                                   ?                               
'C5 H9 N O4'           147.129 
GLY 'peptide linking'   y GLYCINE                                                           ?                               
'C2 H5 N O2'           75.067  
GOL non-polymer         . GLYCEROL                                                          'GLYCERIN; PROPANE-1,2,3-TRIOL' 
'C3 H8 O3'             92.094  
HIS 'L-peptide linking' y HISTIDINE                                                         ?                               
'C6 H10 N3 O2 1'       156.162 
HOH non-polymer         . WATER                                                             ?                               'H2 O' 
18.015  
ILE 'L-peptide linking' y ISOLEUCINE                                                        ?                               
'C6 H13 N O2'          131.173 
LEU 'L-peptide linking' y LEUCINE                                                           ?                               
'C6 H13 N O2'          131.173 
LYS 'L-peptide linking' y LYSINE                                                            ?                               
'C6 H15 N2 O2 1'       147.195 
MET 'L-peptide linking' y METHIONINE                                                        ?                               
'C5 H11 N O2 S'        149.211 
PHE 'L-peptide linking' y PHENYLALANINE                                                     ?                               
'C9 H11 N O2'          165.189 
PRO 'L-peptide linking' y PROLINE                                                           ?                               
'C5 H9 N O2'           115.130 
SER 'L-peptide linking' y SERINE                                                            ?                               
'C3 H7 N O3'           105.093 
THR 'L-peptide linking' y THREONINE                                                         ?                               
'C4 H9 N O3'           119.119 
TRP 'L-peptide linking' y TRYPTOPHAN                                                        ?                               
'C11 H12 N2 O2'        204.225 
TYR 'L-peptide linking' y TYROSINE                                                          ?                               
'C9 H11 N O3'          181.189 
VAL 'L-peptide linking' y VALINE                                                            ?                               
'C5 H11 N O2'          117.146 
# 
loop_
_pdbx_poly_seq_scheme.asym_id 
_pdbx_poly_seq_scheme.entity_id 
_pdbx_poly_seq_scheme.seq_id 
_pdbx_poly_seq_scheme.mon_id 
_pdbx_poly_seq_scheme.ndb_seq_num 
_pdbx_poly_seq_scheme.pdb_seq_num 
_pdbx_poly_seq_scheme.auth_seq_num 
_pdbx_poly_seq_scheme.pdb_mon_id 
_pdbx_poly_seq_scheme.auth_mon_id 
_pdbx_poly_seq_scheme.pdb_strand_id 
_pdbx_poly_seq_scheme.pdb_ins_code 
_pdbx_poly_seq_scheme.hetero 
A 1 1   MET 1   -22 ?   ?   ?   A . n 
A 1 2   ASP 2   -21 ?   ?   ?   A . n 
A 1 3   TYR 3   -20 ?   ?   ?   A . n 
A 1 4   LYS 4   -19 ?   ?   ?   A . n 
A 1 5   ASP 5   -18 ?   ?   ?   A . n 
A 1 6   ASP 6   -17 ?   ?   ?   A . n 
A 1 7   ASP 7   -16 ?   ?   ?   A . n 
A 1 8   ASP 8   -15 ?   ?   ?   A . n 
A 1 9   LYS 9   -14 ?   ?   ?   A . n 
A 1 10  HIS 10  -13 ?   ?   ?   A . n 
A 1 11  HIS 11  -12 ?   ?   ?   A . n 
A 1 12  HIS 12  -11 ?   ?   ?   A . n 
A 1 13  HIS 13  -10 ?   ?   ?   A . n 
A 1 14  HIS 14  -9  ?   ?   ?   A . n 
A 1 15  HIS 15  -8  ?   ?   ?   A . n 
A 1 16  THR 16  -7  ?   ?   ?   A . n 
A 1 17  GLU 17  -6  ?   ?   ?   A . n 
A 1 18  ASN 18  -5  ?   ?   ?   A . n 
A 1 19  LEU 19  -4  ?   ?   ?   A . n 
A 1 20  TYR 20  -3  ?   ?   ?   A . n 
A 1 21  PHE 21  -2  ?   ?   ?   A . n 
A 1 22  GLN 22  -1  ?   ?   ?   A . n 
A 1 23  GLY 23  0   ?   ?   ?   A . n 
A 1 24  MET 24  1   ?   ?   ?   A . n 
A 1 25  ALA 25  2   ?   ?   ?   A . n 
A 1 26  THR 26  3   ?   ?   ?   A . n 
A 1 27  VAL 27  4   ?   ?   ?   A . n 
A 1 28  GLU 28  5   ?   ?   ?   A . n 
A 1 29  PRO 29  6   ?   ?   ?   A . n 
A 1 30  GLU 30  7   ?   ?   ?   A . n 
A 1 31  THR 31  8   ?   ?   ?   A . n 
A 1 32  THR 32  9   ?   ?   ?   A . n 
A 1 33  PRO 33  10  ?   ?   ?   A . n 
A 1 34  THR 34  11  ?   ?   ?   A . n 
A 1 35  PRO 35  12  ?   ?   ?   A . n 
A 1 36  ASN 36  13  ?   ?   ?   A . n 
A 1 37  PRO 37  14  ?   ?   ?   A . n 
A 1 38  PRO 38  15  ?   ?   ?   A . n 
A 1 39  THR 39  16  ?   ?   ?   A . n 
A 1 40  THR 40  17  ?   ?   ?   A . n 
A 1 41  GLU 41  18  ?   ?   ?   A . n 
A 1 42  GLU 42  19  ?   ?   ?   A . n 
A 1 43  GLU 43  20  ?   ?   ?   A . n 
A 1 44  LYS 44  21  ?   ?   ?   A . n 
A 1 45  THR 45  22  ?   ?   ?   A . n 
A 1 46  GLU 46  23  ?   ?   ?   A . n 
A 1 47  SER 47  24  ?   ?   ?   A . n 
A 1 48  ASN 48  25  ?   ?   ?   A . n 
A 1 49  GLN 49  26  ?   ?   ?   A . n 
A 1 50  GLU 50  27  27  GLU GLU A . n 
A 1 51  VAL 51  28  28  VAL VAL A . n 
A 1 52  ALA 52  29  29  ALA ALA A . n 
A 1 53  ASN 53  30  30  ASN ASN A . n 
A 1 54  PRO 54  31  31  PRO PRO A . n 
A 1 55  GLU 55  32  32  GLU GLU A . n 
A 1 56  HIS 56  33  33  HIS HIS A . n 
A 1 57  TYR 57  34  34  TYR TYR A . n 
A 1 58  ILE 58  35  35  ILE ILE A . n 
A 1 59  LYS 59  36  36  LYS LYS A . n 
A 1 60  HIS 60  37  37  HIS HIS A . n 
A 1 61  PRO 61  38  38  PRO PRO A . n 
A 1 62  LEU 62  39  39  LEU LEU A . n 
A 1 63  GLN 63  40  40  GLN GLN A . n 
A 1 64  ASN 64  41  41  ASN ASN A . n 
A 1 65  ARG 65  42  42  ARG ARG A . n 
A 1 66  TRP 66  43  43  TRP TRP A . n 
A 1 67  ALA 67  44  44  ALA ALA A . n 
A 1 68  LEU 68  45  45  LEU LEU A . n 
A 1 69  TRP 69  46  46  TRP TRP A . n 
A 1 70  PHE 70  47  47  PHE PHE A . n 
A 1 71  PHE 71  48  48  PHE PHE A . n 
A 1 72  LYS 72  49  49  LYS LYS A . n 
A 1 73  ASN 73  50  50  ASN ASN A . n 
A 1 74  ASP 74  51  51  ASP ASP A . n 
A 1 75  LYS 75  52  52  LYS LYS A . n 
A 1 76  SER 76  53  53  SER SER A . n 
A 1 77  LYS 77  54  54  LYS LYS A . n 
A 1 78  THR 78  55  55  THR THR A . n 
A 1 79  TRP 79  56  56  TRP TRP A . n 
A 1 80  GLN 80  57  57  GLN GLN A . n 
A 1 81  ALA 81  58  58  ALA ALA A . n 
A 1 82  ASN 82  59  59  ASN ASN A . n 
A 1 83  LEU 83  60  60  LEU LEU A . n 
A 1 84  ARG 84  61  61  ARG ARG A . n 
A 1 85  LEU 85  62  62  LEU LEU A . n 
A 1 86  ILE 86  63  63  ILE ILE A . n 
A 1 87  SER 87  64  64  SER SER A . n 
A 1 88  LYS 88  65  65  LYS LYS A . n 
A 1 89  PHE 89  66  66  PHE PHE A . n 
A 1 90  ASP 90  67  67  ASP ASP A . n 
A 1 91  THR 91  68  68  THR THR A . n 
A 1 92  VAL 92  69  69  VAL VAL A . n 
A 1 93  GLU 93  70  70  GLU GLU A . n 
A 1 94  ASP 94  71  71  ASP ASP A . n 
A 1 95  PHE 95  72  72  PHE PHE A . n 
A 1 96  TRP 96  73  73  TRP TRP A . n 
A 1 97  ALA 97  74  74  ALA ALA A . n 
A 1 98  LEU 98  75  75  LEU LEU A . n 
A 1 99  TYR 99  76  76  TYR TYR A . n 
A 1 100 ASN 100 77  77  ASN ASN A . n 
A 1 101 HIS 101 78  78  HIS HIS A . n 
A 1 102 ILE 102 79  79  ILE ILE A . n 
A 1 103 GLN 103 80  80  GLN GLN A . n 
A 1 104 LEU 104 81  81  LEU LEU A . n 
A 1 105 SER 105 82  82  SER SER A . n 
A 1 106 SER 106 83  83  SER SER A . n 
A 1 107 ASN 107 84  84  ASN ASN A . n 
A 1 108 LEU 108 85  85  LEU LEU A . n 
A 1 109 MET 109 86  86  MET MET A . n 
A 1 110 PRO 110 87  87  PRO PRO A . n 
A 1 111 GLY 111 88  88  GLY GLY A . n 
A 1 112 CYS 112 89  89  CYS CYS A . n 
A 1 113 ASP 113 90  90  ASP ASP A . n 
A 1 114 TYR 114 91  91  TYR TYR A . n 
A 1 115 SER 115 92  92  SER SER A . n 
A 1 116 LEU 116 93  93  LEU LEU A . n 
A 1 117 PHE 117 94  94  PHE PHE A . n 
A 1 118 LYS 118 95  95  LYS LYS A . n 
A 1 119 ASP 119 96  96  ASP ASP A . n 
A 1 120 GLY 120 97  97  GLY GLY A . n 
A 1 121 ILE 121 98  98  ILE ILE A . n 
A 1 122 GLU 122 99  99  GLU GLU A . n 
A 1 123 PRO 123 100 100 PRO PRO A . n 
A 1 124 MET 124 101 101 MET MET A . n 
A 1 125 TRP 125 102 102 TRP TRP A . n 
A 1 126 GLU 126 103 103 GLU GLU A . n 
A 1 127 ASP 127 104 104 ASP ASP A . n 
A 1 128 GLU 128 105 105 GLU GLU A . n 
A 1 129 LYS 129 106 106 LYS LYS A . n 
A 1 130 ASN 130 107 107 ASN ASN A . n 
A 1 131 LYS 131 108 108 LYS LYS A . n 
A 1 132 ARG 132 109 109 ARG ARG A . n 
A 1 133 GLY 133 110 110 GLY GLY A . n 
A 1 134 GLY 134 111 111 GLY GLY A . n 
A 1 135 ARG 135 112 112 ARG ARG A . n 
A 1 136 TRP 136 113 113 TRP TRP A . n 
A 1 137 LEU 137 114 114 LEU LEU A . n 
A 1 138 ILE 138 115 115 ILE ILE A . n 
A 1 139 THR 139 116 116 THR THR A . n 
A 1 140 LEU 140 117 117 LEU LEU A . n 
A 1 141 ASN 141 118 118 ASN ASN A . n 
A 1 142 LYS 142 119 119 LYS LYS A . n 
A 1 143 GLN 143 120 120 GLN GLN A . n 
A 1 144 GLN 144 121 121 GLN GLN A . n 
A 1 145 ARG 145 122 122 ARG ARG A . n 
A 1 146 ARG 146 123 123 ARG ARG A . n 
A 1 147 SER 147 124 124 SER SER A . n 
A 1 148 ASP 148 125 125 ASP ASP A . n 
A 1 149 LEU 149 126 126 LEU LEU A . n 
A 1 150 ASP 150 127 127 ASP ASP A . n 
A 1 151 ARG 151 128 128 ARG ARG A . n 
A 1 152 PHE 152 129 129 PHE PHE A . n 
A 1 153 TRP 153 130 130 TRP TRP A . n 
A 1 154 LEU 154 131 131 LEU LEU A . n 
A 1 155 GLU 155 132 132 GLU GLU A . n 
A 1 156 THR 156 133 133 THR THR A . n 
A 1 157 LEU 157 134 134 LEU LEU A . n 
A 1 158 LEU 158 135 135 LEU LEU A . n 
A 1 159 CYS 159 136 136 CYS CYS A . n 
A 1 160 LEU 160 137 137 LEU LEU A . n 
A 1 161 ILE 161 138 138 ILE ILE A . n 
A 1 162 GLY 162 139 139 GLY GLY A . n 
A 1 163 GLU 163 140 140 GLU GLU A . n 
A 1 164 SER 164 141 141 SER SER A . n 
A 1 165 PHE 165 142 142 PHE PHE A . n 
A 1 166 ASP 166 143 143 ASP ASP A . n 
A 1 167 ASP 167 144 144 ASP ASP A . n 
A 1 168 TYR 168 145 145 TYR TYR A . n 
A 1 169 SER 169 146 146 SER SER A . n 
A 1 170 ASP 170 147 147 ASP ASP A . n 
A 1 171 ASP 171 148 148 ASP ASP A . n 
A 1 172 VAL 172 149 149 VAL VAL A . n 
A 1 173 CYS 173 150 150 CYS CYS A . n 
A 1 174 GLY 174 151 151 GLY GLY A . n 
A 1 175 ALA 175 152 152 ALA ALA A . n 
A 1 176 VAL 176 153 153 VAL VAL A . n 
A 1 177 VAL 177 154 154 VAL VAL A . n 
A 1 178 ASN 178 155 155 ASN ASN A . n 
A 1 179 VAL 179 156 156 VAL VAL A . n 
A 1 180 ARG 180 157 157 ARG ARG A . n 
A 1 181 ALA 181 158 158 ALA ALA A . n 
A 1 182 LYS 182 159 159 LYS LYS A . n 
A 1 183 GLY 183 160 160 GLY GLY A . n 
A 1 184 ASP 184 161 161 ASP ASP A . n 
A 1 185 LYS 185 162 162 LYS LYS A . n 
A 1 186 ILE 186 163 163 ILE ILE A . n 
A 1 187 ALA 187 164 164 ALA ALA A . n 
A 1 188 ILE 188 165 165 ILE ILE A . n 
A 1 189 TRP 189 166 166 TRP TRP A . n 
A 1 190 THR 190 167 167 THR THR A . n 
A 1 191 THR 191 168 168 THR THR A . n 
A 1 192 GLU 192 169 169 GLU GLU A . n 
A 1 193 CYS 193 170 170 CYS CYS A . n 
A 1 194 GLU 194 171 171 GLU GLU A . n 
A 1 195 ASN 195 172 172 ASN ASN A . n 
A 1 196 ARG 196 173 173 ARG ARG A . n 
A 1 197 GLU 197 174 174 GLU GLU A . n 
A 1 198 ALA 198 175 175 ALA ALA A . n 
A 1 199 VAL 199 176 176 VAL VAL A . n 
A 1 200 THR 200 177 177 THR THR A . n 
A 1 201 HIS 201 178 178 HIS HIS A . n 
A 1 202 ILE 202 179 179 ILE ILE A . n 
A 1 203 GLY 203 180 180 GLY GLY A . n 
A 1 204 ARG 204 181 181 ARG ARG A . n 
A 1 205 VAL 205 182 182 VAL VAL A . n 
A 1 206 TYR 206 183 183 TYR TYR A . n 
A 1 207 LYS 207 184 184 LYS LYS A . n 
A 1 208 GLU 208 185 185 GLU GLU A . n 
A 1 209 ARG 209 186 186 ARG ARG A . n 
A 1 210 LEU 210 187 187 LEU LEU A . n 
A 1 211 GLY 211 188 188 GLY GLY A . n 
A 1 212 LEU 212 189 189 LEU LEU A . n 
A 1 213 PRO 213 190 190 PRO PRO A . n 
A 1 214 PRO 214 191 191 PRO PRO A . n 
A 1 215 LYS 215 192 192 LYS LYS A . n 
A 1 216 ILE 216 193 193 ILE ILE A . n 
A 1 217 VAL 217 194 194 VAL VAL A . n 
A 1 218 ILE 218 195 195 ILE ILE A . n 
A 1 219 GLY 219 196 196 GLY GLY A . n 
A 1 220 TYR 220 197 197 TYR TYR A . n 
A 1 221 GLN 221 198 198 GLN GLN A . n 
A 1 222 SER 222 199 199 SER SER A . n 
A 1 223 HIS 223 200 200 HIS HIS A . n 
A 1 224 ALA 224 201 201 ALA ALA A . n 
A 1 225 ASP 225 202 202 ASP ASP A . n 
A 1 226 THR 226 203 203 THR THR A . n 
A 1 227 ALA 227 204 204 ALA ALA A . n 
A 1 228 THR 228 205 205 THR THR A . n 
A 1 229 LYS 229 206 206 LYS LYS A . n 
A 1 230 SER 230 207 207 SER SER A . n 
A 1 231 GLY 231 208 ?   ?   ?   A . n 
A 1 232 SER 232 209 ?   ?   ?   A . n 
A 1 233 THR 233 210 ?   ?   ?   A . n 
A 1 234 THR 234 211 ?   ?   ?   A . n 
A 1 235 LYS 235 212 212 LYS LYS A . n 
A 1 236 ASN 236 213 213 ASN ASN A . n 
A 1 237 ARG 237 214 214 ARG ARG A . n 
A 1 238 PHE 238 215 215 PHE PHE A . n 
A 1 239 VAL 239 216 216 VAL VAL A . n 
A 1 240 VAL 240 217 217 VAL VAL A . n 
# 
loop_
_pdbx_nonpoly_scheme.asym_id 
_pdbx_nonpoly_scheme.entity_id 
_pdbx_nonpoly_scheme.mon_id 
_pdbx_nonpoly_scheme.ndb_seq_num 
_pdbx_nonpoly_scheme.pdb_seq_num 
_pdbx_nonpoly_scheme.auth_seq_num 
_pdbx_nonpoly_scheme.pdb_mon_id 
_pdbx_nonpoly_scheme.auth_mon_id 
_pdbx_nonpoly_scheme.pdb_strand_id 
_pdbx_nonpoly_scheme.pdb_ins_code 
B 2 6LI 1  1001 1001 6LI 6LI A . 
C 3 GOL 1  1002 1101 GOL GOL A . 
D 4 EDO 1  1003 1102 EDO EDO A . 
E 4 EDO 1  1004 1103 EDO EDO A . 
F 4 EDO 1  1005 1104 EDO EDO A . 
G 4 EDO 1  1006 1105 EDO EDO A . 
H 5 HOH 1  1101 1    HOH HOH A . 
H 5 HOH 2  1102 2    HOH HOH A . 
H 5 HOH 3  1103 3    HOH HOH A . 
H 5 HOH 4  1104 4    HOH HOH A . 
H 5 HOH 5  1105 5    HOH HOH A . 
H 5 HOH 6  1106 6    HOH HOH A . 
H 5 HOH 7  1107 7    HOH HOH A . 
H 5 HOH 8  1108 8    HOH HOH A . 
H 5 HOH 9  1109 9    HOH HOH A . 
H 5 HOH 10 1110 10   HOH HOH A . 
H 5 HOH 11 1111 11   HOH HOH A . 
H 5 HOH 12 1112 12   HOH HOH A . 
H 5 HOH 13 1113 13   HOH HOH A . 
H 5 HOH 14 1114 14   HOH HOH A . 
H 5 HOH 15 1115 15   HOH HOH A . 
H 5 HOH 16 1116 16   HOH HOH A . 
H 5 HOH 17 1117 17   HOH HOH A . 
H 5 HOH 18 1118 18   HOH HOH A . 
H 5 HOH 19 1119 19   HOH HOH A . 
H 5 HOH 20 1120 20   HOH HOH A . 
H 5 HOH 21 1121 21   HOH HOH A . 
H 5 HOH 22 1122 22   HOH HOH A . 
H 5 HOH 23 1123 23   HOH HOH A . 
H 5 HOH 24 1124 24   HOH HOH A . 
H 5 HOH 25 1125 25   HOH HOH A . 
H 5 HOH 26 1126 26   HOH HOH A . 
H 5 HOH 27 1127 27   HOH HOH A . 
H 5 HOH 28 1128 28   HOH HOH A . 
H 5 HOH 29 1129 29   HOH HOH A . 
H 5 HOH 30 1130 30   HOH HOH A . 
H 5 HOH 31 1131 31   HOH HOH A . 
H 5 HOH 32 1132 32   HOH HOH A . 
H 5 HOH 33 1133 33   HOH HOH A . 
H 5 HOH 34 1134 34   HOH HOH A . 
H 5 HOH 35 1135 35   HOH HOH A . 
H 5 HOH 36 1136 36   HOH HOH A . 
H 5 HOH 37 1137 37   HOH HOH A . 
H 5 HOH 38 1138 38   HOH HOH A . 
H 5 HOH 39 1139 39   HOH HOH A . 
# 
loop_
_software.name 
_software.classification 
_software.version 
_software.citation_id 
_software.pdbx_ordinal 
BOS    'data collection' .        ? 1 
MOLREP phasing           .        ? 2 
REFMAC refinement        5.5.0109 ? 3 
MOSFLM 'data reduction'  .        ? 4 
SCALA  'data scaling'    .        ? 5 
# 
_cell.entry_id           4DT6 
_cell.length_a           38.224 
_cell.length_b           61.073 
_cell.length_c           122.439 
_cell.angle_alpha        90.00 
_cell.angle_beta         90.00 
_cell.angle_gamma        90.00 
_cell.Z_PDB              4 
_cell.pdbx_unique_axis   ? 
_cell.length_a_esd       ? 
_cell.length_b_esd       ? 
_cell.length_c_esd       ? 
_cell.angle_alpha_esd    ? 
_cell.angle_beta_esd     ? 
_cell.angle_gamma_esd    ? 
# 
_symmetry.entry_id                         4DT6 
_symmetry.space_group_name_H-M             'P 21 21 21' 
_symmetry.pdbx_full_space_group_name_H-M   ? 
_symmetry.cell_setting                     ? 
_symmetry.Int_Tables_number                19 
_symmetry.space_group_name_Hall            ? 
# 
_exptl.entry_id          4DT6 
_exptl.method            'X-RAY DIFFRACTION' 
_exptl.crystals_number   1 
# 
_exptl_crystal.id                    1 
_exptl_crystal.density_meas          ? 
_exptl_crystal.density_Matthews      2.55 
_exptl_crystal.density_percent_sol   51.73 
_exptl_crystal.description           ? 
_exptl_crystal.F_000                 ? 
_exptl_crystal.preparation           ? 
# 
_exptl_crystal_grow.crystal_id      1 
_exptl_crystal_grow.method          'VAPOR DIFFUSION, SITTING DROP' 
_exptl_crystal_grow.temp            293 
_exptl_crystal_grow.temp_details    ? 
_exptl_crystal_grow.pH              ? 
_exptl_crystal_grow.pdbx_details    
;The purified protein which contained 100 uM m7-GTP was concentrated to about 7 mg/mL in 20 mM Hepes, pH 7.6, 100 mM KCl, 1mM DTT, and 0.1 mM EDTA for crystallization. The m7-GTP-bound eIF4e protein was crystallized with 1:1 ratio of protein solution to reservoir solution of 17-20% PEG-3350 and 0.1-0.4M Na formate, VAPOR DIFFUSION, SITTING DROP, temperature 293K
;
_exptl_crystal_grow.pdbx_pH_range   ? 
# 
_diffrn.id                     1 
_diffrn.ambient_temp           90 
_diffrn.ambient_temp_details   ? 
_diffrn.crystal_id             1 
# 
_diffrn_detector.diffrn_id              1 
_diffrn_detector.detector               CCD 
_diffrn_detector.type                   'ADSC QUANTUM 315r' 
_diffrn_detector.pdbx_collection_date   2007-02-21 
_diffrn_detector.details                ? 
# 
_diffrn_radiation.diffrn_id                        1 
_diffrn_radiation.wavelength_id                    1 
_diffrn_radiation.pdbx_monochromatic_or_laue_m_l   M 
_diffrn_radiation.monochromator                    'Single crystal, cylindrically bent, Si(220)' 
_diffrn_radiation.pdbx_diffrn_protocol             'SINGLE WAVELENGTH' 
_diffrn_radiation.pdbx_scattering_type             x-ray 
# 
_diffrn_radiation_wavelength.id           1 
_diffrn_radiation_wavelength.wavelength   1.0 
_diffrn_radiation_wavelength.wt           1.0 
# 
_diffrn_source.diffrn_id                   1 
_diffrn_source.source                      SYNCHROTRON 
_diffrn_source.type                        'ALS BEAMLINE 5.0.1' 
_diffrn_source.pdbx_synchrotron_site       ALS 
_diffrn_source.pdbx_synchrotron_beamline   5.0.1 
_diffrn_source.pdbx_wavelength             ? 
_diffrn_source.pdbx_wavelength_list        1.0 
# 
_reflns.entry_id                     4DT6 
_reflns.observed_criterion_sigma_I   2.2 
_reflns.observed_criterion_sigma_F   ? 
_reflns.d_resolution_low             61.20 
_reflns.d_resolution_high            2.6 
_reflns.number_obs                   8533 
_reflns.number_all                   24017 
_reflns.percent_possible_obs         93 
_reflns.pdbx_Rmerge_I_obs            0.118 
_reflns.pdbx_Rsym_value              ? 
_reflns.pdbx_netI_over_sigmaI        9.1 
_reflns.B_iso_Wilson_estimate        43.6 
_reflns.pdbx_redundancy              2.8 
_reflns.R_free_details               ? 
_reflns.limit_h_max                  ? 
_reflns.limit_h_min                  ? 
_reflns.limit_k_max                  ? 
_reflns.limit_k_min                  ? 
_reflns.limit_l_max                  ? 
_reflns.limit_l_min                  ? 
_reflns.observed_criterion_F_max     ? 
_reflns.observed_criterion_F_min     ? 
_reflns.pdbx_chi_squared             ? 
_reflns.pdbx_scaling_rejects         ? 
_reflns.pdbx_ordinal                 1 
_reflns.pdbx_diffrn_id               1 
# 
_reflns_shell.d_res_high             2.60 
_reflns_shell.d_res_low              2.74 
_reflns_shell.percent_possible_all   89.3 
_reflns_shell.Rmerge_I_obs           0.439 
_reflns_shell.pdbx_Rsym_value        ? 
_reflns_shell.meanI_over_sigI_obs    1.7 
_reflns_shell.pdbx_redundancy        ? 
_reflns_shell.percent_possible_obs   ? 
_reflns_shell.number_unique_all      972 
_reflns_shell.number_measured_all    ? 
_reflns_shell.number_measured_obs    ? 
_reflns_shell.number_unique_obs      ? 
_reflns_shell.pdbx_chi_squared       ? 
_reflns_shell.pdbx_ordinal           1 
_reflns_shell.pdbx_diffrn_id         1 
# 
_refine.entry_id                                 4DT6 
_refine.ls_number_reflns_obs                     8121 
_refine.ls_number_reflns_all                     ? 
_refine.pdbx_ls_sigma_I                          ? 
_refine.pdbx_ls_sigma_F                          ? 
_refine.pdbx_data_cutoff_high_absF               ? 
_refine.pdbx_data_cutoff_low_absF                ? 
_refine.pdbx_data_cutoff_high_rms_absF           ? 
_refine.ls_d_res_low                             36.491 
_refine.ls_d_res_high                            2.60 
_refine.ls_percent_reflns_obs                    91.27 
_refine.ls_R_factor_obs                          0.19446 
_refine.ls_R_factor_all                          ? 
_refine.ls_R_factor_R_work                       0.19082 
_refine.ls_R_factor_R_free                       0.26715 
_refine.ls_R_factor_R_free_error                 ? 
_refine.ls_R_factor_R_free_error_details         ? 
_refine.ls_percent_reflns_R_free                 4.7 
_refine.ls_number_reflns_R_free                  404 
_refine.ls_number_parameters                     ? 
_refine.ls_number_restraints                     ? 
_refine.occupancy_min                            ? 
_refine.occupancy_max                            ? 
_refine.correlation_coeff_Fo_to_Fc               0.929 
_refine.correlation_coeff_Fo_to_Fc_free          0.867 
_refine.B_iso_mean                               22.652 
_refine.aniso_B[1][1]                            -0.58 
_refine.aniso_B[2][2]                            -0.34 
_refine.aniso_B[3][3]                            0.92 
_refine.aniso_B[1][2]                            0.00 
_refine.aniso_B[1][3]                            0.00 
_refine.aniso_B[2][3]                            0.00 
_refine.solvent_model_details                    MASK 
_refine.solvent_model_param_ksol                 ? 
_refine.solvent_model_param_bsol                 ? 
_refine.pdbx_solvent_vdw_probe_radii             1.40 
_refine.pdbx_solvent_ion_probe_radii             0.80 
_refine.pdbx_solvent_shrinkage_radii             0.80 
_refine.pdbx_ls_cross_valid_method               THROUGHOUT 
_refine.details                                  'HYDROGENS HAVE BEEN ADDED IN THE RIDING POSITIONS' 
_refine.pdbx_starting_model                      ? 
_refine.pdbx_method_to_determine_struct          'MOLECULAR REPLACEMENT' 
_refine.pdbx_isotropic_thermal_model             ? 
_refine.pdbx_stereochemistry_target_values       'MAXIMUM LIKELIHOOD' 
_refine.pdbx_stereochem_target_val_spec_case     ? 
_refine.pdbx_R_Free_selection_details            RANDOM 
_refine.pdbx_overall_ESU_R                       0.548 
_refine.pdbx_overall_ESU_R_Free                  0.329 
_refine.overall_SU_ML                            0.215 
_refine.pdbx_overall_phase_error                 ? 
_refine.overall_SU_B                             9.779 
_refine.overall_SU_R_Cruickshank_DPI             ? 
_refine.ls_redundancy_reflns_obs                 ? 
_refine.B_iso_min                                ? 
_refine.B_iso_max                                ? 
_refine.overall_SU_R_free                        ? 
_refine.ls_wR_factor_R_free                      ? 
_refine.ls_wR_factor_R_work                      ? 
_refine.overall_FOM_free_R_set                   ? 
_refine.overall_FOM_work_R_set                   ? 
_refine.pdbx_diffrn_id                           1 
_refine.pdbx_refine_id                           'X-RAY DIFFRACTION' 
_refine.pdbx_TLS_residual_ADP_flag               ? 
_refine.pdbx_overall_SU_R_free_Cruickshank_DPI   ? 
_refine.pdbx_overall_SU_R_Blow_DPI               ? 
_refine.pdbx_overall_SU_R_free_Blow_DPI          ? 
# 
_refine_hist.pdbx_refine_id                   'X-RAY DIFFRACTION' 
_refine_hist.cycle_id                         LAST 
_refine_hist.pdbx_number_atoms_protein        1547 
_refine_hist.pdbx_number_atoms_nucleic_acid   0 
_refine_hist.pdbx_number_atoms_ligand         56 
_refine_hist.number_atoms_solvent             39 
_refine_hist.number_atoms_total               1642 
_refine_hist.d_res_high                       2.60 
_refine_hist.d_res_low                        36.491 
# 
loop_
_refine_ls_restr.type 
_refine_ls_restr.dev_ideal 
_refine_ls_restr.dev_ideal_target 
_refine_ls_restr.weight 
_refine_ls_restr.number 
_refine_ls_restr.pdbx_restraint_function 
_refine_ls_restr.pdbx_refine_id 
r_bond_refined_d             0.017  0.022  ? 1657 ? 'X-RAY DIFFRACTION' 
r_bond_other_d               ?      ?      ? ?    ? 'X-RAY DIFFRACTION' 
r_angle_refined_deg          1.686  1.962  ? 2238 ? 'X-RAY DIFFRACTION' 
r_angle_other_deg            ?      ?      ? ?    ? 'X-RAY DIFFRACTION' 
r_dihedral_angle_1_deg       6.313  5.000  ? 189  ? 'X-RAY DIFFRACTION' 
r_dihedral_angle_2_deg       38.575 23.929 ? 84   ? 'X-RAY DIFFRACTION' 
r_dihedral_angle_3_deg       16.929 15.000 ? 287  ? 'X-RAY DIFFRACTION' 
r_dihedral_angle_4_deg       15.987 15.000 ? 12   ? 'X-RAY DIFFRACTION' 
r_chiral_restr               0.112  0.200  ? 232  ? 'X-RAY DIFFRACTION' 
r_gen_planes_refined         0.006  0.021  ? 1247 ? 'X-RAY DIFFRACTION' 
r_gen_planes_other           ?      ?      ? ?    ? 'X-RAY DIFFRACTION' 
r_nbd_refined                ?      ?      ? ?    ? 'X-RAY DIFFRACTION' 
r_nbd_other                  ?      ?      ? ?    ? 'X-RAY DIFFRACTION' 
r_nbtor_refined              ?      ?      ? ?    ? 'X-RAY DIFFRACTION' 
r_nbtor_other                ?      ?      ? ?    ? 'X-RAY DIFFRACTION' 
r_xyhbond_nbd_refined        ?      ?      ? ?    ? 'X-RAY DIFFRACTION' 
r_xyhbond_nbd_other          ?      ?      ? ?    ? 'X-RAY DIFFRACTION' 
r_metal_ion_refined          ?      ?      ? ?    ? 'X-RAY DIFFRACTION' 
r_metal_ion_other            ?      ?      ? ?    ? 'X-RAY DIFFRACTION' 
r_symmetry_vdw_refined       ?      ?      ? ?    ? 'X-RAY DIFFRACTION' 
r_symmetry_vdw_other         ?      ?      ? ?    ? 'X-RAY DIFFRACTION' 
r_symmetry_hbond_refined     ?      ?      ? ?    ? 'X-RAY DIFFRACTION' 
r_symmetry_hbond_other       ?      ?      ? ?    ? 'X-RAY DIFFRACTION' 
r_symmetry_metal_ion_refined ?      ?      ? ?    ? 'X-RAY DIFFRACTION' 
r_symmetry_metal_ion_other   ?      ?      ? ?    ? 'X-RAY DIFFRACTION' 
r_mcbond_it                  0.854  1.500  ? 935  ? 'X-RAY DIFFRACTION' 
r_mcbond_other               ?      ?      ? ?    ? 'X-RAY DIFFRACTION' 
r_mcangle_it                 1.663  2.000  ? 1513 ? 'X-RAY DIFFRACTION' 
r_scbond_it                  2.310  3.000  ? 722  ? 'X-RAY DIFFRACTION' 
r_scangle_it                 3.803  4.500  ? 723  ? 'X-RAY DIFFRACTION' 
r_rigid_bond_restr           ?      ?      ? ?    ? 'X-RAY DIFFRACTION' 
r_sphericity_free            ?      ?      ? ?    ? 'X-RAY DIFFRACTION' 
r_sphericity_bonded          ?      ?      ? ?    ? 'X-RAY DIFFRACTION' 
# 
_refine_ls_shell.pdbx_total_number_of_bins_used   20 
_refine_ls_shell.d_res_high                       2.600 
_refine_ls_shell.d_res_low                        2.667 
_refine_ls_shell.number_reflns_R_work             560 
_refine_ls_shell.R_factor_R_work                  0.239 
_refine_ls_shell.percent_reflns_obs               87.68 
_refine_ls_shell.R_factor_R_free                  0.369 
_refine_ls_shell.R_factor_R_free_error            ? 
_refine_ls_shell.percent_reflns_R_free            ? 
_refine_ls_shell.number_reflns_R_free             38 
_refine_ls_shell.number_reflns_all                ? 
_refine_ls_shell.R_factor_all                     ? 
_refine_ls_shell.number_reflns_obs                560 
_refine_ls_shell.redundancy_reflns_obs            ? 
_refine_ls_shell.pdbx_refine_id                   'X-RAY DIFFRACTION' 
# 
_struct.entry_id                  4DT6 
_struct.title                     'Co-crystal structure of eIF4E with inhibitor' 
_struct.pdbx_model_details        ? 
_struct.pdbx_CASP_flag            ? 
_struct.pdbx_model_type_details   ? 
# 
_struct_keywords.entry_id        4DT6 
_struct_keywords.pdbx_keywords   TRANSLATION 
_struct_keywords.text            'CAP-binding protein, translation initiation factor, m7GTP, TRANSLATION' 
# 
loop_
_struct_asym.id 
_struct_asym.pdbx_blank_PDB_chainid_flag 
_struct_asym.pdbx_modified 
_struct_asym.entity_id 
_struct_asym.details 
A N N 1 ? 
B N N 2 ? 
C N N 3 ? 
D N N 4 ? 
E N N 4 ? 
F N N 4 ? 
G N N 4 ? 
H N N 5 ? 
# 
_struct_ref.id                         1 
_struct_ref.db_name                    UNP 
_struct_ref.db_code                    IF4E_HUMAN 
_struct_ref.pdbx_db_accession          P06730 
_struct_ref.entity_id                  1 
_struct_ref.pdbx_seq_one_letter_code   
;MATVEPETTPTPNPPTTEEEKTESNQEVANPEHYIKHPLQNRWALWFFKNDKSKTWQANLRLISKFDTVEDFWALYNHIQ
LSSNLMPGCDYSLFKDGIEPMWEDEKNKRGGRWLITLNKQQRRSDLDRFWLETLLCLIGESFDDYSDDVCGAVVNVRAKG
DKIAIWTTECENREAVTHIGRVYKERLGLPPKIVIGYQSHADTATKSGSTTKNRFVV
;
_struct_ref.pdbx_align_begin           1 
_struct_ref.pdbx_db_isoform            ? 
# 
_struct_ref_seq.align_id                      1 
_struct_ref_seq.ref_id                        1 
_struct_ref_seq.pdbx_PDB_id_code              4DT6 
_struct_ref_seq.pdbx_strand_id                A 
_struct_ref_seq.seq_align_beg                 24 
_struct_ref_seq.pdbx_seq_align_beg_ins_code   ? 
_struct_ref_seq.seq_align_end                 240 
_struct_ref_seq.pdbx_seq_align_end_ins_code   ? 
_struct_ref_seq.pdbx_db_accession             P06730 
_struct_ref_seq.db_align_beg                  1 
_struct_ref_seq.pdbx_db_align_beg_ins_code    ? 
_struct_ref_seq.db_align_end                  217 
_struct_ref_seq.pdbx_db_align_end_ins_code    ? 
_struct_ref_seq.pdbx_auth_seq_align_beg       1 
_struct_ref_seq.pdbx_auth_seq_align_end       217 
# 
loop_
_struct_ref_seq_dif.align_id 
_struct_ref_seq_dif.pdbx_pdb_id_code 
_struct_ref_seq_dif.mon_id 
_struct_ref_seq_dif.pdbx_pdb_strand_id 
_struct_ref_seq_dif.seq_num 
_struct_ref_seq_dif.pdbx_pdb_ins_code 
_struct_ref_seq_dif.pdbx_seq_db_name 
_struct_ref_seq_dif.pdbx_seq_db_accession_code 
_struct_ref_seq_dif.db_mon_id 
_struct_ref_seq_dif.pdbx_seq_db_seq_num 
_struct_ref_seq_dif.details 
_struct_ref_seq_dif.pdbx_auth_seq_num 
_struct_ref_seq_dif.pdbx_ordinal 
1 4DT6 MET A 1  ? UNP P06730 ? ? 'expression tag' -22 1  
1 4DT6 ASP A 2  ? UNP P06730 ? ? 'expression tag' -21 2  
1 4DT6 TYR A 3  ? UNP P06730 ? ? 'expression tag' -20 3  
1 4DT6 LYS A 4  ? UNP P06730 ? ? 'expression tag' -19 4  
1 4DT6 ASP A 5  ? UNP P06730 ? ? 'expression tag' -18 5  
1 4DT6 ASP A 6  ? UNP P06730 ? ? 'expression tag' -17 6  
1 4DT6 ASP A 7  ? UNP P06730 ? ? 'expression tag' -16 7  
1 4DT6 ASP A 8  ? UNP P06730 ? ? 'expression tag' -15 8  
1 4DT6 LYS A 9  ? UNP P06730 ? ? 'expression tag' -14 9  
1 4DT6 HIS A 10 ? UNP P06730 ? ? 'expression tag' -13 10 
1 4DT6 HIS A 11 ? UNP P06730 ? ? 'expression tag' -12 11 
1 4DT6 HIS A 12 ? UNP P06730 ? ? 'expression tag' -11 12 
1 4DT6 HIS A 13 ? UNP P06730 ? ? 'expression tag' -10 13 
1 4DT6 HIS A 14 ? UNP P06730 ? ? 'expression tag' -9  14 
1 4DT6 HIS A 15 ? UNP P06730 ? ? 'expression tag' -8  15 
1 4DT6 THR A 16 ? UNP P06730 ? ? 'expression tag' -7  16 
1 4DT6 GLU A 17 ? UNP P06730 ? ? 'expression tag' -6  17 
1 4DT6 ASN A 18 ? UNP P06730 ? ? 'expression tag' -5  18 
1 4DT6 LEU A 19 ? UNP P06730 ? ? 'expression tag' -4  19 
1 4DT6 TYR A 20 ? UNP P06730 ? ? 'expression tag' -3  20 
1 4DT6 PHE A 21 ? UNP P06730 ? ? 'expression tag' -2  21 
1 4DT6 GLN A 22 ? UNP P06730 ? ? 'expression tag' -1  22 
1 4DT6 GLY A 23 ? UNP P06730 ? ? 'expression tag' 0   23 
# 
_pdbx_struct_assembly.id                   1 
_pdbx_struct_assembly.details              author_and_software_defined_assembly 
_pdbx_struct_assembly.method_details       PISA 
_pdbx_struct_assembly.oligomeric_details   monomeric 
_pdbx_struct_assembly.oligomeric_count     1 
# 
_pdbx_struct_assembly_gen.assembly_id       1 
_pdbx_struct_assembly_gen.oper_expression   1 
_pdbx_struct_assembly_gen.asym_id_list      A,B,C,D,E,F,G,H 
# 
_pdbx_struct_oper_list.id                   1 
_pdbx_struct_oper_list.type                 'identity operation' 
_pdbx_struct_oper_list.name                 1_555 
_pdbx_struct_oper_list.symmetry_operation   x,y,z 
_pdbx_struct_oper_list.matrix[1][1]         1.0000000000 
_pdbx_struct_oper_list.matrix[1][2]         0.0000000000 
_pdbx_struct_oper_list.matrix[1][3]         0.0000000000 
_pdbx_struct_oper_list.vector[1]            0.0000000000 
_pdbx_struct_oper_list.matrix[2][1]         0.0000000000 
_pdbx_struct_oper_list.matrix[2][2]         1.0000000000 
_pdbx_struct_oper_list.matrix[2][3]         0.0000000000 
_pdbx_struct_oper_list.vector[2]            0.0000000000 
_pdbx_struct_oper_list.matrix[3][1]         0.0000000000 
_pdbx_struct_oper_list.matrix[3][2]         0.0000000000 
_pdbx_struct_oper_list.matrix[3][3]         1.0000000000 
_pdbx_struct_oper_list.vector[3]            0.0000000000 
# 
_struct_biol.id        1 
_struct_biol.details   ? 
# 
loop_
_struct_conf.conf_type_id 
_struct_conf.id 
_struct_conf.pdbx_PDB_helix_id 
_struct_conf.beg_label_comp_id 
_struct_conf.beg_label_asym_id 
_struct_conf.beg_label_seq_id 
_struct_conf.pdbx_beg_PDB_ins_code 
_struct_conf.end_label_comp_id 
_struct_conf.end_label_asym_id 
_struct_conf.end_label_seq_id 
_struct_conf.pdbx_end_PDB_ins_code 
_struct_conf.beg_auth_comp_id 
_struct_conf.beg_auth_asym_id 
_struct_conf.beg_auth_seq_id 
_struct_conf.end_auth_comp_id 
_struct_conf.end_auth_asym_id 
_struct_conf.end_auth_seq_id 
_struct_conf.pdbx_PDB_helix_class 
_struct_conf.details 
_struct_conf.pdbx_PDB_helix_length 
HELX_P HELX_P1 1 ASN A 53  ? TYR A 57  ? ASN A 30  TYR A 34  5 ? 5  
HELX_P HELX_P2 2 THR A 78  ? ALA A 81  ? THR A 55  ALA A 58  5 ? 4  
HELX_P HELX_P3 3 VAL A 92  ? ILE A 102 ? VAL A 69  ILE A 79  1 ? 11 
HELX_P HELX_P4 4 LEU A 104 ? LEU A 108 ? LEU A 81  LEU A 85  5 ? 5  
HELX_P HELX_P5 5 GLN A 143 ? ASP A 148 ? GLN A 120 ASP A 125 1 ? 6  
HELX_P HELX_P6 6 ASP A 148 ? GLY A 162 ? ASP A 125 GLY A 139 1 ? 15 
HELX_P HELX_P7 7 PHE A 165 ? SER A 169 ? PHE A 142 SER A 146 5 ? 5  
HELX_P HELX_P8 8 ASN A 195 ? LEU A 210 ? ASN A 172 LEU A 187 1 ? 16 
HELX_P HELX_P9 9 HIS A 223 ? LYS A 229 ? HIS A 200 LYS A 206 1 ? 7  
# 
_struct_conf_type.id          HELX_P 
_struct_conf_type.criteria    ? 
_struct_conf_type.reference   ? 
# 
_struct_sheet.id               A 
_struct_sheet.type             ? 
_struct_sheet.number_strands   8 
_struct_sheet.details          ? 
# 
loop_
_struct_sheet_order.sheet_id 
_struct_sheet_order.range_id_1 
_struct_sheet_order.range_id_2 
_struct_sheet_order.offset 
_struct_sheet_order.sense 
A 1 2 ? anti-parallel 
A 2 3 ? anti-parallel 
A 3 4 ? anti-parallel 
A 4 5 ? anti-parallel 
A 5 6 ? anti-parallel 
A 6 7 ? anti-parallel 
A 7 8 ? anti-parallel 
# 
loop_
_struct_sheet_range.sheet_id 
_struct_sheet_range.id 
_struct_sheet_range.beg_label_comp_id 
_struct_sheet_range.beg_label_asym_id 
_struct_sheet_range.beg_label_seq_id 
_struct_sheet_range.pdbx_beg_PDB_ins_code 
_struct_sheet_range.end_label_comp_id 
_struct_sheet_range.end_label_asym_id 
_struct_sheet_range.end_label_seq_id 
_struct_sheet_range.pdbx_end_PDB_ins_code 
_struct_sheet_range.beg_auth_comp_id 
_struct_sheet_range.beg_auth_asym_id 
_struct_sheet_range.beg_auth_seq_id 
_struct_sheet_range.end_auth_comp_id 
_struct_sheet_range.end_auth_asym_id 
_struct_sheet_range.end_auth_seq_id 
A 1 LEU A 83  ? THR A 91  ? LEU A 60  THR A 68  
A 2 PRO A 61  ? LYS A 72  ? PRO A 38  LYS A 49  
A 3 CYS A 112 ? LYS A 118 ? CYS A 89  LYS A 95  
A 4 VAL A 172 ? ASN A 178 ? VAL A 149 ASN A 155 
A 5 LYS A 185 ? THR A 190 ? LYS A 162 THR A 167 
A 6 GLY A 134 ? THR A 139 ? GLY A 111 THR A 116 
A 7 ILE A 218 ? SER A 222 ? ILE A 195 SER A 199 
A 8 PHE A 238 ? VAL A 240 ? PHE A 215 VAL A 217 
# 
loop_
_pdbx_struct_sheet_hbond.sheet_id 
_pdbx_struct_sheet_hbond.range_id_1 
_pdbx_struct_sheet_hbond.range_id_2 
_pdbx_struct_sheet_hbond.range_1_label_atom_id 
_pdbx_struct_sheet_hbond.range_1_label_comp_id 
_pdbx_struct_sheet_hbond.range_1_label_asym_id 
_pdbx_struct_sheet_hbond.range_1_label_seq_id 
_pdbx_struct_sheet_hbond.range_1_PDB_ins_code 
_pdbx_struct_sheet_hbond.range_1_auth_atom_id 
_pdbx_struct_sheet_hbond.range_1_auth_comp_id 
_pdbx_struct_sheet_hbond.range_1_auth_asym_id 
_pdbx_struct_sheet_hbond.range_1_auth_seq_id 
_pdbx_struct_sheet_hbond.range_2_label_atom_id 
_pdbx_struct_sheet_hbond.range_2_label_comp_id 
_pdbx_struct_sheet_hbond.range_2_label_asym_id 
_pdbx_struct_sheet_hbond.range_2_label_seq_id 
_pdbx_struct_sheet_hbond.range_2_PDB_ins_code 
_pdbx_struct_sheet_hbond.range_2_auth_atom_id 
_pdbx_struct_sheet_hbond.range_2_auth_comp_id 
_pdbx_struct_sheet_hbond.range_2_auth_asym_id 
_pdbx_struct_sheet_hbond.range_2_auth_seq_id 
A 1 2 O PHE A 89  ? O PHE A 66  N TRP A 66  ? N TRP A 43  
A 2 3 N ALA A 67  ? N ALA A 44  O PHE A 117 ? O PHE A 94  
A 3 4 N TYR A 114 ? N TYR A 91  O VAL A 177 ? O VAL A 154 
A 4 5 N GLY A 174 ? N GLY A 151 O TRP A 189 ? O TRP A 166 
A 5 6 O ILE A 186 ? O ILE A 163 N ILE A 138 ? N ILE A 115 
A 6 7 N LEU A 137 ? N LEU A 114 O GLY A 219 ? O GLY A 196 
A 7 8 N TYR A 220 ? N TYR A 197 O PHE A 238 ? O PHE A 215 
# 
loop_
_struct_site.id 
_struct_site.pdbx_evidence_code 
_struct_site.pdbx_auth_asym_id 
_struct_site.pdbx_auth_comp_id 
_struct_site.pdbx_auth_seq_id 
_struct_site.pdbx_auth_ins_code 
_struct_site.pdbx_num_residues 
_struct_site.details 
AC1 Software A 6LI 1001 ? 13 'BINDING SITE FOR RESIDUE 6LI A 1001' 
AC2 Software A GOL 1002 ? 2  'BINDING SITE FOR RESIDUE GOL A 1002' 
AC3 Software A EDO 1003 ? 1  'BINDING SITE FOR RESIDUE EDO A 1003' 
AC4 Software A EDO 1004 ? 2  'BINDING SITE FOR RESIDUE EDO A 1004' 
AC5 Software A EDO 1005 ? 1  'BINDING SITE FOR RESIDUE EDO A 1005' 
AC6 Software A EDO 1006 ? 2  'BINDING SITE FOR RESIDUE EDO A 1006' 
# 
loop_
_struct_site_gen.id 
_struct_site_gen.site_id 
_struct_site_gen.pdbx_num_res 
_struct_site_gen.label_comp_id 
_struct_site_gen.label_asym_id 
_struct_site_gen.label_seq_id 
_struct_site_gen.pdbx_auth_ins_code 
_struct_site_gen.auth_comp_id 
_struct_site_gen.auth_asym_id 
_struct_site_gen.auth_seq_id 
_struct_site_gen.label_atom_id 
_struct_site_gen.label_alt_id 
_struct_site_gen.symmetry 
_struct_site_gen.details 
1  AC1 13 TRP A 79  ? TRP A 56   . ? 1_555 ? 
2  AC1 13 LEU A 83  ? LEU A 60   . ? 1_555 ? 
3  AC1 13 ASP A 113 ? ASP A 90   . ? 1_555 ? 
4  AC1 13 SER A 115 ? SER A 92   . ? 1_555 ? 
5  AC1 13 PRO A 123 ? PRO A 100  . ? 1_555 ? 
6  AC1 13 MET A 124 ? MET A 101  . ? 1_555 ? 
7  AC1 13 TRP A 125 ? TRP A 102  . ? 1_555 ? 
8  AC1 13 GLU A 126 ? GLU A 103  . ? 1_555 ? 
9  AC1 13 ARG A 180 ? ARG A 157  . ? 1_555 ? 
10 AC1 13 LYS A 185 ? LYS A 162  . ? 1_555 ? 
11 AC1 13 HOH H .   ? HOH A 1120 . ? 3_544 ? 
12 AC1 13 HOH H .   ? HOH A 1124 . ? 1_555 ? 
13 AC1 13 HOH H .   ? HOH A 1126 . ? 1_555 ? 
14 AC2 2  LYS A 88  ? LYS A 65   . ? 1_555 ? 
15 AC2 2  GLY A 120 ? GLY A 97   . ? 1_555 ? 
16 AC3 1  TRP A 96  ? TRP A 73   . ? 1_555 ? 
17 AC4 2  ARG A 204 ? ARG A 181  . ? 1_555 ? 
18 AC4 2  GLU A 208 ? GLU A 185  . ? 1_555 ? 
19 AC5 1  TYR A 99  ? TYR A 76   . ? 1_555 ? 
20 AC6 2  ASP A 94  ? ASP A 71   . ? 1_555 ? 
21 AC6 2  HIS A 101 ? HIS A 78   . ? 1_555 ? 
# 
loop_
_pdbx_validate_torsion.id 
_pdbx_validate_torsion.PDB_model_num 
_pdbx_validate_torsion.auth_comp_id 
_pdbx_validate_torsion.auth_asym_id 
_pdbx_validate_torsion.auth_seq_id 
_pdbx_validate_torsion.PDB_ins_code 
_pdbx_validate_torsion.label_alt_id 
_pdbx_validate_torsion.phi 
_pdbx_validate_torsion.psi 
1 1 TYR A 34  ? ? -149.56 -6.09   
2 1 ASP A 143 ? ? 47.17   -114.60 
3 1 THR A 205 ? ? -140.73 25.27   
# 
loop_
_pdbx_unobs_or_zero_occ_residues.id 
_pdbx_unobs_or_zero_occ_residues.PDB_model_num 
_pdbx_unobs_or_zero_occ_residues.polymer_flag 
_pdbx_unobs_or_zero_occ_residues.occupancy_flag 
_pdbx_unobs_or_zero_occ_residues.auth_asym_id 
_pdbx_unobs_or_zero_occ_residues.auth_comp_id 
_pdbx_unobs_or_zero_occ_residues.auth_seq_id 
_pdbx_unobs_or_zero_occ_residues.PDB_ins_code 
_pdbx_unobs_or_zero_occ_residues.label_asym_id 
_pdbx_unobs_or_zero_occ_residues.label_comp_id 
_pdbx_unobs_or_zero_occ_residues.label_seq_id 
1  1 Y 1 A MET -22 ? A MET 1   
2  1 Y 1 A ASP -21 ? A ASP 2   
3  1 Y 1 A TYR -20 ? A TYR 3   
4  1 Y 1 A LYS -19 ? A LYS 4   
5  1 Y 1 A ASP -18 ? A ASP 5   
6  1 Y 1 A ASP -17 ? A ASP 6   
7  1 Y 1 A ASP -16 ? A ASP 7   
8  1 Y 1 A ASP -15 ? A ASP 8   
9  1 Y 1 A LYS -14 ? A LYS 9   
10 1 Y 1 A HIS -13 ? A HIS 10  
11 1 Y 1 A HIS -12 ? A HIS 11  
12 1 Y 1 A HIS -11 ? A HIS 12  
13 1 Y 1 A HIS -10 ? A HIS 13  
14 1 Y 1 A HIS -9  ? A HIS 14  
15 1 Y 1 A HIS -8  ? A HIS 15  
16 1 Y 1 A THR -7  ? A THR 16  
17 1 Y 1 A GLU -6  ? A GLU 17  
18 1 Y 1 A ASN -5  ? A ASN 18  
19 1 Y 1 A LEU -4  ? A LEU 19  
20 1 Y 1 A TYR -3  ? A TYR 20  
21 1 Y 1 A PHE -2  ? A PHE 21  
22 1 Y 1 A GLN -1  ? A GLN 22  
23 1 Y 1 A GLY 0   ? A GLY 23  
24 1 Y 1 A MET 1   ? A MET 24  
25 1 Y 1 A ALA 2   ? A ALA 25  
26 1 Y 1 A THR 3   ? A THR 26  
27 1 Y 1 A VAL 4   ? A VAL 27  
28 1 Y 1 A GLU 5   ? A GLU 28  
29 1 Y 1 A PRO 6   ? A PRO 29  
30 1 Y 1 A GLU 7   ? A GLU 30  
31 1 Y 1 A THR 8   ? A THR 31  
32 1 Y 1 A THR 9   ? A THR 32  
33 1 Y 1 A PRO 10  ? A PRO 33  
34 1 Y 1 A THR 11  ? A THR 34  
35 1 Y 1 A PRO 12  ? A PRO 35  
36 1 Y 1 A ASN 13  ? A ASN 36  
37 1 Y 1 A PRO 14  ? A PRO 37  
38 1 Y 1 A PRO 15  ? A PRO 38  
39 1 Y 1 A THR 16  ? A THR 39  
40 1 Y 1 A THR 17  ? A THR 40  
41 1 Y 1 A GLU 18  ? A GLU 41  
42 1 Y 1 A GLU 19  ? A GLU 42  
43 1 Y 1 A GLU 20  ? A GLU 43  
44 1 Y 1 A LYS 21  ? A LYS 44  
45 1 Y 1 A THR 22  ? A THR 45  
46 1 Y 1 A GLU 23  ? A GLU 46  
47 1 Y 1 A SER 24  ? A SER 47  
48 1 Y 1 A ASN 25  ? A ASN 48  
49 1 Y 1 A GLN 26  ? A GLN 49  
50 1 Y 1 A GLY 208 ? A GLY 231 
51 1 Y 1 A SER 209 ? A SER 232 
52 1 Y 1 A THR 210 ? A THR 233 
53 1 Y 1 A THR 211 ? A THR 234 
# 
loop_
_chem_comp_atom.comp_id 
_chem_comp_atom.atom_id 
_chem_comp_atom.type_symbol 
_chem_comp_atom.pdbx_aromatic_flag 
_chem_comp_atom.pdbx_stereo_config 
_chem_comp_atom.pdbx_ordinal 
6LI C1   C  N R 1   
6LI N1   N  Y N 2   
6LI O1   O  N N 3   
6LI P1   P  N N 4   
6LI CL1  CL N N 5   
6LI C2   C  N R 6   
6LI N2   N  Y N 7   
6LI O2   O  N N 8   
6LI C3   C  N S 9   
6LI N3   N  N N 10  
6LI O3   O  N N 11  
6LI C4   C  N R 12  
6LI N4   N  N N 13  
6LI O4   O  N N 14  
6LI C5   C  N N 15  
6LI N5   N  N N 16  
6LI O5   O  N N 17  
6LI C6   C  Y N 18  
6LI O6   O  N N 19  
6LI C7   C  Y N 20  
6LI O7   O  N N 21  
6LI C8   C  Y N 22  
6LI O8   O  N N 23  
6LI C9   C  N N 24  
6LI O9   O  N N 25  
6LI C10  C  N N 26  
6LI C11  C  N N 27  
6LI C12  C  N N 28  
6LI C13  C  Y N 29  
6LI C14  C  Y N 30  
6LI C15  C  Y N 31  
6LI C16  C  Y N 32  
6LI C17  C  Y N 33  
6LI C18  C  Y N 34  
6LI H1   H  N N 35  
6LI H2   H  N N 36  
6LI HO2  H  N N 37  
6LI H3   H  N N 38  
6LI HN3  H  N N 39  
6LI HO3  H  N N 40  
6LI H4   H  N N 41  
6LI H5   H  N N 42  
6LI H5A  H  N N 43  
6LI HN5  H  N N 44  
6LI HN5A H  N N 45  
6LI H8   H  N N 46  
6LI H11  H  N N 47  
6LI H11A H  N N 48  
6LI H12  H  N N 49  
6LI H12A H  N N 50  
6LI H14  H  N N 51  
6LI H15  H  N N 52  
6LI H17  H  N N 53  
6LI H18  H  N N 54  
6LI HO8  H  N N 55  
6LI HO9  H  N N 56  
ALA N    N  N N 57  
ALA CA   C  N S 58  
ALA C    C  N N 59  
ALA O    O  N N 60  
ALA CB   C  N N 61  
ALA OXT  O  N N 62  
ALA H    H  N N 63  
ALA H2   H  N N 64  
ALA HA   H  N N 65  
ALA HB1  H  N N 66  
ALA HB2  H  N N 67  
ALA HB3  H  N N 68  
ALA HXT  H  N N 69  
ARG N    N  N N 70  
ARG CA   C  N S 71  
ARG C    C  N N 72  
ARG O    O  N N 73  
ARG CB   C  N N 74  
ARG CG   C  N N 75  
ARG CD   C  N N 76  
ARG NE   N  N N 77  
ARG CZ   C  N N 78  
ARG NH1  N  N N 79  
ARG NH2  N  N N 80  
ARG OXT  O  N N 81  
ARG H    H  N N 82  
ARG H2   H  N N 83  
ARG HA   H  N N 84  
ARG HB2  H  N N 85  
ARG HB3  H  N N 86  
ARG HG2  H  N N 87  
ARG HG3  H  N N 88  
ARG HD2  H  N N 89  
ARG HD3  H  N N 90  
ARG HE   H  N N 91  
ARG HH11 H  N N 92  
ARG HH12 H  N N 93  
ARG HH21 H  N N 94  
ARG HH22 H  N N 95  
ARG HXT  H  N N 96  
ASN N    N  N N 97  
ASN CA   C  N S 98  
ASN C    C  N N 99  
ASN O    O  N N 100 
ASN CB   C  N N 101 
ASN CG   C  N N 102 
ASN OD1  O  N N 103 
ASN ND2  N  N N 104 
ASN OXT  O  N N 105 
ASN H    H  N N 106 
ASN H2   H  N N 107 
ASN HA   H  N N 108 
ASN HB2  H  N N 109 
ASN HB3  H  N N 110 
ASN HD21 H  N N 111 
ASN HD22 H  N N 112 
ASN HXT  H  N N 113 
ASP N    N  N N 114 
ASP CA   C  N S 115 
ASP C    C  N N 116 
ASP O    O  N N 117 
ASP CB   C  N N 118 
ASP CG   C  N N 119 
ASP OD1  O  N N 120 
ASP OD2  O  N N 121 
ASP OXT  O  N N 122 
ASP H    H  N N 123 
ASP H2   H  N N 124 
ASP HA   H  N N 125 
ASP HB2  H  N N 126 
ASP HB3  H  N N 127 
ASP HD2  H  N N 128 
ASP HXT  H  N N 129 
CYS N    N  N N 130 
CYS CA   C  N R 131 
CYS C    C  N N 132 
CYS O    O  N N 133 
CYS CB   C  N N 134 
CYS SG   S  N N 135 
CYS OXT  O  N N 136 
CYS H    H  N N 137 
CYS H2   H  N N 138 
CYS HA   H  N N 139 
CYS HB2  H  N N 140 
CYS HB3  H  N N 141 
CYS HG   H  N N 142 
CYS HXT  H  N N 143 
EDO C1   C  N N 144 
EDO O1   O  N N 145 
EDO C2   C  N N 146 
EDO O2   O  N N 147 
EDO H11  H  N N 148 
EDO H12  H  N N 149 
EDO HO1  H  N N 150 
EDO H21  H  N N 151 
EDO H22  H  N N 152 
EDO HO2  H  N N 153 
GLN N    N  N N 154 
GLN CA   C  N S 155 
GLN C    C  N N 156 
GLN O    O  N N 157 
GLN CB   C  N N 158 
GLN CG   C  N N 159 
GLN CD   C  N N 160 
GLN OE1  O  N N 161 
GLN NE2  N  N N 162 
GLN OXT  O  N N 163 
GLN H    H  N N 164 
GLN H2   H  N N 165 
GLN HA   H  N N 166 
GLN HB2  H  N N 167 
GLN HB3  H  N N 168 
GLN HG2  H  N N 169 
GLN HG3  H  N N 170 
GLN HE21 H  N N 171 
GLN HE22 H  N N 172 
GLN HXT  H  N N 173 
GLU N    N  N N 174 
GLU CA   C  N S 175 
GLU C    C  N N 176 
GLU O    O  N N 177 
GLU CB   C  N N 178 
GLU CG   C  N N 179 
GLU CD   C  N N 180 
GLU OE1  O  N N 181 
GLU OE2  O  N N 182 
GLU OXT  O  N N 183 
GLU H    H  N N 184 
GLU H2   H  N N 185 
GLU HA   H  N N 186 
GLU HB2  H  N N 187 
GLU HB3  H  N N 188 
GLU HG2  H  N N 189 
GLU HG3  H  N N 190 
GLU HE2  H  N N 191 
GLU HXT  H  N N 192 
GLY N    N  N N 193 
GLY CA   C  N N 194 
GLY C    C  N N 195 
GLY O    O  N N 196 
GLY OXT  O  N N 197 
GLY H    H  N N 198 
GLY H2   H  N N 199 
GLY HA2  H  N N 200 
GLY HA3  H  N N 201 
GLY HXT  H  N N 202 
GOL C1   C  N N 203 
GOL O1   O  N N 204 
GOL C2   C  N N 205 
GOL O2   O  N N 206 
GOL C3   C  N N 207 
GOL O3   O  N N 208 
GOL H11  H  N N 209 
GOL H12  H  N N 210 
GOL HO1  H  N N 211 
GOL H2   H  N N 212 
GOL HO2  H  N N 213 
GOL H31  H  N N 214 
GOL H32  H  N N 215 
GOL HO3  H  N N 216 
HIS N    N  N N 217 
HIS CA   C  N S 218 
HIS C    C  N N 219 
HIS O    O  N N 220 
HIS CB   C  N N 221 
HIS CG   C  Y N 222 
HIS ND1  N  Y N 223 
HIS CD2  C  Y N 224 
HIS CE1  C  Y N 225 
HIS NE2  N  Y N 226 
HIS OXT  O  N N 227 
HIS H    H  N N 228 
HIS H2   H  N N 229 
HIS HA   H  N N 230 
HIS HB2  H  N N 231 
HIS HB3  H  N N 232 
HIS HD1  H  N N 233 
HIS HD2  H  N N 234 
HIS HE1  H  N N 235 
HIS HE2  H  N N 236 
HIS HXT  H  N N 237 
HOH O    O  N N 238 
HOH H1   H  N N 239 
HOH H2   H  N N 240 
ILE N    N  N N 241 
ILE CA   C  N S 242 
ILE C    C  N N 243 
ILE O    O  N N 244 
ILE CB   C  N S 245 
ILE CG1  C  N N 246 
ILE CG2  C  N N 247 
ILE CD1  C  N N 248 
ILE OXT  O  N N 249 
ILE H    H  N N 250 
ILE H2   H  N N 251 
ILE HA   H  N N 252 
ILE HB   H  N N 253 
ILE HG12 H  N N 254 
ILE HG13 H  N N 255 
ILE HG21 H  N N 256 
ILE HG22 H  N N 257 
ILE HG23 H  N N 258 
ILE HD11 H  N N 259 
ILE HD12 H  N N 260 
ILE HD13 H  N N 261 
ILE HXT  H  N N 262 
LEU N    N  N N 263 
LEU CA   C  N S 264 
LEU C    C  N N 265 
LEU O    O  N N 266 
LEU CB   C  N N 267 
LEU CG   C  N N 268 
LEU CD1  C  N N 269 
LEU CD2  C  N N 270 
LEU OXT  O  N N 271 
LEU H    H  N N 272 
LEU H2   H  N N 273 
LEU HA   H  N N 274 
LEU HB2  H  N N 275 
LEU HB3  H  N N 276 
LEU HG   H  N N 277 
LEU HD11 H  N N 278 
LEU HD12 H  N N 279 
LEU HD13 H  N N 280 
LEU HD21 H  N N 281 
LEU HD22 H  N N 282 
LEU HD23 H  N N 283 
LEU HXT  H  N N 284 
LYS N    N  N N 285 
LYS CA   C  N S 286 
LYS C    C  N N 287 
LYS O    O  N N 288 
LYS CB   C  N N 289 
LYS CG   C  N N 290 
LYS CD   C  N N 291 
LYS CE   C  N N 292 
LYS NZ   N  N N 293 
LYS OXT  O  N N 294 
LYS H    H  N N 295 
LYS H2   H  N N 296 
LYS HA   H  N N 297 
LYS HB2  H  N N 298 
LYS HB3  H  N N 299 
LYS HG2  H  N N 300 
LYS HG3  H  N N 301 
LYS HD2  H  N N 302 
LYS HD3  H  N N 303 
LYS HE2  H  N N 304 
LYS HE3  H  N N 305 
LYS HZ1  H  N N 306 
LYS HZ2  H  N N 307 
LYS HZ3  H  N N 308 
LYS HXT  H  N N 309 
MET N    N  N N 310 
MET CA   C  N S 311 
MET C    C  N N 312 
MET O    O  N N 313 
MET CB   C  N N 314 
MET CG   C  N N 315 
MET SD   S  N N 316 
MET CE   C  N N 317 
MET OXT  O  N N 318 
MET H    H  N N 319 
MET H2   H  N N 320 
MET HA   H  N N 321 
MET HB2  H  N N 322 
MET HB3  H  N N 323 
MET HG2  H  N N 324 
MET HG3  H  N N 325 
MET HE1  H  N N 326 
MET HE2  H  N N 327 
MET HE3  H  N N 328 
MET HXT  H  N N 329 
PHE N    N  N N 330 
PHE CA   C  N S 331 
PHE C    C  N N 332 
PHE O    O  N N 333 
PHE CB   C  N N 334 
PHE CG   C  Y N 335 
PHE CD1  C  Y N 336 
PHE CD2  C  Y N 337 
PHE CE1  C  Y N 338 
PHE CE2  C  Y N 339 
PHE CZ   C  Y N 340 
PHE OXT  O  N N 341 
PHE H    H  N N 342 
PHE H2   H  N N 343 
PHE HA   H  N N 344 
PHE HB2  H  N N 345 
PHE HB3  H  N N 346 
PHE HD1  H  N N 347 
PHE HD2  H  N N 348 
PHE HE1  H  N N 349 
PHE HE2  H  N N 350 
PHE HZ   H  N N 351 
PHE HXT  H  N N 352 
PRO N    N  N N 353 
PRO CA   C  N S 354 
PRO C    C  N N 355 
PRO O    O  N N 356 
PRO CB   C  N N 357 
PRO CG   C  N N 358 
PRO CD   C  N N 359 
PRO OXT  O  N N 360 
PRO H    H  N N 361 
PRO HA   H  N N 362 
PRO HB2  H  N N 363 
PRO HB3  H  N N 364 
PRO HG2  H  N N 365 
PRO HG3  H  N N 366 
PRO HD2  H  N N 367 
PRO HD3  H  N N 368 
PRO HXT  H  N N 369 
SER N    N  N N 370 
SER CA   C  N S 371 
SER C    C  N N 372 
SER O    O  N N 373 
SER CB   C  N N 374 
SER OG   O  N N 375 
SER OXT  O  N N 376 
SER H    H  N N 377 
SER H2   H  N N 378 
SER HA   H  N N 379 
SER HB2  H  N N 380 
SER HB3  H  N N 381 
SER HG   H  N N 382 
SER HXT  H  N N 383 
THR N    N  N N 384 
THR CA   C  N S 385 
THR C    C  N N 386 
THR O    O  N N 387 
THR CB   C  N R 388 
THR OG1  O  N N 389 
THR CG2  C  N N 390 
THR OXT  O  N N 391 
THR H    H  N N 392 
THR H2   H  N N 393 
THR HA   H  N N 394 
THR HB   H  N N 395 
THR HG1  H  N N 396 
THR HG21 H  N N 397 
THR HG22 H  N N 398 
THR HG23 H  N N 399 
THR HXT  H  N N 400 
TRP N    N  N N 401 
TRP CA   C  N S 402 
TRP C    C  N N 403 
TRP O    O  N N 404 
TRP CB   C  N N 405 
TRP CG   C  Y N 406 
TRP CD1  C  Y N 407 
TRP CD2  C  Y N 408 
TRP NE1  N  Y N 409 
TRP CE2  C  Y N 410 
TRP CE3  C  Y N 411 
TRP CZ2  C  Y N 412 
TRP CZ3  C  Y N 413 
TRP CH2  C  Y N 414 
TRP OXT  O  N N 415 
TRP H    H  N N 416 
TRP H2   H  N N 417 
TRP HA   H  N N 418 
TRP HB2  H  N N 419 
TRP HB3  H  N N 420 
TRP HD1  H  N N 421 
TRP HE1  H  N N 422 
TRP HE3  H  N N 423 
TRP HZ2  H  N N 424 
TRP HZ3  H  N N 425 
TRP HH2  H  N N 426 
TRP HXT  H  N N 427 
TYR N    N  N N 428 
TYR CA   C  N S 429 
TYR C    C  N N 430 
TYR O    O  N N 431 
TYR CB   C  N N 432 
TYR CG   C  Y N 433 
TYR CD1  C  Y N 434 
TYR CD2  C  Y N 435 
TYR CE1  C  Y N 436 
TYR CE2  C  Y N 437 
TYR CZ   C  Y N 438 
TYR OH   O  N N 439 
TYR OXT  O  N N 440 
TYR H    H  N N 441 
TYR H2   H  N N 442 
TYR HA   H  N N 443 
TYR HB2  H  N N 444 
TYR HB3  H  N N 445 
TYR HD1  H  N N 446 
TYR HD2  H  N N 447 
TYR HE1  H  N N 448 
TYR HE2  H  N N 449 
TYR HH   H  N N 450 
TYR HXT  H  N N 451 
VAL N    N  N N 452 
VAL CA   C  N S 453 
VAL C    C  N N 454 
VAL O    O  N N 455 
VAL CB   C  N N 456 
VAL CG1  C  N N 457 
VAL CG2  C  N N 458 
VAL OXT  O  N N 459 
VAL H    H  N N 460 
VAL H2   H  N N 461 
VAL HA   H  N N 462 
VAL HB   H  N N 463 
VAL HG11 H  N N 464 
VAL HG12 H  N N 465 
VAL HG13 H  N N 466 
VAL HG21 H  N N 467 
VAL HG22 H  N N 468 
VAL HG23 H  N N 469 
VAL HXT  H  N N 470 
# 
loop_
_chem_comp_bond.comp_id 
_chem_comp_bond.atom_id_1 
_chem_comp_bond.atom_id_2 
_chem_comp_bond.value_order 
_chem_comp_bond.pdbx_aromatic_flag 
_chem_comp_bond.pdbx_stereo_config 
_chem_comp_bond.pdbx_ordinal 
6LI C1  N1   sing N N 1   
6LI C1  O1   sing N N 2   
6LI C1  C4   sing N N 3   
6LI N1  C7   sing Y N 4   
6LI N1  C8   sing Y N 5   
6LI O1  C2   sing N N 6   
6LI P1  O4   sing N N 7   
6LI P1  O7   doub N N 8   
6LI P1  O8   sing N N 9   
6LI P1  O9   sing N N 10  
6LI CL1 C16  sing N N 11  
6LI C2  C3   sing N N 12  
6LI C2  C5   sing N N 13  
6LI N2  C6   sing Y N 14  
6LI N2  C8   doub Y N 15  
6LI N2  C11  sing N N 16  
6LI O2  C4   sing N N 17  
6LI C3  O3   sing N N 18  
6LI C3  C4   sing N N 19  
6LI N3  C9   sing N N 20  
6LI N3  C10  sing N N 21  
6LI N4  C7   sing N N 22  
6LI N4  C9   doub N N 23  
6LI O4  C5   sing N N 24  
6LI N5  C9   sing N N 25  
6LI O5  C10  doub N N 26  
6LI C6  C7   doub Y N 27  
6LI C6  C10  sing N N 28  
6LI O6  C12  sing N N 29  
6LI O6  C13  sing N N 30  
6LI C11 C12  sing N N 31  
6LI C13 C14  doub Y N 32  
6LI C13 C18  sing Y N 33  
6LI C14 C15  sing Y N 34  
6LI C15 C16  doub Y N 35  
6LI C16 C17  sing Y N 36  
6LI C17 C18  doub Y N 37  
6LI C1  H1   sing N N 38  
6LI C2  H2   sing N N 39  
6LI O2  HO2  sing N N 40  
6LI C3  H3   sing N N 41  
6LI N3  HN3  sing N N 42  
6LI O3  HO3  sing N N 43  
6LI C4  H4   sing N N 44  
6LI C5  H5   sing N N 45  
6LI C5  H5A  sing N N 46  
6LI N5  HN5  sing N N 47  
6LI N5  HN5A sing N N 48  
6LI C8  H8   sing N N 49  
6LI C11 H11  sing N N 50  
6LI C11 H11A sing N N 51  
6LI C12 H12  sing N N 52  
6LI C12 H12A sing N N 53  
6LI C14 H14  sing N N 54  
6LI C15 H15  sing N N 55  
6LI C17 H17  sing N N 56  
6LI C18 H18  sing N N 57  
6LI O8  HO8  sing N N 58  
6LI O9  HO9  sing N N 59  
ALA N   CA   sing N N 60  
ALA N   H    sing N N 61  
ALA N   H2   sing N N 62  
ALA CA  C    sing N N 63  
ALA CA  CB   sing N N 64  
ALA CA  HA   sing N N 65  
ALA C   O    doub N N 66  
ALA C   OXT  sing N N 67  
ALA CB  HB1  sing N N 68  
ALA CB  HB2  sing N N 69  
ALA CB  HB3  sing N N 70  
ALA OXT HXT  sing N N 71  
ARG N   CA   sing N N 72  
ARG N   H    sing N N 73  
ARG N   H2   sing N N 74  
ARG CA  C    sing N N 75  
ARG CA  CB   sing N N 76  
ARG CA  HA   sing N N 77  
ARG C   O    doub N N 78  
ARG C   OXT  sing N N 79  
ARG CB  CG   sing N N 80  
ARG CB  HB2  sing N N 81  
ARG CB  HB3  sing N N 82  
ARG CG  CD   sing N N 83  
ARG CG  HG2  sing N N 84  
ARG CG  HG3  sing N N 85  
ARG CD  NE   sing N N 86  
ARG CD  HD2  sing N N 87  
ARG CD  HD3  sing N N 88  
ARG NE  CZ   sing N N 89  
ARG NE  HE   sing N N 90  
ARG CZ  NH1  sing N N 91  
ARG CZ  NH2  doub N N 92  
ARG NH1 HH11 sing N N 93  
ARG NH1 HH12 sing N N 94  
ARG NH2 HH21 sing N N 95  
ARG NH2 HH22 sing N N 96  
ARG OXT HXT  sing N N 97  
ASN N   CA   sing N N 98  
ASN N   H    sing N N 99  
ASN N   H2   sing N N 100 
ASN CA  C    sing N N 101 
ASN CA  CB   sing N N 102 
ASN CA  HA   sing N N 103 
ASN C   O    doub N N 104 
ASN C   OXT  sing N N 105 
ASN CB  CG   sing N N 106 
ASN CB  HB2  sing N N 107 
ASN CB  HB3  sing N N 108 
ASN CG  OD1  doub N N 109 
ASN CG  ND2  sing N N 110 
ASN ND2 HD21 sing N N 111 
ASN ND2 HD22 sing N N 112 
ASN OXT HXT  sing N N 113 
ASP N   CA   sing N N 114 
ASP N   H    sing N N 115 
ASP N   H2   sing N N 116 
ASP CA  C    sing N N 117 
ASP CA  CB   sing N N 118 
ASP CA  HA   sing N N 119 
ASP C   O    doub N N 120 
ASP C   OXT  sing N N 121 
ASP CB  CG   sing N N 122 
ASP CB  HB2  sing N N 123 
ASP CB  HB3  sing N N 124 
ASP CG  OD1  doub N N 125 
ASP CG  OD2  sing N N 126 
ASP OD2 HD2  sing N N 127 
ASP OXT HXT  sing N N 128 
CYS N   CA   sing N N 129 
CYS N   H    sing N N 130 
CYS N   H2   sing N N 131 
CYS CA  C    sing N N 132 
CYS CA  CB   sing N N 133 
CYS CA  HA   sing N N 134 
CYS C   O    doub N N 135 
CYS C   OXT  sing N N 136 
CYS CB  SG   sing N N 137 
CYS CB  HB2  sing N N 138 
CYS CB  HB3  sing N N 139 
CYS SG  HG   sing N N 140 
CYS OXT HXT  sing N N 141 
EDO C1  O1   sing N N 142 
EDO C1  C2   sing N N 143 
EDO C1  H11  sing N N 144 
EDO C1  H12  sing N N 145 
EDO O1  HO1  sing N N 146 
EDO C2  O2   sing N N 147 
EDO C2  H21  sing N N 148 
EDO C2  H22  sing N N 149 
EDO O2  HO2  sing N N 150 
GLN N   CA   sing N N 151 
GLN N   H    sing N N 152 
GLN N   H2   sing N N 153 
GLN CA  C    sing N N 154 
GLN CA  CB   sing N N 155 
GLN CA  HA   sing N N 156 
GLN C   O    doub N N 157 
GLN C   OXT  sing N N 158 
GLN CB  CG   sing N N 159 
GLN CB  HB2  sing N N 160 
GLN CB  HB3  sing N N 161 
GLN CG  CD   sing N N 162 
GLN CG  HG2  sing N N 163 
GLN CG  HG3  sing N N 164 
GLN CD  OE1  doub N N 165 
GLN CD  NE2  sing N N 166 
GLN NE2 HE21 sing N N 167 
GLN NE2 HE22 sing N N 168 
GLN OXT HXT  sing N N 169 
GLU N   CA   sing N N 170 
GLU N   H    sing N N 171 
GLU N   H2   sing N N 172 
GLU CA  C    sing N N 173 
GLU CA  CB   sing N N 174 
GLU CA  HA   sing N N 175 
GLU C   O    doub N N 176 
GLU C   OXT  sing N N 177 
GLU CB  CG   sing N N 178 
GLU CB  HB2  sing N N 179 
GLU CB  HB3  sing N N 180 
GLU CG  CD   sing N N 181 
GLU CG  HG2  sing N N 182 
GLU CG  HG3  sing N N 183 
GLU CD  OE1  doub N N 184 
GLU CD  OE2  sing N N 185 
GLU OE2 HE2  sing N N 186 
GLU OXT HXT  sing N N 187 
GLY N   CA   sing N N 188 
GLY N   H    sing N N 189 
GLY N   H2   sing N N 190 
GLY CA  C    sing N N 191 
GLY CA  HA2  sing N N 192 
GLY CA  HA3  sing N N 193 
GLY C   O    doub N N 194 
GLY C   OXT  sing N N 195 
GLY OXT HXT  sing N N 196 
GOL C1  O1   sing N N 197 
GOL C1  C2   sing N N 198 
GOL C1  H11  sing N N 199 
GOL C1  H12  sing N N 200 
GOL O1  HO1  sing N N 201 
GOL C2  O2   sing N N 202 
GOL C2  C3   sing N N 203 
GOL C2  H2   sing N N 204 
GOL O2  HO2  sing N N 205 
GOL C3  O3   sing N N 206 
GOL C3  H31  sing N N 207 
GOL C3  H32  sing N N 208 
GOL O3  HO3  sing N N 209 
HIS N   CA   sing N N 210 
HIS N   H    sing N N 211 
HIS N   H2   sing N N 212 
HIS CA  C    sing N N 213 
HIS CA  CB   sing N N 214 
HIS CA  HA   sing N N 215 
HIS C   O    doub N N 216 
HIS C   OXT  sing N N 217 
HIS CB  CG   sing N N 218 
HIS CB  HB2  sing N N 219 
HIS CB  HB3  sing N N 220 
HIS CG  ND1  sing Y N 221 
HIS CG  CD2  doub Y N 222 
HIS ND1 CE1  doub Y N 223 
HIS ND1 HD1  sing N N 224 
HIS CD2 NE2  sing Y N 225 
HIS CD2 HD2  sing N N 226 
HIS CE1 NE2  sing Y N 227 
HIS CE1 HE1  sing N N 228 
HIS NE2 HE2  sing N N 229 
HIS OXT HXT  sing N N 230 
HOH O   H1   sing N N 231 
HOH O   H2   sing N N 232 
ILE N   CA   sing N N 233 
ILE N   H    sing N N 234 
ILE N   H2   sing N N 235 
ILE CA  C    sing N N 236 
ILE CA  CB   sing N N 237 
ILE CA  HA   sing N N 238 
ILE C   O    doub N N 239 
ILE C   OXT  sing N N 240 
ILE CB  CG1  sing N N 241 
ILE CB  CG2  sing N N 242 
ILE CB  HB   sing N N 243 
ILE CG1 CD1  sing N N 244 
ILE CG1 HG12 sing N N 245 
ILE CG1 HG13 sing N N 246 
ILE CG2 HG21 sing N N 247 
ILE CG2 HG22 sing N N 248 
ILE CG2 HG23 sing N N 249 
ILE CD1 HD11 sing N N 250 
ILE CD1 HD12 sing N N 251 
ILE CD1 HD13 sing N N 252 
ILE OXT HXT  sing N N 253 
LEU N   CA   sing N N 254 
LEU N   H    sing N N 255 
LEU N   H2   sing N N 256 
LEU CA  C    sing N N 257 
LEU CA  CB   sing N N 258 
LEU CA  HA   sing N N 259 
LEU C   O    doub N N 260 
LEU C   OXT  sing N N 261 
LEU CB  CG   sing N N 262 
LEU CB  HB2  sing N N 263 
LEU CB  HB3  sing N N 264 
LEU CG  CD1  sing N N 265 
LEU CG  CD2  sing N N 266 
LEU CG  HG   sing N N 267 
LEU CD1 HD11 sing N N 268 
LEU CD1 HD12 sing N N 269 
LEU CD1 HD13 sing N N 270 
LEU CD2 HD21 sing N N 271 
LEU CD2 HD22 sing N N 272 
LEU CD2 HD23 sing N N 273 
LEU OXT HXT  sing N N 274 
LYS N   CA   sing N N 275 
LYS N   H    sing N N 276 
LYS N   H2   sing N N 277 
LYS CA  C    sing N N 278 
LYS CA  CB   sing N N 279 
LYS CA  HA   sing N N 280 
LYS C   O    doub N N 281 
LYS C   OXT  sing N N 282 
LYS CB  CG   sing N N 283 
LYS CB  HB2  sing N N 284 
LYS CB  HB3  sing N N 285 
LYS CG  CD   sing N N 286 
LYS CG  HG2  sing N N 287 
LYS CG  HG3  sing N N 288 
LYS CD  CE   sing N N 289 
LYS CD  HD2  sing N N 290 
LYS CD  HD3  sing N N 291 
LYS CE  NZ   sing N N 292 
LYS CE  HE2  sing N N 293 
LYS CE  HE3  sing N N 294 
LYS NZ  HZ1  sing N N 295 
LYS NZ  HZ2  sing N N 296 
LYS NZ  HZ3  sing N N 297 
LYS OXT HXT  sing N N 298 
MET N   CA   sing N N 299 
MET N   H    sing N N 300 
MET N   H2   sing N N 301 
MET CA  C    sing N N 302 
MET CA  CB   sing N N 303 
MET CA  HA   sing N N 304 
MET C   O    doub N N 305 
MET C   OXT  sing N N 306 
MET CB  CG   sing N N 307 
MET CB  HB2  sing N N 308 
MET CB  HB3  sing N N 309 
MET CG  SD   sing N N 310 
MET CG  HG2  sing N N 311 
MET CG  HG3  sing N N 312 
MET SD  CE   sing N N 313 
MET CE  HE1  sing N N 314 
MET CE  HE2  sing N N 315 
MET CE  HE3  sing N N 316 
MET OXT HXT  sing N N 317 
PHE N   CA   sing N N 318 
PHE N   H    sing N N 319 
PHE N   H2   sing N N 320 
PHE CA  C    sing N N 321 
PHE CA  CB   sing N N 322 
PHE CA  HA   sing N N 323 
PHE C   O    doub N N 324 
PHE C   OXT  sing N N 325 
PHE CB  CG   sing N N 326 
PHE CB  HB2  sing N N 327 
PHE CB  HB3  sing N N 328 
PHE CG  CD1  doub Y N 329 
PHE CG  CD2  sing Y N 330 
PHE CD1 CE1  sing Y N 331 
PHE CD1 HD1  sing N N 332 
PHE CD2 CE2  doub Y N 333 
PHE CD2 HD2  sing N N 334 
PHE CE1 CZ   doub Y N 335 
PHE CE1 HE1  sing N N 336 
PHE CE2 CZ   sing Y N 337 
PHE CE2 HE2  sing N N 338 
PHE CZ  HZ   sing N N 339 
PHE OXT HXT  sing N N 340 
PRO N   CA   sing N N 341 
PRO N   CD   sing N N 342 
PRO N   H    sing N N 343 
PRO CA  C    sing N N 344 
PRO CA  CB   sing N N 345 
PRO CA  HA   sing N N 346 
PRO C   O    doub N N 347 
PRO C   OXT  sing N N 348 
PRO CB  CG   sing N N 349 
PRO CB  HB2  sing N N 350 
PRO CB  HB3  sing N N 351 
PRO CG  CD   sing N N 352 
PRO CG  HG2  sing N N 353 
PRO CG  HG3  sing N N 354 
PRO CD  HD2  sing N N 355 
PRO CD  HD3  sing N N 356 
PRO OXT HXT  sing N N 357 
SER N   CA   sing N N 358 
SER N   H    sing N N 359 
SER N   H2   sing N N 360 
SER CA  C    sing N N 361 
SER CA  CB   sing N N 362 
SER CA  HA   sing N N 363 
SER C   O    doub N N 364 
SER C   OXT  sing N N 365 
SER CB  OG   sing N N 366 
SER CB  HB2  sing N N 367 
SER CB  HB3  sing N N 368 
SER OG  HG   sing N N 369 
SER OXT HXT  sing N N 370 
THR N   CA   sing N N 371 
THR N   H    sing N N 372 
THR N   H2   sing N N 373 
THR CA  C    sing N N 374 
THR CA  CB   sing N N 375 
THR CA  HA   sing N N 376 
THR C   O    doub N N 377 
THR C   OXT  sing N N 378 
THR CB  OG1  sing N N 379 
THR CB  CG2  sing N N 380 
THR CB  HB   sing N N 381 
THR OG1 HG1  sing N N 382 
THR CG2 HG21 sing N N 383 
THR CG2 HG22 sing N N 384 
THR CG2 HG23 sing N N 385 
THR OXT HXT  sing N N 386 
TRP N   CA   sing N N 387 
TRP N   H    sing N N 388 
TRP N   H2   sing N N 389 
TRP CA  C    sing N N 390 
TRP CA  CB   sing N N 391 
TRP CA  HA   sing N N 392 
TRP C   O    doub N N 393 
TRP C   OXT  sing N N 394 
TRP CB  CG   sing N N 395 
TRP CB  HB2  sing N N 396 
TRP CB  HB3  sing N N 397 
TRP CG  CD1  doub Y N 398 
TRP CG  CD2  sing Y N 399 
TRP CD1 NE1  sing Y N 400 
TRP CD1 HD1  sing N N 401 
TRP CD2 CE2  doub Y N 402 
TRP CD2 CE3  sing Y N 403 
TRP NE1 CE2  sing Y N 404 
TRP NE1 HE1  sing N N 405 
TRP CE2 CZ2  sing Y N 406 
TRP CE3 CZ3  doub Y N 407 
TRP CE3 HE3  sing N N 408 
TRP CZ2 CH2  doub Y N 409 
TRP CZ2 HZ2  sing N N 410 
TRP CZ3 CH2  sing Y N 411 
TRP CZ3 HZ3  sing N N 412 
TRP CH2 HH2  sing N N 413 
TRP OXT HXT  sing N N 414 
TYR N   CA   sing N N 415 
TYR N   H    sing N N 416 
TYR N   H2   sing N N 417 
TYR CA  C    sing N N 418 
TYR CA  CB   sing N N 419 
TYR CA  HA   sing N N 420 
TYR C   O    doub N N 421 
TYR C   OXT  sing N N 422 
TYR CB  CG   sing N N 423 
TYR CB  HB2  sing N N 424 
TYR CB  HB3  sing N N 425 
TYR CG  CD1  doub Y N 426 
TYR CG  CD2  sing Y N 427 
TYR CD1 CE1  sing Y N 428 
TYR CD1 HD1  sing N N 429 
TYR CD2 CE2  doub Y N 430 
TYR CD2 HD2  sing N N 431 
TYR CE1 CZ   doub Y N 432 
TYR CE1 HE1  sing N N 433 
TYR CE2 CZ   sing Y N 434 
TYR CE2 HE2  sing N N 435 
TYR CZ  OH   sing N N 436 
TYR OH  HH   sing N N 437 
TYR OXT HXT  sing N N 438 
VAL N   CA   sing N N 439 
VAL N   H    sing N N 440 
VAL N   H2   sing N N 441 
VAL CA  C    sing N N 442 
VAL CA  CB   sing N N 443 
VAL CA  HA   sing N N 444 
VAL C   O    doub N N 445 
VAL C   OXT  sing N N 446 
VAL CB  CG1  sing N N 447 
VAL CB  CG2  sing N N 448 
VAL CB  HB   sing N N 449 
VAL CG1 HG11 sing N N 450 
VAL CG1 HG12 sing N N 451 
VAL CG1 HG13 sing N N 452 
VAL CG2 HG21 sing N N 453 
VAL CG2 HG22 sing N N 454 
VAL CG2 HG23 sing N N 455 
VAL OXT HXT  sing N N 456 
# 
_atom_sites.entry_id                    4DT6 
_atom_sites.fract_transf_matrix[1][1]   -0.02292204 
_atom_sites.fract_transf_matrix[1][2]   -0.00640329 
_atom_sites.fract_transf_matrix[1][3]   -0.01086407 
_atom_sites.fract_transf_matrix[2][1]   -0.00661776 
_atom_sites.fract_transf_matrix[2][2]   0.01379495 
_atom_sites.fract_transf_matrix[2][3]   0.00583203 
_atom_sites.fract_transf_matrix[3][1]   0.00214529 
_atom_sites.fract_transf_matrix[3][2]   0.00391934 
_atom_sites.fract_transf_matrix[3][3]   -0.00683640 
_atom_sites.fract_transf_vector[1]      -0.005539 
_atom_sites.fract_transf_vector[2]      0.230364 
_atom_sites.fract_transf_vector[3]      -0.150483 
# 
loop_
_atom_type.symbol 
C  
CL 
N  
O  
P  
S  
# 
loop_
_atom_site.group_PDB 
_atom_site.id 
_atom_site.type_symbol 
_atom_site.label_atom_id 
_atom_site.label_alt_id 
_atom_site.label_comp_id 
_atom_site.label_asym_id 
_atom_site.label_entity_id 
_atom_site.label_seq_id 
_atom_site.pdbx_PDB_ins_code 
_atom_site.Cartn_x 
_atom_site.Cartn_y 
_atom_site.Cartn_z 
_atom_site.occupancy 
_atom_site.B_iso_or_equiv 
_atom_site.pdbx_formal_charge 
_atom_site.auth_seq_id 
_atom_site.auth_comp_id 
_atom_site.auth_asym_id 
_atom_site.auth_atom_id 
_atom_site.pdbx_PDB_model_num 
ATOM   1    N  N   . GLU A 1 50  ? 23.631  36.071  -2.607  1.00 59.78 ? 27   GLU A N   1 
ATOM   2    C  CA  . GLU A 1 50  ? 23.785  36.119  -4.097  1.00 60.03 ? 27   GLU A CA  1 
ATOM   3    C  C   . GLU A 1 50  ? 23.208  34.911  -4.900  1.00 59.05 ? 27   GLU A C   1 
ATOM   4    O  O   . GLU A 1 50  ? 23.387  34.843  -6.132  1.00 58.97 ? 27   GLU A O   1 
ATOM   5    C  CB  . GLU A 1 50  ? 25.265  36.361  -4.454  1.00 60.59 ? 27   GLU A CB  1 
ATOM   6    C  CG  . GLU A 1 50  ? 25.790  37.774  -4.107  1.00 63.49 ? 27   GLU A CG  1 
ATOM   7    C  CD  . GLU A 1 50  ? 25.166  38.906  -4.961  1.00 67.10 ? 27   GLU A CD  1 
ATOM   8    O  OE1 . GLU A 1 50  ? 25.725  40.031  -4.937  1.00 68.48 ? 27   GLU A OE1 1 
ATOM   9    O  OE2 . GLU A 1 50  ? 24.125  38.689  -5.645  1.00 67.67 ? 27   GLU A OE2 1 
ATOM   10   N  N   . VAL A 1 51  ? 22.501  33.994  -4.216  1.00 57.76 ? 28   VAL A N   1 
ATOM   11   C  CA  . VAL A 1 51  ? 21.985  32.719  -4.817  1.00 56.17 ? 28   VAL A CA  1 
ATOM   12   C  C   . VAL A 1 51  ? 20.513  32.737  -5.338  1.00 55.05 ? 28   VAL A C   1 
ATOM   13   O  O   . VAL A 1 51  ? 19.727  33.636  -4.977  1.00 55.02 ? 28   VAL A O   1 
ATOM   14   C  CB  . VAL A 1 51  ? 22.201  31.484  -3.861  1.00 56.11 ? 28   VAL A CB  1 
ATOM   15   C  CG1 . VAL A 1 51  ? 23.693  31.246  -3.626  1.00 55.02 ? 28   VAL A CG1 1 
ATOM   16   C  CG2 . VAL A 1 51  ? 21.419  31.656  -2.535  1.00 55.49 ? 28   VAL A CG2 1 
ATOM   17   N  N   . ALA A 1 52  ? 20.163  31.750  -6.178  1.00 53.25 ? 29   ALA A N   1 
ATOM   18   C  CA  . ALA A 1 52  ? 18.787  31.567  -6.705  1.00 51.94 ? 29   ALA A CA  1 
ATOM   19   C  C   . ALA A 1 52  ? 17.803  31.122  -5.609  1.00 51.04 ? 29   ALA A C   1 
ATOM   20   O  O   . ALA A 1 52  ? 18.232  30.628  -4.559  1.00 51.14 ? 29   ALA A O   1 
ATOM   21   C  CB  . ALA A 1 52  ? 18.786  30.565  -7.878  1.00 51.65 ? 29   ALA A CB  1 
ATOM   22   N  N   . ASN A 1 53  ? 16.499  31.280  -5.846  1.00 49.66 ? 30   ASN A N   1 
ATOM   23   C  CA  . ASN A 1 53  ? 15.486  30.893  -4.847  1.00 48.62 ? 30   ASN A CA  1 
ATOM   24   C  C   . ASN A 1 53  ? 14.929  29.459  -4.968  1.00 47.56 ? 30   ASN A C   1 
ATOM   25   O  O   . ASN A 1 53  ? 14.124  29.183  -5.871  1.00 47.21 ? 30   ASN A O   1 
ATOM   26   C  CB  . ASN A 1 53  ? 14.337  31.900  -4.829  1.00 49.06 ? 30   ASN A CB  1 
ATOM   27   C  CG  . ASN A 1 53  ? 13.169  31.438  -3.979  1.00 49.87 ? 30   ASN A CG  1 
ATOM   28   O  OD1 . ASN A 1 53  ? 12.013  31.697  -4.311  1.00 50.60 ? 30   ASN A OD1 1 
ATOM   29   N  ND2 . ASN A 1 53  ? 13.461  30.739  -2.880  1.00 50.68 ? 30   ASN A ND2 1 
ATOM   30   N  N   . PRO A 1 54  ? 15.317  28.560  -4.032  1.00 46.31 ? 31   PRO A N   1 
ATOM   31   C  CA  . PRO A 1 54  ? 14.984  27.134  -4.093  1.00 45.42 ? 31   PRO A CA  1 
ATOM   32   C  C   . PRO A 1 54  ? 13.607  26.805  -4.659  1.00 44.16 ? 31   PRO A C   1 
ATOM   33   O  O   . PRO A 1 54  ? 13.510  25.968  -5.551  1.00 44.54 ? 31   PRO A O   1 
ATOM   34   C  CB  . PRO A 1 54  ? 15.109  26.686  -2.639  1.00 45.65 ? 31   PRO A CB  1 
ATOM   35   C  CG  . PRO A 1 54  ? 16.292  27.494  -2.137  1.00 46.53 ? 31   PRO A CG  1 
ATOM   36   C  CD  . PRO A 1 54  ? 16.165  28.853  -2.858  1.00 46.55 ? 31   PRO A CD  1 
ATOM   37   N  N   . GLU A 1 55  ? 12.566  27.474  -4.174  1.00 42.67 ? 32   GLU A N   1 
ATOM   38   C  CA  . GLU A 1 55  ? 11.194  27.286  -4.679  1.00 40.97 ? 32   GLU A CA  1 
ATOM   39   C  C   . GLU A 1 55  ? 11.094  27.175  -6.213  1.00 38.85 ? 32   GLU A C   1 
ATOM   40   O  O   . GLU A 1 55  ? 10.307  26.384  -6.722  1.00 38.35 ? 32   GLU A O   1 
ATOM   41   C  CB  . GLU A 1 55  ? 10.285  28.407  -4.148  1.00 41.57 ? 32   GLU A CB  1 
ATOM   42   C  CG  . GLU A 1 55  ? 10.025  28.298  -2.624  1.00 45.21 ? 32   GLU A CG  1 
ATOM   43   C  CD  . GLU A 1 55  ? 10.016  29.652  -1.892  1.00 48.32 ? 32   GLU A CD  1 
ATOM   44   O  OE1 . GLU A 1 55  ? 9.084   30.464  -2.145  1.00 48.76 ? 32   GLU A OE1 1 
ATOM   45   O  OE2 . GLU A 1 55  ? 10.928  29.886  -1.049  1.00 48.09 ? 32   GLU A OE2 1 
ATOM   46   N  N   . HIS A 1 56  ? 11.921  27.937  -6.935  1.00 36.54 ? 33   HIS A N   1 
ATOM   47   C  CA  . HIS A 1 56  ? 11.853  27.991  -8.411  1.00 34.08 ? 33   HIS A CA  1 
ATOM   48   C  C   . HIS A 1 56  ? 12.335  26.745  -9.130  1.00 31.30 ? 33   HIS A C   1 
ATOM   49   O  O   . HIS A 1 56  ? 11.947  26.533  -10.255 1.00 31.42 ? 33   HIS A O   1 
ATOM   50   C  CB  . HIS A 1 56  ? 12.619  29.205  -9.006  1.00 34.59 ? 33   HIS A CB  1 
ATOM   51   C  CG  . HIS A 1 56  ? 12.127  30.541  -8.535  1.00 36.11 ? 33   HIS A CG  1 
ATOM   52   N  ND1 . HIS A 1 56  ? 12.981  31.593  -8.273  1.00 38.28 ? 33   HIS A ND1 1 
ATOM   53   C  CD2 . HIS A 1 56  ? 10.879  30.990  -8.259  1.00 38.18 ? 33   HIS A CD2 1 
ATOM   54   C  CE1 . HIS A 1 56  ? 12.280  32.637  -7.864  1.00 39.57 ? 33   HIS A CE1 1 
ATOM   55   N  NE2 . HIS A 1 56  ? 11.003  32.292  -7.836  1.00 39.99 ? 33   HIS A NE2 1 
ATOM   56   N  N   . TYR A 1 57  ? 13.176  25.923  -8.525  1.00 28.20 ? 34   TYR A N   1 
ATOM   57   C  CA  . TYR A 1 57  ? 13.858  24.917  -9.334  1.00 26.11 ? 34   TYR A CA  1 
ATOM   58   C  C   . TYR A 1 57  ? 14.216  23.598  -8.632  1.00 25.15 ? 34   TYR A C   1 
ATOM   59   O  O   . TYR A 1 57  ? 14.734  22.707  -9.281  1.00 25.26 ? 34   TYR A O   1 
ATOM   60   C  CB  . TYR A 1 57  ? 15.139  25.541  -9.929  1.00 25.54 ? 34   TYR A CB  1 
ATOM   61   C  CG  . TYR A 1 57  ? 16.124  25.824  -8.861  1.00 23.29 ? 34   TYR A CG  1 
ATOM   62   C  CD1 . TYR A 1 57  ? 16.943  24.818  -8.387  1.00 24.55 ? 34   TYR A CD1 1 
ATOM   63   C  CD2 . TYR A 1 57  ? 16.198  27.080  -8.259  1.00 25.13 ? 34   TYR A CD2 1 
ATOM   64   C  CE1 . TYR A 1 57  ? 17.847  25.054  -7.358  1.00 27.13 ? 34   TYR A CE1 1 
ATOM   65   C  CE2 . TYR A 1 57  ? 17.096  27.339  -7.205  1.00 25.10 ? 34   TYR A CE2 1 
ATOM   66   C  CZ  . TYR A 1 57  ? 17.919  26.315  -6.772  1.00 27.00 ? 34   TYR A CZ  1 
ATOM   67   O  OH  . TYR A 1 57  ? 18.820  26.495  -5.748  1.00 30.95 ? 34   TYR A OH  1 
ATOM   68   N  N   . ILE A 1 58  ? 14.002  23.494  -7.323  1.00 24.01 ? 35   ILE A N   1 
ATOM   69   C  CA  . ILE A 1 58  ? 14.260  22.263  -6.539  1.00 23.39 ? 35   ILE A CA  1 
ATOM   70   C  C   . ILE A 1 58  ? 13.076  21.323  -6.605  1.00 22.29 ? 35   ILE A C   1 
ATOM   71   O  O   . ILE A 1 58  ? 11.978  21.774  -6.349  1.00 23.08 ? 35   ILE A O   1 
ATOM   72   C  CB  . ILE A 1 58  ? 14.410  22.641  -5.063  1.00 23.49 ? 35   ILE A CB  1 
ATOM   73   C  CG1 . ILE A 1 58  ? 15.707  23.392  -4.867  1.00 25.14 ? 35   ILE A CG1 1 
ATOM   74   C  CG2 . ILE A 1 58  ? 14.464  21.462  -4.175  1.00 23.85 ? 35   ILE A CG2 1 
ATOM   75   C  CD1 . ILE A 1 58  ? 16.850  22.728  -5.517  1.00 30.13 ? 35   ILE A CD1 1 
ATOM   76   N  N   . LYS A 1 59  ? 13.269  20.037  -6.925  1.00 20.81 ? 36   LYS A N   1 
ATOM   77   C  CA  . LYS A 1 59  ? 12.155  19.059  -6.811  1.00 19.73 ? 36   LYS A CA  1 
ATOM   78   C  C   . LYS A 1 59  ? 11.677  19.056  -5.372  1.00 19.57 ? 36   LYS A C   1 
ATOM   79   O  O   . LYS A 1 59  ? 12.420  19.405  -4.474  1.00 19.05 ? 36   LYS A O   1 
ATOM   80   C  CB  . LYS A 1 59  ? 12.563  17.652  -7.243  1.00 19.07 ? 36   LYS A CB  1 
ATOM   81   C  CG  . LYS A 1 59  ? 12.952  17.578  -8.710  1.00 19.42 ? 36   LYS A CG  1 
ATOM   82   C  CD  . LYS A 1 59  ? 13.138  16.162  -9.243  1.00 18.91 ? 36   LYS A CD  1 
ATOM   83   C  CE  . LYS A 1 59  ? 14.539  15.686  -8.967  1.00 19.59 ? 36   LYS A CE  1 
ATOM   84   N  NZ  . LYS A 1 59  ? 14.771  14.310  -9.378  1.00 20.28 ? 36   LYS A NZ  1 
ATOM   85   N  N   . HIS A 1 60  ? 10.427  18.703  -5.138  1.00 20.13 ? 37   HIS A N   1 
ATOM   86   C  CA  . HIS A 1 60  ? 9.879   18.750  -3.779  1.00 20.52 ? 37   HIS A CA  1 
ATOM   87   C  C   . HIS A 1 60  ? 10.062  17.432  -3.034  1.00 20.10 ? 37   HIS A C   1 
ATOM   88   O  O   . HIS A 1 60  ? 9.295   16.486  -3.258  1.00 20.72 ? 37   HIS A O   1 
ATOM   89   C  CB  . HIS A 1 60  ? 8.415   19.149  -3.838  1.00 21.10 ? 37   HIS A CB  1 
ATOM   90   C  CG  . HIS A 1 60  ? 8.200   20.504  -4.440  1.00 25.39 ? 37   HIS A CG  1 
ATOM   91   N  ND1 . HIS A 1 60  ? 8.287   20.736  -5.800  1.00 26.80 ? 37   HIS A ND1 1 
ATOM   92   C  CD2 . HIS A 1 60  ? 7.937   21.705  -3.865  1.00 28.04 ? 37   HIS A CD2 1 
ATOM   93   C  CE1 . HIS A 1 60  ? 8.077   22.021  -6.034  1.00 29.25 ? 37   HIS A CE1 1 
ATOM   94   N  NE2 . HIS A 1 60  ? 7.854   22.629  -4.881  1.00 29.80 ? 37   HIS A NE2 1 
ATOM   95   N  N   . PRO A 1 61  ? 11.067  17.365  -2.131  1.00 19.41 ? 38   PRO A N   1 
ATOM   96   C  CA  . PRO A 1 61  ? 11.405  16.148  -1.408  1.00 18.81 ? 38   PRO A CA  1 
ATOM   97   C  C   . PRO A 1 61  ? 10.218  15.546  -0.686  1.00 18.32 ? 38   PRO A C   1 
ATOM   98   O  O   . PRO A 1 61  ? 9.303   16.252  -0.315  1.00 19.17 ? 38   PRO A O   1 
ATOM   99   C  CB  . PRO A 1 61  ? 12.422  16.630  -0.373  1.00 19.17 ? 38   PRO A CB  1 
ATOM   100  C  CG  . PRO A 1 61  ? 12.170  18.053  -0.214  1.00 18.92 ? 38   PRO A CG  1 
ATOM   101  C  CD  . PRO A 1 61  ? 11.698  18.552  -1.522  1.00 19.51 ? 38   PRO A CD  1 
ATOM   102  N  N   . LEU A 1 62  ? 10.235  14.240  -0.515  1.00 17.87 ? 39   LEU A N   1 
ATOM   103  C  CA  . LEU A 1 62  ? 9.263   13.521  0.275   1.00 17.51 ? 39   LEU A CA  1 
ATOM   104  C  C   . LEU A 1 62  ? 9.883   13.168  1.638   1.00 18.32 ? 39   LEU A C   1 
ATOM   105  O  O   . LEU A 1 62  ? 11.105  12.951  1.739   1.00 18.76 ? 39   LEU A O   1 
ATOM   106  C  CB  . LEU A 1 62  ? 8.874   12.229  -0.465  1.00 16.66 ? 39   LEU A CB  1 
ATOM   107  C  CG  . LEU A 1 62  ? 8.055   12.344  -1.770  1.00 15.61 ? 39   LEU A CG  1 
ATOM   108  C  CD1 . LEU A 1 62  ? 7.787   11.001  -2.488  1.00 9.72  ? 39   LEU A CD1 1 
ATOM   109  C  CD2 . LEU A 1 62  ? 6.761   13.039  -1.453  1.00 12.80 ? 39   LEU A CD2 1 
ATOM   110  N  N   . GLN A 1 63  ? 9.052   13.083  2.679   1.00 19.03 ? 40   GLN A N   1 
ATOM   111  C  CA  . GLN A 1 63  ? 9.485   12.562  3.983   1.00 19.88 ? 40   GLN A CA  1 
ATOM   112  C  C   . GLN A 1 63  ? 10.340  11.301  3.822   1.00 19.17 ? 40   GLN A C   1 
ATOM   113  O  O   . GLN A 1 63  ? 11.406  11.236  4.388   1.00 19.39 ? 40   GLN A O   1 
ATOM   114  C  CB  . GLN A 1 63  ? 8.266   12.249  4.857   1.00 21.59 ? 40   GLN A CB  1 
ATOM   115  C  CG  . GLN A 1 63  ? 8.566   11.644  6.231   1.00 24.95 ? 40   GLN A CG  1 
ATOM   116  C  CD  . GLN A 1 63  ? 9.135   12.680  7.166   1.00 30.82 ? 40   GLN A CD  1 
ATOM   117  O  OE1 . GLN A 1 63  ? 8.506   13.724  7.396   1.00 33.06 ? 40   GLN A OE1 1 
ATOM   118  N  NE2 . GLN A 1 63  ? 10.345  12.426  7.684   1.00 30.88 ? 40   GLN A NE2 1 
ATOM   119  N  N   . ASN A 1 64  ? 9.878   10.316  3.038   1.00 18.51 ? 41   ASN A N   1 
ATOM   120  C  CA  . ASN A 1 64  ? 10.600  9.046   2.835   1.00 17.63 ? 41   ASN A CA  1 
ATOM   121  C  C   . ASN A 1 64  ? 10.943  8.761   1.367   1.00 17.04 ? 41   ASN A C   1 
ATOM   122  O  O   . ASN A 1 64  ? 10.329  9.335   0.490   1.00 17.25 ? 41   ASN A O   1 
ATOM   123  C  CB  . ASN A 1 64  ? 9.750   7.895   3.367   1.00 18.59 ? 41   ASN A CB  1 
ATOM   124  C  CG  . ASN A 1 64  ? 9.712   7.829   4.895   1.00 18.68 ? 41   ASN A CG  1 
ATOM   125  O  OD1 . ASN A 1 64  ? 8.713   8.189   5.524   1.00 19.89 ? 41   ASN A OD1 1 
ATOM   126  N  ND2 . ASN A 1 64  ? 10.771  7.327   5.480   1.00 16.18 ? 41   ASN A ND2 1 
ATOM   127  N  N   . ARG A 1 65  ? 11.929  7.898   1.107   1.00 16.58 ? 42   ARG A N   1 
ATOM   128  C  CA  . ARG A 1 65  ? 12.123  7.260   -0.210  1.00 16.28 ? 42   ARG A CA  1 
ATOM   129  C  C   . ARG A 1 65  ? 11.274  5.994   -0.333  1.00 15.57 ? 42   ARG A C   1 
ATOM   130  O  O   . ARG A 1 65  ? 11.231  5.171   0.603   1.00 15.39 ? 42   ARG A O   1 
ATOM   131  C  CB  . ARG A 1 65  ? 13.596  6.877   -0.442  1.00 16.46 ? 42   ARG A CB  1 
ATOM   132  C  CG  . ARG A 1 65  ? 13.847  6.188   -1.826  1.00 19.34 ? 42   ARG A CG  1 
ATOM   133  C  CD  . ARG A 1 65  ? 15.326  5.745   -2.117  1.00 23.05 ? 42   ARG A CD  1 
ATOM   134  N  NE  . ARG A 1 65  ? 16.182  6.859   -2.523  1.00 26.45 ? 42   ARG A NE  1 
ATOM   135  C  CZ  . ARG A 1 65  ? 17.271  7.283   -1.860  1.00 29.40 ? 42   ARG A CZ  1 
ATOM   136  N  NH1 . ARG A 1 65  ? 17.694  6.678   -0.752  1.00 27.93 ? 42   ARG A NH1 1 
ATOM   137  N  NH2 . ARG A 1 65  ? 17.960  8.328   -2.314  1.00 30.44 ? 42   ARG A NH2 1 
ATOM   138  N  N   . TRP A 1 66  ? 10.639  5.804   -1.492  1.00 14.69 ? 43   TRP A N   1 
ATOM   139  C  CA  . TRP A 1 66  ? 9.751   4.650   -1.679  1.00 12.97 ? 43   TRP A CA  1 
ATOM   140  C  C   . TRP A 1 66  ? 10.163  3.760   -2.840  1.00 13.35 ? 43   TRP A C   1 
ATOM   141  O  O   . TRP A 1 66  ? 10.761  4.214   -3.806  1.00 12.94 ? 43   TRP A O   1 
ATOM   142  C  CB  . TRP A 1 66  ? 8.306   5.120   -1.826  1.00 12.20 ? 43   TRP A CB  1 
ATOM   143  C  CG  . TRP A 1 66  ? 7.792   5.948   -0.601  1.00 10.98 ? 43   TRP A CG  1 
ATOM   144  C  CD1 . TRP A 1 66  ? 7.988   7.269   -0.382  1.00 9.38  ? 43   TRP A CD1 1 
ATOM   145  C  CD2 . TRP A 1 66  ? 7.007   5.470   0.511   1.00 9.26  ? 43   TRP A CD2 1 
ATOM   146  N  NE1 . TRP A 1 66  ? 7.378   7.662   0.784   1.00 12.68 ? 43   TRP A NE1 1 
ATOM   147  C  CE2 . TRP A 1 66  ? 6.772   6.571   1.357   1.00 13.16 ? 43   TRP A CE2 1 
ATOM   148  C  CE3 . TRP A 1 66  ? 6.508   4.210   0.890   1.00 10.62 ? 43   TRP A CE3 1 
ATOM   149  C  CZ2 . TRP A 1 66  ? 6.029   6.460   2.562   1.00 14.16 ? 43   TRP A CZ2 1 
ATOM   150  C  CZ3 . TRP A 1 66  ? 5.779   4.086   2.087   1.00 9.93  ? 43   TRP A CZ3 1 
ATOM   151  C  CH2 . TRP A 1 66  ? 5.560   5.206   2.914   1.00 12.81 ? 43   TRP A CH2 1 
ATOM   152  N  N   . ALA A 1 67  ? 9.836   2.482   -2.733  1.00 13.52 ? 44   ALA A N   1 
ATOM   153  C  CA  . ALA A 1 67  ? 10.138  1.522   -3.751  1.00 14.48 ? 44   ALA A CA  1 
ATOM   154  C  C   . ALA A 1 67  ? 8.836   0.959   -4.309  1.00 15.40 ? 44   ALA A C   1 
ATOM   155  O  O   . ALA A 1 67  ? 8.007   0.470   -3.540  1.00 15.94 ? 44   ALA A O   1 
ATOM   156  C  CB  . ALA A 1 67  ? 10.996  0.404   -3.165  1.00 14.21 ? 44   ALA A CB  1 
ATOM   157  N  N   . LEU A 1 68  ? 8.655   1.031   -5.636  1.00 16.07 ? 45   LEU A N   1 
ATOM   158  C  CA  . LEU A 1 68  ? 7.467   0.465   -6.295  1.00 15.69 ? 45   LEU A CA  1 
ATOM   159  C  C   . LEU A 1 68  ? 7.832   -0.894  -6.865  1.00 16.66 ? 45   LEU A C   1 
ATOM   160  O  O   . LEU A 1 68  ? 8.788   -1.012  -7.647  1.00 17.12 ? 45   LEU A O   1 
ATOM   161  C  CB  . LEU A 1 68  ? 6.947   1.368   -7.423  1.00 15.09 ? 45   LEU A CB  1 
ATOM   162  C  CG  . LEU A 1 68  ? 5.605   0.876   -8.014  1.00 14.05 ? 45   LEU A CG  1 
ATOM   163  C  CD1 . LEU A 1 68  ? 4.417   1.209   -7.099  1.00 8.59  ? 45   LEU A CD1 1 
ATOM   164  C  CD2 . LEU A 1 68  ? 5.367   1.390   -9.392  1.00 11.06 ? 45   LEU A CD2 1 
ATOM   165  N  N   . TRP A 1 69  ? 7.072   -1.914  -6.477  1.00 16.88 ? 46   TRP A N   1 
ATOM   166  C  CA  . TRP A 1 69  ? 7.318   -3.276  -6.895  1.00 17.33 ? 46   TRP A CA  1 
ATOM   167  C  C   . TRP A 1 69  ? 6.166   -3.705  -7.772  1.00 18.27 ? 46   TRP A C   1 
ATOM   168  O  O   . TRP A 1 69  ? 5.057   -3.197  -7.641  1.00 18.37 ? 46   TRP A O   1 
ATOM   169  C  CB  . TRP A 1 69  ? 7.344   -4.202  -5.672  1.00 17.59 ? 46   TRP A CB  1 
ATOM   170  C  CG  . TRP A 1 69  ? 8.518   -3.969  -4.712  1.00 16.67 ? 46   TRP A CG  1 
ATOM   171  C  CD1 . TRP A 1 69  ? 8.629   -2.977  -3.791  1.00 16.34 ? 46   TRP A CD1 1 
ATOM   172  C  CD2 . TRP A 1 69  ? 9.716   -4.738  -4.621  1.00 14.99 ? 46   TRP A CD2 1 
ATOM   173  N  NE1 . TRP A 1 69  ? 9.824   -3.076  -3.133  1.00 16.75 ? 46   TRP A NE1 1 
ATOM   174  C  CE2 . TRP A 1 69  ? 10.512  -4.152  -3.620  1.00 15.78 ? 46   TRP A CE2 1 
ATOM   175  C  CE3 . TRP A 1 69  ? 10.206  -5.863  -5.310  1.00 18.60 ? 46   TRP A CE3 1 
ATOM   176  C  CZ2 . TRP A 1 69  ? 11.767  -4.671  -3.239  1.00 16.91 ? 46   TRP A CZ2 1 
ATOM   177  C  CZ3 . TRP A 1 69  ? 11.474  -6.375  -4.961  1.00 19.29 ? 46   TRP A CZ3 1 
ATOM   178  C  CH2 . TRP A 1 69  ? 12.234  -5.783  -3.918  1.00 17.27 ? 46   TRP A CH2 1 
ATOM   179  N  N   . PHE A 1 70  ? 6.440   -4.666  -8.644  1.00 18.78 ? 47   PHE A N   1 
ATOM   180  C  CA  . PHE A 1 70  ? 5.440   -5.325  -9.456  1.00 19.27 ? 47   PHE A CA  1 
ATOM   181  C  C   . PHE A 1 70  ? 5.586   -6.869  -9.316  1.00 20.67 ? 47   PHE A C   1 
ATOM   182  O  O   . PHE A 1 70  ? 6.683   -7.398  -9.072  1.00 20.16 ? 47   PHE A O   1 
ATOM   183  C  CB  . PHE A 1 70  ? 5.615   -4.870  -10.911 1.00 18.75 ? 47   PHE A CB  1 
ATOM   184  C  CG  . PHE A 1 70  ? 4.666   -5.494  -11.869 1.00 16.29 ? 47   PHE A CG  1 
ATOM   185  C  CD1 . PHE A 1 70  ? 3.377   -4.988  -12.028 1.00 16.47 ? 47   PHE A CD1 1 
ATOM   186  C  CD2 . PHE A 1 70  ? 5.055   -6.563  -12.646 1.00 16.25 ? 47   PHE A CD2 1 
ATOM   187  C  CE1 . PHE A 1 70  ? 2.468   -5.553  -12.942 1.00 14.76 ? 47   PHE A CE1 1 
ATOM   188  C  CE2 . PHE A 1 70  ? 4.153   -7.139  -13.574 1.00 17.02 ? 47   PHE A CE2 1 
ATOM   189  C  CZ  . PHE A 1 70  ? 2.854   -6.628  -13.714 1.00 15.05 ? 47   PHE A CZ  1 
ATOM   190  N  N   . PHE A 1 71  ? 4.466   -7.569  -9.478  1.00 22.52 ? 48   PHE A N   1 
ATOM   191  C  CA  . PHE A 1 71  ? 4.399   -9.021  -9.449  1.00 24.59 ? 48   PHE A CA  1 
ATOM   192  C  C   . PHE A 1 71  ? 3.620   -9.545  -10.652 1.00 26.21 ? 48   PHE A C   1 
ATOM   193  O  O   . PHE A 1 71  ? 2.522   -9.107  -10.905 1.00 25.40 ? 48   PHE A O   1 
ATOM   194  C  CB  . PHE A 1 71  ? 3.683   -9.458  -8.169  1.00 24.40 ? 48   PHE A CB  1 
ATOM   195  C  CG  . PHE A 1 71  ? 3.662   -10.951 -7.962  1.00 25.24 ? 48   PHE A CG  1 
ATOM   196  C  CD1 . PHE A 1 71  ? 4.591   -11.565 -7.114  1.00 26.27 ? 48   PHE A CD1 1 
ATOM   197  C  CD2 . PHE A 1 71  ? 2.712   -11.747 -8.605  1.00 25.57 ? 48   PHE A CD2 1 
ATOM   198  C  CE1 . PHE A 1 71  ? 4.561   -12.954 -6.905  1.00 26.10 ? 48   PHE A CE1 1 
ATOM   199  C  CE2 . PHE A 1 71  ? 2.688   -13.110 -8.421  1.00 25.32 ? 48   PHE A CE2 1 
ATOM   200  C  CZ  . PHE A 1 71  ? 3.610   -13.717 -7.561  1.00 26.45 ? 48   PHE A CZ  1 
ATOM   201  N  N   . LYS A 1 72  ? 4.198   -10.486 -11.391 1.00 29.80 ? 49   LYS A N   1 
ATOM   202  C  CA  . LYS A 1 72  ? 3.468   -11.232 -12.416 1.00 33.49 ? 49   LYS A CA  1 
ATOM   203  C  C   . LYS A 1 72  ? 3.432   -12.709 -12.054 1.00 35.96 ? 49   LYS A C   1 
ATOM   204  O  O   . LYS A 1 72  ? 4.465   -13.318 -11.773 1.00 36.81 ? 49   LYS A O   1 
ATOM   205  C  CB  . LYS A 1 72  ? 4.102   -11.054 -13.794 1.00 33.34 ? 49   LYS A CB  1 
ATOM   206  C  CG  . LYS A 1 72  ? 3.327   -11.790 -14.882 1.00 36.33 ? 49   LYS A CG  1 
ATOM   207  C  CD  . LYS A 1 72  ? 3.094   -10.938 -16.145 1.00 38.53 ? 49   LYS A CD  1 
ATOM   208  C  CE  . LYS A 1 72  ? 2.346   -11.727 -17.235 1.00 38.26 ? 49   LYS A CE  1 
ATOM   209  N  NZ  . LYS A 1 72  ? 0.898   -11.950 -16.900 1.00 39.89 ? 49   LYS A NZ  1 
ATOM   210  N  N   . ASN A 1 73  ? 2.257   -13.311 -12.043 1.00 39.19 ? 50   ASN A N   1 
ATOM   211  C  CA  . ASN A 1 73  ? 2.225   -14.724 -11.727 1.00 42.22 ? 50   ASN A CA  1 
ATOM   212  C  C   . ASN A 1 73  ? 2.892   -15.486 -12.848 1.00 44.26 ? 50   ASN A C   1 
ATOM   213  O  O   . ASN A 1 73  ? 2.625   -15.220 -14.033 1.00 44.91 ? 50   ASN A O   1 
ATOM   214  C  CB  . ASN A 1 73  ? 0.806   -15.240 -11.479 1.00 42.31 ? 50   ASN A CB  1 
ATOM   215  C  CG  . ASN A 1 73  ? 0.768   -16.348 -10.425 1.00 43.52 ? 50   ASN A CG  1 
ATOM   216  O  OD1 . ASN A 1 73  ? 1.788   -16.666 -9.790  1.00 43.12 ? 50   ASN A OD1 1 
ATOM   217  N  ND2 . ASN A 1 73  ? -0.417  -16.938 -10.228 1.00 43.83 ? 50   ASN A ND2 1 
ATOM   218  N  N   . ASP A 1 74  ? 3.806   -16.380 -12.470 1.00 46.60 ? 51   ASP A N   1 
ATOM   219  C  CA  . ASP A 1 74  ? 4.350   -17.402 -13.379 1.00 48.64 ? 51   ASP A CA  1 
ATOM   220  C  C   . ASP A 1 74  ? 4.304   -18.695 -12.581 1.00 49.45 ? 51   ASP A C   1 
ATOM   221  O  O   . ASP A 1 74  ? 4.857   -18.750 -11.471 1.00 49.86 ? 51   ASP A O   1 
ATOM   222  C  CB  . ASP A 1 74  ? 5.789   -17.074 -13.787 1.00 48.78 ? 51   ASP A CB  1 
ATOM   223  C  CG  . ASP A 1 74  ? 6.255   -17.871 -14.997 1.00 50.57 ? 51   ASP A CG  1 
ATOM   224  O  OD1 . ASP A 1 74  ? 6.280   -19.132 -14.954 1.00 52.39 ? 51   ASP A OD1 1 
ATOM   225  O  OD2 . ASP A 1 74  ? 6.607   -17.218 -15.999 1.00 51.61 ? 51   ASP A OD2 1 
ATOM   226  N  N   . LYS A 1 75  ? 3.631   -19.720 -13.107 1.00 50.19 ? 52   LYS A N   1 
ATOM   227  C  CA  . LYS A 1 75  ? 3.356   -20.910 -12.275 1.00 50.98 ? 52   LYS A CA  1 
ATOM   228  C  C   . LYS A 1 75  ? 4.586   -21.813 -12.012 1.00 50.62 ? 52   LYS A C   1 
ATOM   229  O  O   . LYS A 1 75  ? 4.708   -22.434 -10.947 1.00 50.72 ? 52   LYS A O   1 
ATOM   230  C  CB  . LYS A 1 75  ? 2.134   -21.702 -12.792 1.00 51.37 ? 52   LYS A CB  1 
ATOM   231  C  CG  . LYS A 1 75  ? 1.266   -22.254 -11.662 1.00 52.53 ? 52   LYS A CG  1 
ATOM   232  C  CD  . LYS A 1 75  ? 0.653   -21.116 -10.822 1.00 54.83 ? 52   LYS A CD  1 
ATOM   233  C  CE  . LYS A 1 75  ? 1.005   -21.240 -9.326  1.00 56.36 ? 52   LYS A CE  1 
ATOM   234  N  NZ  . LYS A 1 75  ? 0.711   -22.589 -8.732  1.00 56.75 ? 52   LYS A NZ  1 
ATOM   235  N  N   . SER A 1 76  ? 5.503   -21.840 -12.975 1.00 50.32 ? 53   SER A N   1 
ATOM   236  C  CA  . SER A 1 76  ? 6.700   -22.682 -12.928 1.00 49.90 ? 53   SER A CA  1 
ATOM   237  C  C   . SER A 1 76  ? 7.749   -22.231 -11.904 1.00 49.35 ? 53   SER A C   1 
ATOM   238  O  O   . SER A 1 76  ? 8.733   -22.949 -11.675 1.00 49.46 ? 53   SER A O   1 
ATOM   239  C  CB  . SER A 1 76  ? 7.354   -22.679 -14.319 1.00 50.18 ? 53   SER A CB  1 
ATOM   240  O  OG  . SER A 1 76  ? 7.792   -21.368 -14.655 1.00 50.26 ? 53   SER A OG  1 
ATOM   241  N  N   . LYS A 1 77  ? 7.550   -21.035 -11.331 1.00 48.15 ? 54   LYS A N   1 
ATOM   242  C  CA  . LYS A 1 77  ? 8.567   -20.325 -10.543 1.00 46.54 ? 54   LYS A CA  1 
ATOM   243  C  C   . LYS A 1 77  ? 8.150   -20.222 -9.097  1.00 45.50 ? 54   LYS A C   1 
ATOM   244  O  O   . LYS A 1 77  ? 6.948   -20.363 -8.786  1.00 45.53 ? 54   LYS A O   1 
ATOM   245  C  CB  . LYS A 1 77  ? 8.756   -18.905 -11.064 1.00 46.36 ? 54   LYS A CB  1 
ATOM   246  C  CG  . LYS A 1 77  ? 9.679   -18.785 -12.229 1.00 46.48 ? 54   LYS A CG  1 
ATOM   247  C  CD  . LYS A 1 77  ? 10.039  -17.334 -12.462 1.00 47.57 ? 54   LYS A CD  1 
ATOM   248  C  CE  . LYS A 1 77  ? 10.009  -17.034 -13.949 1.00 48.86 ? 54   LYS A CE  1 
ATOM   249  N  NZ  . LYS A 1 77  ? 10.351  -15.619 -14.220 1.00 49.39 ? 54   LYS A NZ  1 
ATOM   250  N  N   . THR A 1 78  ? 9.122   -19.946 -8.215  1.00 43.33 ? 55   THR A N   1 
ATOM   251  C  CA  . THR A 1 78  ? 8.775   -19.675 -6.816  1.00 41.25 ? 55   THR A CA  1 
ATOM   252  C  C   . THR A 1 78  ? 8.101   -18.298 -6.696  1.00 40.02 ? 55   THR A C   1 
ATOM   253  O  O   . THR A 1 78  ? 8.377   -17.358 -7.474  1.00 40.38 ? 55   THR A O   1 
ATOM   254  C  CB  . THR A 1 78  ? 9.963   -19.850 -5.796  1.00 41.27 ? 55   THR A CB  1 
ATOM   255  O  OG1 . THR A 1 78  ? 10.803  -18.682 -5.778  1.00 40.58 ? 55   THR A OG1 1 
ATOM   256  C  CG2 . THR A 1 78  ? 10.787  -21.124 -6.092  1.00 40.51 ? 55   THR A CG2 1 
ATOM   257  N  N   . TRP A 1 79  ? 7.197   -18.196 -5.734  1.00 37.50 ? 56   TRP A N   1 
ATOM   258  C  CA  . TRP A 1 79  ? 6.504   -16.959 -5.480  1.00 35.41 ? 56   TRP A CA  1 
ATOM   259  C  C   . TRP A 1 79  ? 7.483   -15.783 -5.497  1.00 34.67 ? 56   TRP A C   1 
ATOM   260  O  O   . TRP A 1 79  ? 7.277   -14.841 -6.249  1.00 34.92 ? 56   TRP A O   1 
ATOM   261  C  CB  . TRP A 1 79  ? 5.715   -17.019 -4.154  1.00 34.70 ? 56   TRP A CB  1 
ATOM   262  C  CG  . TRP A 1 79  ? 4.957   -15.746 -3.876  1.00 32.32 ? 56   TRP A CG  1 
ATOM   263  C  CD1 . TRP A 1 79  ? 3.723   -15.396 -4.346  1.00 31.67 ? 56   TRP A CD1 1 
ATOM   264  C  CD2 . TRP A 1 79  ? 5.406   -14.651 -3.095  1.00 30.05 ? 56   TRP A CD2 1 
ATOM   265  N  NE1 . TRP A 1 79  ? 3.381   -14.153 -3.907  1.00 29.25 ? 56   TRP A NE1 1 
ATOM   266  C  CE2 . TRP A 1 79  ? 4.398   -13.677 -3.127  1.00 28.49 ? 56   TRP A CE2 1 
ATOM   267  C  CE3 . TRP A 1 79  ? 6.567   -14.401 -2.359  1.00 29.60 ? 56   TRP A CE3 1 
ATOM   268  C  CZ2 . TRP A 1 79  ? 4.517   -12.474 -2.460  1.00 28.87 ? 56   TRP A CZ2 1 
ATOM   269  C  CZ3 . TRP A 1 79  ? 6.674   -13.215 -1.700  1.00 28.93 ? 56   TRP A CZ3 1 
ATOM   270  C  CH2 . TRP A 1 79  ? 5.663   -12.259 -1.754  1.00 28.28 ? 56   TRP A CH2 1 
ATOM   271  N  N   . GLN A 1 80  ? 8.540   -15.866 -4.685  1.00 33.48 ? 57   GLN A N   1 
ATOM   272  C  CA  . GLN A 1 80  ? 9.510   -14.786 -4.484  1.00 32.47 ? 57   GLN A CA  1 
ATOM   273  C  C   . GLN A 1 80  ? 10.196  -14.336 -5.762  1.00 31.46 ? 57   GLN A C   1 
ATOM   274  O  O   . GLN A 1 80  ? 10.582  -13.172 -5.868  1.00 31.09 ? 57   GLN A O   1 
ATOM   275  C  CB  . GLN A 1 80  ? 10.572  -15.203 -3.459  1.00 32.53 ? 57   GLN A CB  1 
ATOM   276  C  CG  . GLN A 1 80  ? 11.259  -14.026 -2.802  1.00 34.51 ? 57   GLN A CG  1 
ATOM   277  C  CD  . GLN A 1 80  ? 12.373  -14.429 -1.851  1.00 37.16 ? 57   GLN A CD  1 
ATOM   278  O  OE1 . GLN A 1 80  ? 13.478  -13.872 -1.899  1.00 37.78 ? 57   GLN A OE1 1 
ATOM   279  N  NE2 . GLN A 1 80  ? 12.089  -15.401 -0.973  1.00 37.69 ? 57   GLN A NE2 1 
ATOM   280  N  N   . ALA A 1 81  ? 10.332  -15.256 -6.727  1.00 30.52 ? 58   ALA A N   1 
ATOM   281  C  CA  . ALA A 1 81  ? 10.986  -14.980 -8.019  1.00 29.83 ? 58   ALA A CA  1 
ATOM   282  C  C   . ALA A 1 81  ? 10.183  -14.064 -8.946  1.00 29.42 ? 58   ALA A C   1 
ATOM   283  O  O   . ALA A 1 81  ? 10.741  -13.419 -9.840  1.00 29.71 ? 58   ALA A O   1 
ATOM   284  C  CB  . ALA A 1 81  ? 11.275  -16.281 -8.738  1.00 30.22 ? 58   ALA A CB  1 
ATOM   285  N  N   . ASN A 1 82  ? 8.865   -14.048 -8.749  1.00 28.77 ? 59   ASN A N   1 
ATOM   286  C  CA  . ASN A 1 82  ? 7.935   -13.236 -9.534  1.00 27.87 ? 59   ASN A CA  1 
ATOM   287  C  C   . ASN A 1 82  ? 7.841   -11.778 -9.103  1.00 27.02 ? 59   ASN A C   1 
ATOM   288  O  O   . ASN A 1 82  ? 7.251   -10.969 -9.814  1.00 26.95 ? 59   ASN A O   1 
ATOM   289  C  CB  . ASN A 1 82  ? 6.533   -13.848 -9.496  1.00 28.04 ? 59   ASN A CB  1 
ATOM   290  C  CG  . ASN A 1 82  ? 6.475   -15.230 -10.138 1.00 28.73 ? 59   ASN A CG  1 
ATOM   291  O  OD1 . ASN A 1 82  ? 7.093   -15.458 -11.188 1.00 28.66 ? 59   ASN A OD1 1 
ATOM   292  N  ND2 . ASN A 1 82  ? 5.721   -16.160 -9.512  1.00 26.22 ? 59   ASN A ND2 1 
ATOM   293  N  N   . LEU A 1 83  ? 8.429   -11.446 -7.953  1.00 26.13 ? 60   LEU A N   1 
ATOM   294  C  CA  . LEU A 1 83  ? 8.312   -10.105 -7.362  1.00 25.35 ? 60   LEU A CA  1 
ATOM   295  C  C   . LEU A 1 83  ? 9.485   -9.213  -7.784  1.00 25.37 ? 60   LEU A C   1 
ATOM   296  O  O   . LEU A 1 83  ? 10.565  -9.295  -7.249  1.00 25.94 ? 60   LEU A O   1 
ATOM   297  C  CB  . LEU A 1 83  ? 8.175   -10.252 -5.828  1.00 24.70 ? 60   LEU A CB  1 
ATOM   298  C  CG  . LEU A 1 83  ? 8.034   -9.115  -4.814  1.00 22.96 ? 60   LEU A CG  1 
ATOM   299  C  CD1 . LEU A 1 83  ? 6.727   -8.381  -4.932  1.00 19.31 ? 60   LEU A CD1 1 
ATOM   300  C  CD2 . LEU A 1 83  ? 8.170   -9.673  -3.433  1.00 22.28 ? 60   LEU A CD2 1 
ATOM   301  N  N   . ARG A 1 84  ? 9.295   -8.368  -8.776  1.00 25.81 ? 61   ARG A N   1 
ATOM   302  C  CA  . ARG A 1 84  ? 10.417  -7.554  -9.236  1.00 25.78 ? 61   ARG A CA  1 
ATOM   303  C  C   . ARG A 1 84  ? 10.266  -6.072  -8.862  1.00 24.67 ? 61   ARG A C   1 
ATOM   304  O  O   . ARG A 1 84  ? 9.160   -5.545  -8.754  1.00 24.85 ? 61   ARG A O   1 
ATOM   305  C  CB  . ARG A 1 84  ? 10.642  -7.753  -10.746 1.00 27.09 ? 61   ARG A CB  1 
ATOM   306  C  CG  . ARG A 1 84  ? 11.289  -9.133  -11.206 1.00 31.15 ? 61   ARG A CG  1 
ATOM   307  C  CD  . ARG A 1 84  ? 12.819  -9.207  -10.940 1.00 37.63 ? 61   ARG A CD  1 
ATOM   308  N  NE  . ARG A 1 84  ? 13.334  -10.584 -10.869 1.00 43.19 ? 61   ARG A NE  1 
ATOM   309  C  CZ  . ARG A 1 84  ? 13.301  -11.365 -9.776  1.00 46.66 ? 61   ARG A CZ  1 
ATOM   310  N  NH1 . ARG A 1 84  ? 13.805  -12.604 -9.836  1.00 46.81 ? 61   ARG A NH1 1 
ATOM   311  N  NH2 . ARG A 1 84  ? 12.759  -10.932 -8.621  1.00 45.67 ? 61   ARG A NH2 1 
ATOM   312  N  N   . LEU A 1 85  ? 11.389  -5.419  -8.604  1.00 23.60 ? 62   LEU A N   1 
ATOM   313  C  CA  . LEU A 1 85  ? 11.401  -4.029  -8.214  1.00 22.33 ? 62   LEU A CA  1 
ATOM   314  C  C   . LEU A 1 85  ? 11.307  -3.189  -9.495  1.00 22.13 ? 62   LEU A C   1 
ATOM   315  O  O   . LEU A 1 85  ? 12.061  -3.425  -10.427 1.00 22.95 ? 62   LEU A O   1 
ATOM   316  C  CB  . LEU A 1 85  ? 12.676  -3.713  -7.408  1.00 21.39 ? 62   LEU A CB  1 
ATOM   317  C  CG  . LEU A 1 85  ? 13.089  -2.233  -7.245  1.00 20.77 ? 62   LEU A CG  1 
ATOM   318  C  CD1 . LEU A 1 85  ? 12.151  -1.438  -6.358  1.00 17.84 ? 62   LEU A CD1 1 
ATOM   319  C  CD2 . LEU A 1 85  ? 14.531  -2.027  -6.778  1.00 20.65 ? 62   LEU A CD2 1 
ATOM   320  N  N   . ILE A 1 86  ? 10.371  -2.241  -9.568  1.00 21.69 ? 63   ILE A N   1 
ATOM   321  C  CA  . ILE A 1 86  ? 10.254  -1.397  -10.757 1.00 20.99 ? 63   ILE A CA  1 
ATOM   322  C  C   . ILE A 1 86  ? 11.281  -0.275  -10.657 1.00 21.72 ? 63   ILE A C   1 
ATOM   323  O  O   . ILE A 1 86  ? 12.240  -0.247  -11.454 1.00 21.85 ? 63   ILE A O   1 
ATOM   324  C  CB  . ILE A 1 86  ? 8.873   -0.788  -10.950 1.00 20.12 ? 63   ILE A CB  1 
ATOM   325  C  CG1 . ILE A 1 86  ? 7.832   -1.887  -11.200 1.00 20.17 ? 63   ILE A CG1 1 
ATOM   326  C  CG2 . ILE A 1 86  ? 8.934   0.237   -12.090 1.00 18.90 ? 63   ILE A CG2 1 
ATOM   327  C  CD1 . ILE A 1 86  ? 6.429   -1.370  -11.678 1.00 16.55 ? 63   ILE A CD1 1 
ATOM   328  N  N   . SER A 1 87  ? 11.072  0.640   -9.695  1.00 21.28 ? 64   SER A N   1 
ATOM   329  C  CA  . SER A 1 87  ? 12.018  1.709   -9.399  1.00 21.55 ? 64   SER A CA  1 
ATOM   330  C  C   . SER A 1 87  ? 11.754  2.377   -8.030  1.00 21.02 ? 64   SER A C   1 
ATOM   331  O  O   . SER A 1 87  ? 10.788  2.023   -7.339  1.00 20.82 ? 64   SER A O   1 
ATOM   332  C  CB  . SER A 1 87  ? 12.078  2.744   -10.562 1.00 22.32 ? 64   SER A CB  1 
ATOM   333  O  OG  . SER A 1 87  ? 11.009  3.688   -10.521 1.00 23.85 ? 64   SER A OG  1 
ATOM   334  N  N   . LYS A 1 88  ? 12.629  3.320   -7.653  1.00 20.58 ? 65   LYS A N   1 
ATOM   335  C  CA  . LYS A 1 88  ? 12.515  4.121   -6.411  1.00 20.21 ? 65   LYS A CA  1 
ATOM   336  C  C   . LYS A 1 88  ? 12.427  5.624   -6.684  1.00 19.77 ? 65   LYS A C   1 
ATOM   337  O  O   . LYS A 1 88  ? 12.880  6.103   -7.729  1.00 20.79 ? 65   LYS A O   1 
ATOM   338  C  CB  . LYS A 1 88  ? 13.691  3.861   -5.461  1.00 19.67 ? 65   LYS A CB  1 
ATOM   339  C  CG  . LYS A 1 88  ? 13.834  2.417   -5.081  1.00 21.53 ? 65   LYS A CG  1 
ATOM   340  C  CD  . LYS A 1 88  ? 15.119  2.130   -4.264  1.00 24.68 ? 65   LYS A CD  1 
ATOM   341  C  CE  . LYS A 1 88  ? 15.129  0.642   -3.856  1.00 24.69 ? 65   LYS A CE  1 
ATOM   342  N  NZ  . LYS A 1 88  ? 15.993  0.293   -2.711  1.00 24.04 ? 65   LYS A NZ  1 
ATOM   343  N  N   . PHE A 1 89  ? 11.857  6.362   -5.737  1.00 18.41 ? 66   PHE A N   1 
ATOM   344  C  CA  . PHE A 1 89  ? 11.679  7.789   -5.857  1.00 16.91 ? 66   PHE A CA  1 
ATOM   345  C  C   . PHE A 1 89  ? 11.545  8.375   -4.446  1.00 17.43 ? 66   PHE A C   1 
ATOM   346  O  O   . PHE A 1 89  ? 11.014  7.721   -3.515  1.00 17.64 ? 66   PHE A O   1 
ATOM   347  C  CB  . PHE A 1 89  ? 10.448  8.124   -6.715  1.00 16.35 ? 66   PHE A CB  1 
ATOM   348  C  CG  . PHE A 1 89  ? 9.145   7.679   -6.106  1.00 14.83 ? 66   PHE A CG  1 
ATOM   349  C  CD1 . PHE A 1 89  ? 8.446   8.502   -5.216  1.00 13.55 ? 66   PHE A CD1 1 
ATOM   350  C  CD2 . PHE A 1 89  ? 8.616   6.431   -6.400  1.00 14.01 ? 66   PHE A CD2 1 
ATOM   351  C  CE1 . PHE A 1 89  ? 7.255   8.074   -4.626  1.00 10.93 ? 66   PHE A CE1 1 
ATOM   352  C  CE2 . PHE A 1 89  ? 7.413   5.999   -5.808  1.00 11.02 ? 66   PHE A CE2 1 
ATOM   353  C  CZ  . PHE A 1 89  ? 6.743   6.823   -4.919  1.00 10.42 ? 66   PHE A CZ  1 
ATOM   354  N  N   . ASP A 1 90  ? 12.021  9.611   -4.301  1.00 17.19 ? 67   ASP A N   1 
ATOM   355  C  CA  . ASP A 1 90  ? 11.914  10.353  -3.054  1.00 16.66 ? 67   ASP A CA  1 
ATOM   356  C  C   . ASP A 1 90  ? 11.474  11.818  -3.247  1.00 15.65 ? 67   ASP A C   1 
ATOM   357  O  O   . ASP A 1 90  ? 11.624  12.624  -2.340  1.00 15.28 ? 67   ASP A O   1 
ATOM   358  C  CB  . ASP A 1 90  ? 13.230  10.278  -2.273  1.00 17.27 ? 67   ASP A CB  1 
ATOM   359  C  CG  . ASP A 1 90  ? 14.412  10.847  -3.065  1.00 19.35 ? 67   ASP A CG  1 
ATOM   360  O  OD1 . ASP A 1 90  ? 14.166  11.649  -3.983  1.00 19.13 ? 67   ASP A OD1 1 
ATOM   361  O  OD2 . ASP A 1 90  ? 15.573  10.457  -2.791  1.00 22.79 ? 67   ASP A OD2 1 
ATOM   362  N  N   . THR A 1 91  ? 10.933  12.163  -4.410  1.00 15.09 ? 68   THR A N   1 
ATOM   363  C  CA  . THR A 1 91  ? 10.292  13.479  -4.595  1.00 14.42 ? 68   THR A CA  1 
ATOM   364  C  C   . THR A 1 91  ? 8.876   13.355  -5.174  1.00 14.73 ? 68   THR A C   1 
ATOM   365  O  O   . THR A 1 91  ? 8.490   12.287  -5.742  1.00 14.16 ? 68   THR A O   1 
ATOM   366  C  CB  . THR A 1 91  ? 11.110  14.414  -5.541  1.00 14.73 ? 68   THR A CB  1 
ATOM   367  O  OG1 . THR A 1 91  ? 11.025  13.914  -6.894  1.00 14.26 ? 68   THR A OG1 1 
ATOM   368  C  CG2 . THR A 1 91  ? 12.588  14.549  -5.094  1.00 12.03 ? 68   THR A CG2 1 
ATOM   369  N  N   . VAL A 1 92  ? 8.124   14.461  -5.069  1.00 14.50 ? 69   VAL A N   1 
ATOM   370  C  CA  . VAL A 1 92  ? 6.782   14.568  -5.650  1.00 13.99 ? 69   VAL A CA  1 
ATOM   371  C  C   . VAL A 1 92  ? 6.889   14.418  -7.165  1.00 14.39 ? 69   VAL A C   1 
ATOM   372  O  O   . VAL A 1 92  ? 6.226   13.571  -7.761  1.00 15.22 ? 69   VAL A O   1 
ATOM   373  C  CB  . VAL A 1 92  ? 6.152   15.930  -5.355  1.00 14.09 ? 69   VAL A CB  1 
ATOM   374  C  CG1 . VAL A 1 92  ? 4.807   16.078  -6.092  1.00 13.42 ? 69   VAL A CG1 1 
ATOM   375  C  CG2 . VAL A 1 92  ? 5.982   16.113  -3.872  1.00 14.53 ? 69   VAL A CG2 1 
ATOM   376  N  N   . GLU A 1 93  ? 7.727   15.236  -7.793  1.00 14.02 ? 70   GLU A N   1 
ATOM   377  C  CA  . GLU A 1 93  ? 7.916   15.183  -9.241  1.00 13.61 ? 70   GLU A CA  1 
ATOM   378  C  C   . GLU A 1 93  ? 8.215   13.759  -9.697  1.00 13.35 ? 70   GLU A C   1 
ATOM   379  O  O   . GLU A 1 93  ? 7.634   13.295  -10.669 1.00 13.64 ? 70   GLU A O   1 
ATOM   380  C  CB  . GLU A 1 93  ? 9.008   16.171  -9.668  1.00 13.49 ? 70   GLU A CB  1 
ATOM   381  C  CG  . GLU A 1 93  ? 8.553   17.663  -9.609  1.00 16.22 ? 70   GLU A CG  1 
ATOM   382  C  CD  . GLU A 1 93  ? 8.537   18.323  -8.191  1.00 18.61 ? 70   GLU A CD  1 
ATOM   383  O  OE1 . GLU A 1 93  ? 9.001   17.676  -7.212  1.00 17.56 ? 70   GLU A OE1 1 
ATOM   384  O  OE2 . GLU A 1 93  ? 8.072   19.515  -8.081  1.00 18.33 ? 70   GLU A OE2 1 
ATOM   385  N  N   . ASP A 1 94  ? 9.079   13.037  -8.979  1.00 12.44 ? 71   ASP A N   1 
ATOM   386  C  CA  . ASP A 1 94  ? 9.421   11.691  -9.412  1.00 11.72 ? 71   ASP A CA  1 
ATOM   387  C  C   . ASP A 1 94  ? 8.320   10.638  -9.209  1.00 11.66 ? 71   ASP A C   1 
ATOM   388  O  O   . ASP A 1 94  ? 8.211   9.681   -10.000 1.00 12.31 ? 71   ASP A O   1 
ATOM   389  C  CB  . ASP A 1 94  ? 10.714  11.236  -8.760  1.00 12.40 ? 71   ASP A CB  1 
ATOM   390  C  CG  . ASP A 1 94  ? 11.902  12.077  -9.185  1.00 13.84 ? 71   ASP A CG  1 
ATOM   391  O  OD1 . ASP A 1 94  ? 12.174  12.108  -10.389 1.00 14.48 ? 71   ASP A OD1 1 
ATOM   392  O  OD2 . ASP A 1 94  ? 12.555  12.714  -8.316  1.00 14.96 ? 71   ASP A OD2 1 
ATOM   393  N  N   . PHE A 1 95  ? 7.529   10.789  -8.155  1.00 10.88 ? 72   PHE A N   1 
ATOM   394  C  CA  . PHE A 1 95  ? 6.377   9.963   -7.979  1.00 10.44 ? 72   PHE A CA  1 
ATOM   395  C  C   . PHE A 1 95  ? 5.506   10.022  -9.233  1.00 10.73 ? 72   PHE A C   1 
ATOM   396  O  O   . PHE A 1 95  ? 5.176   8.997   -9.800  1.00 10.70 ? 72   PHE A O   1 
ATOM   397  C  CB  . PHE A 1 95  ? 5.564   10.410  -6.743  1.00 10.60 ? 72   PHE A CB  1 
ATOM   398  C  CG  . PHE A 1 95  ? 4.145   9.868   -6.733  1.00 10.74 ? 72   PHE A CG  1 
ATOM   399  C  CD1 . PHE A 1 95  ? 3.904   8.508   -6.491  1.00 9.54  ? 72   PHE A CD1 1 
ATOM   400  C  CD2 . PHE A 1 95  ? 3.075   10.691  -7.039  1.00 11.74 ? 72   PHE A CD2 1 
ATOM   401  C  CE1 . PHE A 1 95  ? 2.632   7.993   -6.516  1.00 10.95 ? 72   PHE A CE1 1 
ATOM   402  C  CE2 . PHE A 1 95  ? 1.767   10.170  -7.064  1.00 13.55 ? 72   PHE A CE2 1 
ATOM   403  C  CZ  . PHE A 1 95  ? 1.549   8.815   -6.793  1.00 10.44 ? 72   PHE A CZ  1 
ATOM   404  N  N   . TRP A 1 96  ? 5.124   11.227  -9.660  1.00 11.96 ? 73   TRP A N   1 
ATOM   405  C  CA  . TRP A 1 96  ? 4.166   11.399  -10.759 1.00 12.52 ? 73   TRP A CA  1 
ATOM   406  C  C   . TRP A 1 96  ? 4.746   10.939  -12.101 1.00 13.30 ? 73   TRP A C   1 
ATOM   407  O  O   . TRP A 1 96  ? 4.012   10.416  -12.944 1.00 14.37 ? 73   TRP A O   1 
ATOM   408  C  CB  . TRP A 1 96  ? 3.630   12.839  -10.836 1.00 11.85 ? 73   TRP A CB  1 
ATOM   409  C  CG  . TRP A 1 96  ? 2.722   13.233  -9.675  1.00 12.93 ? 73   TRP A CG  1 
ATOM   410  C  CD1 . TRP A 1 96  ? 3.019   14.110  -8.658  1.00 14.35 ? 73   TRP A CD1 1 
ATOM   411  C  CD2 . TRP A 1 96  ? 1.391   12.762  -9.413  1.00 13.45 ? 73   TRP A CD2 1 
ATOM   412  N  NE1 . TRP A 1 96  ? 1.955   14.229  -7.786  1.00 14.28 ? 73   TRP A NE1 1 
ATOM   413  C  CE2 . TRP A 1 96  ? 0.948   13.394  -8.209  1.00 15.47 ? 73   TRP A CE2 1 
ATOM   414  C  CE3 . TRP A 1 96  ? 0.542   11.838  -10.042 1.00 11.43 ? 73   TRP A CE3 1 
ATOM   415  C  CZ2 . TRP A 1 96  ? -0.325  13.135  -7.632  1.00 13.18 ? 73   TRP A CZ2 1 
ATOM   416  C  CZ3 . TRP A 1 96  ? -0.704  11.588  -9.486  1.00 13.27 ? 73   TRP A CZ3 1 
ATOM   417  C  CH2 . TRP A 1 96  ? -1.139  12.249  -8.289  1.00 13.34 ? 73   TRP A CH2 1 
ATOM   418  N  N   . ALA A 1 97  ? 6.048   11.100  -12.316 1.00 13.49 ? 74   ALA A N   1 
ATOM   419  C  CA  . ALA A 1 97  ? 6.632   10.567  -13.539 1.00 14.64 ? 74   ALA A CA  1 
ATOM   420  C  C   . ALA A 1 97  ? 6.439   9.046   -13.613 1.00 15.40 ? 74   ALA A C   1 
ATOM   421  O  O   . ALA A 1 97  ? 6.233   8.496   -14.698 1.00 16.72 ? 74   ALA A O   1 
ATOM   422  C  CB  . ALA A 1 97  ? 8.093   10.928  -13.658 1.00 14.20 ? 74   ALA A CB  1 
ATOM   423  N  N   . LEU A 1 98  ? 6.515   8.377   -12.465 1.00 15.31 ? 75   LEU A N   1 
ATOM   424  C  CA  . LEU A 1 98  ? 6.357   6.928   -12.396 1.00 15.20 ? 75   LEU A CA  1 
ATOM   425  C  C   . LEU A 1 98  ? 4.892   6.614   -12.567 1.00 15.35 ? 75   LEU A C   1 
ATOM   426  O  O   . LEU A 1 98  ? 4.528   5.961   -13.526 1.00 16.37 ? 75   LEU A O   1 
ATOM   427  C  CB  . LEU A 1 98  ? 6.849   6.399   -11.049 1.00 14.71 ? 75   LEU A CB  1 
ATOM   428  C  CG  . LEU A 1 98  ? 6.953   4.904   -10.724 1.00 15.33 ? 75   LEU A CG  1 
ATOM   429  C  CD1 . LEU A 1 98  ? 7.547   4.062   -11.892 1.00 12.80 ? 75   LEU A CD1 1 
ATOM   430  C  CD2 . LEU A 1 98  ? 7.768   4.741   -9.395  1.00 12.43 ? 75   LEU A CD2 1 
ATOM   431  N  N   . TYR A 1 99  ? 4.051   7.085   -11.642 1.00 15.02 ? 76   TYR A N   1 
ATOM   432  C  CA  . TYR A 1 99  ? 2.622   6.854   -11.731 1.00 14.95 ? 76   TYR A CA  1 
ATOM   433  C  C   . TYR A 1 99  ? 2.110   7.105   -13.159 1.00 16.16 ? 76   TYR A C   1 
ATOM   434  O  O   . TYR A 1 99  ? 1.478   6.218   -13.761 1.00 16.51 ? 76   TYR A O   1 
ATOM   435  C  CB  . TYR A 1 99  ? 1.863   7.718   -10.725 1.00 14.13 ? 76   TYR A CB  1 
ATOM   436  C  CG  . TYR A 1 99  ? 0.379   7.408   -10.660 1.00 11.32 ? 76   TYR A CG  1 
ATOM   437  C  CD1 . TYR A 1 99  ? -0.098  6.329   -9.927  1.00 8.55  ? 76   TYR A CD1 1 
ATOM   438  C  CD2 . TYR A 1 99  ? -0.531  8.199   -11.330 1.00 11.68 ? 76   TYR A CD2 1 
ATOM   439  C  CE1 . TYR A 1 99  ? -1.443  6.049   -9.857  1.00 10.58 ? 76   TYR A CE1 1 
ATOM   440  C  CE2 . TYR A 1 99  ? -1.882  7.932   -11.290 1.00 12.87 ? 76   TYR A CE2 1 
ATOM   441  C  CZ  . TYR A 1 99  ? -2.359  6.853   -10.541 1.00 13.56 ? 76   TYR A CZ  1 
ATOM   442  O  OH  . TYR A 1 99  ? -3.757  6.595   -10.522 1.00 12.79 ? 76   TYR A OH  1 
ATOM   443  N  N   . ASN A 1 100 ? 2.409   8.297   -13.694 1.00 16.86 ? 77   ASN A N   1 
ATOM   444  C  CA  . ASN A 1 100 ? 2.050   8.671   -15.058 1.00 17.42 ? 77   ASN A CA  1 
ATOM   445  C  C   . ASN A 1 100 ? 2.564   7.784   -16.193 1.00 17.33 ? 77   ASN A C   1 
ATOM   446  O  O   . ASN A 1 100 ? 1.969   7.786   -17.257 1.00 17.75 ? 77   ASN A O   1 
ATOM   447  C  CB  . ASN A 1 100 ? 2.374   10.147  -15.346 1.00 17.29 ? 77   ASN A CB  1 
ATOM   448  C  CG  . ASN A 1 100 ? 1.440   11.121  -14.609 1.00 18.35 ? 77   ASN A CG  1 
ATOM   449  O  OD1 . ASN A 1 100 ? 0.271   10.827  -14.286 1.00 19.31 ? 77   ASN A OD1 1 
ATOM   450  N  ND2 . ASN A 1 100 ? 1.960   12.301  -14.352 1.00 22.01 ? 77   ASN A ND2 1 
ATOM   451  N  N   . HIS A 1 101 ? 3.604   6.979   -16.001 1.00 17.36 ? 78   HIS A N   1 
ATOM   452  C  CA  . HIS A 1 101 ? 4.005   6.114   -17.139 1.00 18.36 ? 78   HIS A CA  1 
ATOM   453  C  C   . HIS A 1 101 ? 3.713   4.592   -17.042 1.00 17.35 ? 78   HIS A C   1 
ATOM   454  O  O   . HIS A 1 101 ? 3.998   3.798   -17.978 1.00 16.13 ? 78   HIS A O   1 
ATOM   455  C  CB  . HIS A 1 101 ? 5.419   6.462   -17.660 1.00 19.86 ? 78   HIS A CB  1 
ATOM   456  C  CG  . HIS A 1 101 ? 6.526   5.649   -17.078 1.00 24.99 ? 78   HIS A CG  1 
ATOM   457  N  ND1 . HIS A 1 101 ? 7.054   4.545   -17.723 1.00 30.99 ? 78   HIS A ND1 1 
ATOM   458  C  CD2 . HIS A 1 101 ? 7.274   5.824   -15.961 1.00 31.10 ? 78   HIS A CD2 1 
ATOM   459  C  CE1 . HIS A 1 101 ? 8.048   4.043   -17.004 1.00 32.96 ? 78   HIS A CE1 1 
ATOM   460  N  NE2 . HIS A 1 101 ? 8.207   4.803   -15.930 1.00 34.67 ? 78   HIS A NE2 1 
ATOM   461  N  N   . ILE A 1 102 ? 3.095   4.207   -15.925 1.00 15.97 ? 79   ILE A N   1 
ATOM   462  C  CA  . ILE A 1 102 ? 2.731   2.830   -15.712 1.00 14.69 ? 79   ILE A CA  1 
ATOM   463  C  C   . ILE A 1 102 ? 1.223   2.644   -15.855 1.00 14.65 ? 79   ILE A C   1 
ATOM   464  O  O   . ILE A 1 102 ? 0.435   3.589   -15.621 1.00 14.28 ? 79   ILE A O   1 
ATOM   465  C  CB  . ILE A 1 102 ? 3.258   2.316   -14.341 1.00 14.36 ? 79   ILE A CB  1 
ATOM   466  C  CG1 . ILE A 1 102 ? 2.488   2.910   -13.162 1.00 14.23 ? 79   ILE A CG1 1 
ATOM   467  C  CG2 . ILE A 1 102 ? 4.723   2.601   -14.209 1.00 12.14 ? 79   ILE A CG2 1 
ATOM   468  C  CD1 . ILE A 1 102 ? 3.011   2.423   -11.799 1.00 14.15 ? 79   ILE A CD1 1 
ATOM   469  N  N   . GLN A 1 103 ? 0.842   1.419   -16.213 1.00 14.21 ? 80   GLN A N   1 
ATOM   470  C  CA  . GLN A 1 103 ? -0.550  0.995   -16.353 1.00 14.37 ? 80   GLN A CA  1 
ATOM   471  C  C   . GLN A 1 103 ? -1.327  1.201   -15.069 1.00 14.47 ? 80   GLN A C   1 
ATOM   472  O  O   . GLN A 1 103 ? -0.819  0.897   -13.964 1.00 14.74 ? 80   GLN A O   1 
ATOM   473  C  CB  . GLN A 1 103 ? -0.628  -0.488  -16.682 1.00 14.42 ? 80   GLN A CB  1 
ATOM   474  C  CG  . GLN A 1 103 ? 0.070   -0.925  -17.940 1.00 17.00 ? 80   GLN A CG  1 
ATOM   475  C  CD  . GLN A 1 103 ? -0.829  -0.946  -19.159 1.00 21.08 ? 80   GLN A CD  1 
ATOM   476  O  OE1 . GLN A 1 103 ? -1.830  -0.213  -19.233 1.00 21.25 ? 80   GLN A OE1 1 
ATOM   477  N  NE2 . GLN A 1 103 ? -0.460  -1.772  -20.144 1.00 21.38 ? 80   GLN A NE2 1 
ATOM   478  N  N   . LEU A 1 104 ? -2.566  1.694   -15.223 1.00 14.25 ? 81   LEU A N   1 
ATOM   479  C  CA  . LEU A 1 104 ? -3.541  1.771   -14.129 1.00 14.21 ? 81   LEU A CA  1 
ATOM   480  C  C   . LEU A 1 104 ? -3.819  0.366   -13.608 1.00 14.35 ? 81   LEU A C   1 
ATOM   481  O  O   . LEU A 1 104 ? -3.862  -0.559  -14.404 1.00 13.51 ? 81   LEU A O   1 
ATOM   482  C  CB  . LEU A 1 104 ? -4.831  2.417   -14.632 1.00 13.63 ? 81   LEU A CB  1 
ATOM   483  C  CG  . LEU A 1 104 ? -4.753  3.920   -14.940 1.00 14.76 ? 81   LEU A CG  1 
ATOM   484  C  CD1 . LEU A 1 104 ? -5.998  4.399   -15.684 1.00 13.06 ? 81   LEU A CD1 1 
ATOM   485  C  CD2 . LEU A 1 104 ? -4.576  4.696   -13.663 1.00 13.72 ? 81   LEU A CD2 1 
ATOM   486  N  N   . SER A 1 105 ? -4.007  0.201   -12.291 1.00 15.36 ? 82   SER A N   1 
ATOM   487  C  CA  . SER A 1 105 ? -4.328  -1.138  -11.711 1.00 16.29 ? 82   SER A CA  1 
ATOM   488  C  C   . SER A 1 105 ? -5.440  -1.914  -12.431 1.00 17.26 ? 82   SER A C   1 
ATOM   489  O  O   . SER A 1 105 ? -5.329  -3.134  -12.626 1.00 17.01 ? 82   SER A O   1 
ATOM   490  C  CB  . SER A 1 105 ? -4.654  -1.065  -10.221 1.00 15.54 ? 82   SER A CB  1 
ATOM   491  O  OG  . SER A 1 105 ? -3.472  -0.870  -9.475  1.00 15.82 ? 82   SER A OG  1 
ATOM   492  N  N   . SER A 1 106 ? -6.501  -1.210  -12.836 1.00 18.47 ? 83   SER A N   1 
ATOM   493  C  CA  . SER A 1 106 ? -7.607  -1.860  -13.559 1.00 19.60 ? 83   SER A CA  1 
ATOM   494  C  C   . SER A 1 106 ? -7.216  -2.461  -14.923 1.00 20.93 ? 83   SER A C   1 
ATOM   495  O  O   . SER A 1 106 ? -7.957  -3.301  -15.441 1.00 21.86 ? 83   SER A O   1 
ATOM   496  C  CB  . SER A 1 106 ? -8.785  -0.896  -13.739 1.00 19.61 ? 83   SER A CB  1 
ATOM   497  O  OG  . SER A 1 106 ? -8.359  0.335   -14.304 1.00 19.11 ? 83   SER A OG  1 
ATOM   498  N  N   . ASN A 1 107 ? -6.086  -2.053  -15.517 1.00 21.52 ? 84   ASN A N   1 
ATOM   499  C  CA  . ASN A 1 107 ? -5.713  -2.604  -16.831 1.00 22.64 ? 84   ASN A CA  1 
ATOM   500  C  C   . ASN A 1 107 ? -4.677  -3.730  -16.758 1.00 22.67 ? 84   ASN A C   1 
ATOM   501  O  O   . ASN A 1 107 ? -4.261  -4.231  -17.786 1.00 22.91 ? 84   ASN A O   1 
ATOM   502  C  CB  . ASN A 1 107 ? -5.263  -1.517  -17.842 1.00 22.98 ? 84   ASN A CB  1 
ATOM   503  C  CG  . ASN A 1 107 ? -6.281  -0.345  -17.988 1.00 25.08 ? 84   ASN A CG  1 
ATOM   504  O  OD1 . ASN A 1 107 ? -5.892  0.831   -18.232 1.00 24.98 ? 84   ASN A OD1 1 
ATOM   505  N  ND2 . ASN A 1 107 ? -7.577  -0.656  -17.828 1.00 27.42 ? 84   ASN A ND2 1 
ATOM   506  N  N   . LEU A 1 108 ? -4.263  -4.131  -15.550 1.00 22.96 ? 85   LEU A N   1 
ATOM   507  C  CA  . LEU A 1 108 ? -3.321  -5.277  -15.360 1.00 22.16 ? 85   LEU A CA  1 
ATOM   508  C  C   . LEU A 1 108 ? -4.025  -6.623  -15.532 1.00 22.39 ? 85   LEU A C   1 
ATOM   509  O  O   . LEU A 1 108 ? -5.199  -6.749  -15.202 1.00 22.35 ? 85   LEU A O   1 
ATOM   510  C  CB  . LEU A 1 108 ? -2.682  -5.229  -13.964 1.00 21.58 ? 85   LEU A CB  1 
ATOM   511  C  CG  . LEU A 1 108 ? -1.808  -4.054  -13.517 1.00 18.68 ? 85   LEU A CG  1 
ATOM   512  C  CD1 . LEU A 1 108 ? -1.557  -4.169  -12.034 1.00 18.08 ? 85   LEU A CD1 1 
ATOM   513  C  CD2 . LEU A 1 108 ? -0.522  -4.002  -14.275 1.00 14.96 ? 85   LEU A CD2 1 
ATOM   514  N  N   . MET A 1 109 ? -3.324  -7.637  -16.025 1.00 23.18 ? 86   MET A N   1 
ATOM   515  C  CA  . MET A 1 109 ? -3.921  -8.966  -16.089 1.00 23.77 ? 86   MET A CA  1 
ATOM   516  C  C   . MET A 1 109 ? -4.161  -9.479  -14.660 1.00 23.94 ? 86   MET A C   1 
ATOM   517  O  O   . MET A 1 109 ? -3.443  -9.108  -13.736 1.00 23.41 ? 86   MET A O   1 
ATOM   518  C  CB  . MET A 1 109 ? -3.065  -9.958  -16.883 1.00 23.93 ? 86   MET A CB  1 
ATOM   519  C  CG  A MET A 1 109 ? -3.319  -9.847  -18.414 0.50 24.76 ? 86   MET A CG  1 
ATOM   520  C  CG  B MET A 1 109 ? -2.956  -9.785  -18.378 0.50 25.84 ? 86   MET A CG  1 
ATOM   521  S  SD  A MET A 1 109 ? -5.061  -9.930  -19.000 0.50 25.83 ? 86   MET A SD  1 
ATOM   522  S  SD  B MET A 1 109 ? -1.835  -11.055 -19.040 0.50 30.27 ? 86   MET A SD  1 
ATOM   523  C  CE  A MET A 1 109 ? -5.531  -8.189  -19.154 0.50 24.35 ? 86   MET A CE  1 
ATOM   524  C  CE  B MET A 1 109 ? -2.774  -12.583 -18.873 0.50 27.39 ? 86   MET A CE  1 
ATOM   525  N  N   . PRO A 1 110 ? -5.179  -10.336 -14.477 1.00 24.25 ? 87   PRO A N   1 
ATOM   526  C  CA  . PRO A 1 110 ? -5.437  -10.804 -13.125 1.00 23.76 ? 87   PRO A CA  1 
ATOM   527  C  C   . PRO A 1 110 ? -4.319  -11.710 -12.745 1.00 23.06 ? 87   PRO A C   1 
ATOM   528  O  O   . PRO A 1 110 ? -3.833  -12.456 -13.576 1.00 22.56 ? 87   PRO A O   1 
ATOM   529  C  CB  . PRO A 1 110 ? -6.752  -11.572 -13.264 1.00 24.57 ? 87   PRO A CB  1 
ATOM   530  C  CG  . PRO A 1 110 ? -7.384  -10.986 -14.554 1.00 25.55 ? 87   PRO A CG  1 
ATOM   531  C  CD  . PRO A 1 110 ? -6.164  -10.866 -15.433 1.00 24.29 ? 87   PRO A CD  1 
ATOM   532  N  N   . GLY A 1 111 ? -3.871  -11.586 -11.507 1.00 22.70 ? 88   GLY A N   1 
ATOM   533  C  CA  . GLY A 1 111 ? -2.694  -12.299 -11.050 1.00 22.49 ? 88   GLY A CA  1 
ATOM   534  C  C   . GLY A 1 111 ? -1.461  -11.412 -11.054 1.00 22.33 ? 88   GLY A C   1 
ATOM   535  O  O   . GLY A 1 111 ? -0.377  -11.866 -10.654 1.00 23.17 ? 88   GLY A O   1 
ATOM   536  N  N   . CYS A 1 112 ? -1.611  -10.161 -11.507 1.00 20.86 ? 89   CYS A N   1 
ATOM   537  C  CA  . CYS A 1 112 ? -0.587  -9.123  -11.304 1.00 19.82 ? 89   CYS A CA  1 
ATOM   538  C  C   . CYS A 1 112 ? -0.893  -8.213  -10.087 1.00 18.87 ? 89   CYS A C   1 
ATOM   539  O  O   . CYS A 1 112 ? -2.046  -8.125  -9.645  1.00 19.27 ? 89   CYS A O   1 
ATOM   540  C  CB  . CYS A 1 112 ? -0.410  -8.292  -12.572 1.00 20.20 ? 89   CYS A CB  1 
ATOM   541  S  SG  . CYS A 1 112 ? 0.184   -9.213  -14.062 1.00 22.27 ? 89   CYS A SG  1 
ATOM   542  N  N   . ASP A 1 113 ? 0.133   -7.562  -9.528  1.00 17.31 ? 90   ASP A N   1 
ATOM   543  C  CA  . ASP A 1 113 ? -0.022  -6.686  -8.350  1.00 16.41 ? 90   ASP A CA  1 
ATOM   544  C  C   . ASP A 1 113 ? 0.986   -5.566  -8.432  1.00 15.83 ? 90   ASP A C   1 
ATOM   545  O  O   . ASP A 1 113 ? 2.025   -5.726  -9.078  1.00 15.48 ? 90   ASP A O   1 
ATOM   546  C  CB  . ASP A 1 113 ? 0.255   -7.414  -7.017  1.00 16.34 ? 90   ASP A CB  1 
ATOM   547  C  CG  . ASP A 1 113 ? -0.384  -8.778  -6.931  1.00 17.28 ? 90   ASP A CG  1 
ATOM   548  O  OD1 . ASP A 1 113 ? -1.600  -8.868  -7.004  1.00 23.22 ? 90   ASP A OD1 1 
ATOM   549  O  OD2 . ASP A 1 113 ? 0.309   -9.792  -6.784  1.00 20.07 ? 90   ASP A OD2 1 
ATOM   550  N  N   . TYR A 1 114 ? 0.680   -4.442  -7.784  1.00 14.71 ? 91   TYR A N   1 
ATOM   551  C  CA  . TYR A 1 114 ? 1.684   -3.435  -7.455  1.00 14.32 ? 91   TYR A CA  1 
ATOM   552  C  C   . TYR A 1 114 ? 1.828   -3.417  -5.947  1.00 13.82 ? 91   TYR A C   1 
ATOM   553  O  O   . TYR A 1 114 ? 0.867   -3.773  -5.226  1.00 13.51 ? 91   TYR A O   1 
ATOM   554  C  CB  . TYR A 1 114 ? 1.237   -2.013  -7.834  1.00 14.01 ? 91   TYR A CB  1 
ATOM   555  C  CG  . TYR A 1 114 ? 1.265   -1.653  -9.283  1.00 14.82 ? 91   TYR A CG  1 
ATOM   556  C  CD1 . TYR A 1 114 ? 0.086   -1.221  -9.926  1.00 13.85 ? 91   TYR A CD1 1 
ATOM   557  C  CD2 . TYR A 1 114 ? 2.463   -1.718  -10.032 1.00 13.96 ? 91   TYR A CD2 1 
ATOM   558  C  CE1 . TYR A 1 114 ? 0.092   -0.854  -11.261 1.00 13.63 ? 91   TYR A CE1 1 
ATOM   559  C  CE2 . TYR A 1 114 ? 2.466   -1.370  -11.385 1.00 14.84 ? 91   TYR A CE2 1 
ATOM   560  C  CZ  . TYR A 1 114 ? 1.268   -0.928  -11.982 1.00 14.94 ? 91   TYR A CZ  1 
ATOM   561  O  OH  . TYR A 1 114 ? 1.237   -0.562  -13.305 1.00 18.42 ? 91   TYR A OH  1 
ATOM   562  N  N   . SER A 1 115 ? 2.974   -2.925  -5.470  1.00 12.99 ? 92   SER A N   1 
ATOM   563  C  CA  . SER A 1 115 ? 3.088   -2.531  -4.059  1.00 13.11 ? 92   SER A CA  1 
ATOM   564  C  C   . SER A 1 115 ? 4.048   -1.374  -3.861  1.00 12.10 ? 92   SER A C   1 
ATOM   565  O  O   . SER A 1 115 ? 5.012   -1.271  -4.568  1.00 12.13 ? 92   SER A O   1 
ATOM   566  C  CB  . SER A 1 115 ? 3.522   -3.721  -3.186  1.00 13.29 ? 92   SER A CB  1 
ATOM   567  O  OG  . SER A 1 115 ? 4.832   -4.154  -3.519  1.00 15.60 ? 92   SER A OG  1 
ATOM   568  N  N   . LEU A 1 116 ? 3.778   -0.511  -2.889  1.00 11.95 ? 93   LEU A N   1 
ATOM   569  C  CA  . LEU A 1 116 ? 4.705   0.553   -2.531  1.00 11.51 ? 93   LEU A CA  1 
ATOM   570  C  C   . LEU A 1 116 ? 5.141   0.353   -1.108  1.00 12.00 ? 93   LEU A C   1 
ATOM   571  O  O   . LEU A 1 116 ? 4.299   0.391   -0.203  1.00 11.44 ? 93   LEU A O   1 
ATOM   572  C  CB  . LEU A 1 116 ? 4.060   1.937   -2.616  1.00 11.34 ? 93   LEU A CB  1 
ATOM   573  C  CG  . LEU A 1 116 ? 5.087   3.089   -2.644  1.00 12.21 ? 93   LEU A CG  1 
ATOM   574  C  CD1 . LEU A 1 116 ? 5.728   3.198   -4.048  1.00 11.87 ? 93   LEU A CD1 1 
ATOM   575  C  CD2 . LEU A 1 116 ? 4.417   4.399   -2.291  1.00 9.26  ? 93   LEU A CD2 1 
ATOM   576  N  N   . PHE A 1 117 ? 6.452   0.157   -0.923  1.00 12.28 ? 94   PHE A N   1 
ATOM   577  C  CA  . PHE A 1 117 ? 7.057   0.062   0.399   1.00 12.80 ? 94   PHE A CA  1 
ATOM   578  C  C   . PHE A 1 117 ? 8.147   1.088   0.625   1.00 12.99 ? 94   PHE A C   1 
ATOM   579  O  O   . PHE A 1 117 ? 8.761   1.571   -0.314  1.00 12.91 ? 94   PHE A O   1 
ATOM   580  C  CB  . PHE A 1 117 ? 7.563   -1.353  0.642   1.00 13.25 ? 94   PHE A CB  1 
ATOM   581  C  CG  . PHE A 1 117 ? 6.482   -2.279  1.112   1.00 15.19 ? 94   PHE A CG  1 
ATOM   582  C  CD1 . PHE A 1 117 ? 5.555   -2.817  0.198   1.00 17.47 ? 94   PHE A CD1 1 
ATOM   583  C  CD2 . PHE A 1 117 ? 6.353   -2.583  2.466   1.00 16.96 ? 94   PHE A CD2 1 
ATOM   584  C  CE1 . PHE A 1 117 ? 4.522   -3.652  0.619   1.00 19.43 ? 94   PHE A CE1 1 
ATOM   585  C  CE2 . PHE A 1 117 ? 5.324   -3.414  2.912   1.00 19.14 ? 94   PHE A CE2 1 
ATOM   586  C  CZ  . PHE A 1 117 ? 4.395   -3.944  1.982   1.00 19.93 ? 94   PHE A CZ  1 
ATOM   587  N  N   . LYS A 1 118 ? 8.391   1.440   1.881   1.00 13.11 ? 95   LYS A N   1 
ATOM   588  C  CA  . LYS A 1 118 ? 9.504   2.322   2.157   1.00 12.99 ? 95   LYS A CA  1 
ATOM   589  C  C   . LYS A 1 118 ? 10.771  1.602   1.737   1.00 13.52 ? 95   LYS A C   1 
ATOM   590  O  O   . LYS A 1 118 ? 10.839  0.368   1.768   1.00 13.72 ? 95   LYS A O   1 
ATOM   591  C  CB  . LYS A 1 118 ? 9.584   2.667   3.628   1.00 12.34 ? 95   LYS A CB  1 
ATOM   592  C  CG  . LYS A 1 118 ? 8.468   3.511   4.091   1.00 12.90 ? 95   LYS A CG  1 
ATOM   593  C  CD  . LYS A 1 118 ? 8.535   3.727   5.598   1.00 14.19 ? 95   LYS A CD  1 
ATOM   594  C  CE  . LYS A 1 118 ? 7.462   4.696   6.033   1.00 11.13 ? 95   LYS A CE  1 
ATOM   595  N  NZ  . LYS A 1 118 ? 7.436   4.688   7.498   1.00 13.16 ? 95   LYS A NZ  1 
ATOM   596  N  N   . ASP A 1 119 ? 11.767  2.386   1.337   1.00 14.03 ? 96   ASP A N   1 
ATOM   597  C  CA  . ASP A 1 119 ? 13.069  1.869   0.965   1.00 14.06 ? 96   ASP A CA  1 
ATOM   598  C  C   . ASP A 1 119 ? 13.645  1.109   2.152   1.00 13.34 ? 96   ASP A C   1 
ATOM   599  O  O   . ASP A 1 119 ? 13.654  1.616   3.267   1.00 13.32 ? 96   ASP A O   1 
ATOM   600  C  CB  . ASP A 1 119 ? 13.942  3.048   0.553   1.00 14.71 ? 96   ASP A CB  1 
ATOM   601  C  CG  . ASP A 1 119 ? 15.285  2.632   -0.046  1.00 18.45 ? 96   ASP A CG  1 
ATOM   602  O  OD1 . ASP A 1 119 ? 16.276  3.386   0.215   1.00 24.23 ? 96   ASP A OD1 1 
ATOM   603  O  OD2 . ASP A 1 119 ? 15.355  1.601   -0.781  1.00 15.38 ? 96   ASP A OD2 1 
ATOM   604  N  N   . GLY A 1 120 ? 14.059  -0.126  1.931   1.00 12.95 ? 97   GLY A N   1 
ATOM   605  C  CA  . GLY A 1 120 ? 14.683  -0.911  3.000   1.00 14.02 ? 97   GLY A CA  1 
ATOM   606  C  C   . GLY A 1 120 ? 13.700  -1.853  3.677   1.00 14.59 ? 97   GLY A C   1 
ATOM   607  O  O   . GLY A 1 120 ? 14.066  -2.668  4.486   1.00 14.96 ? 97   GLY A O   1 
ATOM   608  N  N   . ILE A 1 121 ? 12.425  -1.702  3.371   1.00 15.10 ? 98   ILE A N   1 
ATOM   609  C  CA  . ILE A 1 121 ? 11.459  -2.672  3.776   1.00 15.12 ? 98   ILE A CA  1 
ATOM   610  C  C   . ILE A 1 121 ? 11.053  -3.398  2.510   1.00 16.47 ? 98   ILE A C   1 
ATOM   611  O  O   . ILE A 1 121 ? 10.481  -2.776  1.607   1.00 16.18 ? 98   ILE A O   1 
ATOM   612  C  CB  . ILE A 1 121 ? 10.209  -2.033  4.408   1.00 14.08 ? 98   ILE A CB  1 
ATOM   613  C  CG1 . ILE A 1 121 ? 10.615  -1.102  5.526   1.00 12.31 ? 98   ILE A CG1 1 
ATOM   614  C  CG2 . ILE A 1 121 ? 9.276   -3.123  4.906   1.00 12.32 ? 98   ILE A CG2 1 
ATOM   615  C  CD1 . ILE A 1 121 ? 9.478   -0.656  6.394   1.00 12.74 ? 98   ILE A CD1 1 
ATOM   616  N  N   . GLU A 1 122 ? 11.365  -4.696  2.445   1.00 17.43 ? 99   GLU A N   1 
ATOM   617  C  CA  . GLU A 1 122 ? 10.857  -5.566  1.375   1.00 18.49 ? 99   GLU A CA  1 
ATOM   618  C  C   . GLU A 1 122 ? 9.368   -5.937  1.573   1.00 17.71 ? 99   GLU A C   1 
ATOM   619  O  O   . GLU A 1 122 ? 8.878   -6.095  2.693   1.00 17.02 ? 99   GLU A O   1 
ATOM   620  C  CB  . GLU A 1 122 ? 11.749  -6.809  1.184   1.00 19.30 ? 99   GLU A CB  1 
ATOM   621  C  CG  . GLU A 1 122 ? 13.100  -6.502  0.503   1.00 23.74 ? 99   GLU A CG  1 
ATOM   622  C  CD  . GLU A 1 122 ? 13.807  -7.743  -0.060  1.00 30.97 ? 99   GLU A CD  1 
ATOM   623  O  OE1 . GLU A 1 122 ? 14.094  -7.822  -1.296  1.00 32.98 ? 99   GLU A OE1 1 
ATOM   624  O  OE2 . GLU A 1 122 ? 14.089  -8.647  0.748   1.00 33.25 ? 99   GLU A OE2 1 
ATOM   625  N  N   . PRO A 1 123 ? 8.645   -6.065  0.463   1.00 17.45 ? 100  PRO A N   1 
ATOM   626  C  CA  . PRO A 1 123 ? 7.194   -6.264  0.477   1.00 17.08 ? 100  PRO A CA  1 
ATOM   627  C  C   . PRO A 1 123 ? 6.791   -7.705  0.801   1.00 17.27 ? 100  PRO A C   1 
ATOM   628  O  O   . PRO A 1 123 ? 5.993   -8.344  0.085   1.00 16.62 ? 100  PRO A O   1 
ATOM   629  C  CB  . PRO A 1 123 ? 6.776   -5.847  -0.948  1.00 17.88 ? 100  PRO A CB  1 
ATOM   630  C  CG  . PRO A 1 123 ? 8.010   -6.033  -1.800  1.00 17.25 ? 100  PRO A CG  1 
ATOM   631  C  CD  . PRO A 1 123 ? 9.183   -5.820  -0.892  1.00 16.99 ? 100  PRO A CD  1 
ATOM   632  N  N   . MET A 1 124 ? 7.325   -8.224  1.899   1.00 17.85 ? 101  MET A N   1 
ATOM   633  C  CA  . MET A 1 124 ? 6.938   -9.569  2.336   1.00 18.09 ? 101  MET A CA  1 
ATOM   634  C  C   . MET A 1 124 ? 6.907   -9.726  3.872   1.00 18.16 ? 101  MET A C   1 
ATOM   635  O  O   . MET A 1 124 ? 7.707   -9.086  4.576   1.00 18.57 ? 101  MET A O   1 
ATOM   636  C  CB  . MET A 1 124 ? 7.785   -10.641 1.639   1.00 18.28 ? 101  MET A CB  1 
ATOM   637  C  CG  . MET A 1 124 ? 9.274   -10.350 1.428   1.00 20.38 ? 101  MET A CG  1 
ATOM   638  S  SD  . MET A 1 124 ? 10.051  -11.697 0.443   1.00 25.15 ? 101  MET A SD  1 
ATOM   639  C  CE  . MET A 1 124 ? 8.833   -11.831 -0.827  1.00 23.55 ? 101  MET A CE  1 
ATOM   640  N  N   . TRP A 1 125 ? 5.970   -10.542 4.381   1.00 17.32 ? 102  TRP A N   1 
ATOM   641  C  CA  . TRP A 1 125 ? 5.871   -10.843 5.813   1.00 17.41 ? 102  TRP A CA  1 
ATOM   642  C  C   . TRP A 1 125 ? 7.215   -11.097 6.489   1.00 18.03 ? 102  TRP A C   1 
ATOM   643  O  O   . TRP A 1 125 ? 7.397   -10.778 7.633   1.00 18.54 ? 102  TRP A O   1 
ATOM   644  C  CB  . TRP A 1 125 ? 5.072   -12.108 6.019   1.00 16.96 ? 102  TRP A CB  1 
ATOM   645  C  CG  . TRP A 1 125 ? 3.793   -12.215 5.231   1.00 17.76 ? 102  TRP A CG  1 
ATOM   646  C  CD1 . TRP A 1 125 ? 2.847   -11.237 5.059   1.00 17.07 ? 102  TRP A CD1 1 
ATOM   647  C  CD2 . TRP A 1 125 ? 3.278   -13.396 4.570   1.00 16.69 ? 102  TRP A CD2 1 
ATOM   648  N  NE1 . TRP A 1 125 ? 1.794   -11.726 4.312   1.00 17.50 ? 102  TRP A NE1 1 
ATOM   649  C  CE2 . TRP A 1 125 ? 2.029   -13.042 3.997   1.00 16.93 ? 102  TRP A CE2 1 
ATOM   650  C  CE3 . TRP A 1 125 ? 3.757   -14.697 4.395   1.00 16.47 ? 102  TRP A CE3 1 
ATOM   651  C  CZ2 . TRP A 1 125 ? 1.247   -13.955 3.259   1.00 15.33 ? 102  TRP A CZ2 1 
ATOM   652  C  CZ3 . TRP A 1 125 ? 2.985   -15.601 3.646   1.00 17.13 ? 102  TRP A CZ3 1 
ATOM   653  C  CH2 . TRP A 1 125 ? 1.749   -15.223 3.093   1.00 17.67 ? 102  TRP A CH2 1 
ATOM   654  N  N   . GLU A 1 126 ? 8.146   -11.715 5.788   1.00 18.52 ? 103  GLU A N   1 
ATOM   655  C  CA  . GLU A 1 126 ? 9.379   -12.124 6.397   1.00 19.28 ? 103  GLU A CA  1 
ATOM   656  C  C   . GLU A 1 126 ? 10.369  -10.991 6.619   1.00 19.91 ? 103  GLU A C   1 
ATOM   657  O  O   . GLU A 1 126 ? 11.387  -11.207 7.264   1.00 20.89 ? 103  GLU A O   1 
ATOM   658  C  CB  . GLU A 1 126 ? 10.047  -13.243 5.590   1.00 19.75 ? 103  GLU A CB  1 
ATOM   659  C  CG  . GLU A 1 126 ? 9.269   -14.569 5.535   1.00 20.27 ? 103  GLU A CG  1 
ATOM   660  C  CD  . GLU A 1 126 ? 8.230   -14.598 4.438   1.00 21.91 ? 103  GLU A CD  1 
ATOM   661  O  OE1 . GLU A 1 126 ? 8.034   -13.561 3.772   1.00 21.32 ? 103  GLU A OE1 1 
ATOM   662  O  OE2 . GLU A 1 126 ? 7.599   -15.661 4.236   1.00 24.13 ? 103  GLU A OE2 1 
ATOM   663  N  N   . ASP A 1 127 ? 10.100  -9.796  6.115   1.00 19.65 ? 104  ASP A N   1 
ATOM   664  C  CA  . ASP A 1 127 ? 10.936  -8.648  6.463   1.00 20.08 ? 104  ASP A CA  1 
ATOM   665  C  C   . ASP A 1 127 ? 10.881  -8.312  7.975   1.00 21.46 ? 104  ASP A C   1 
ATOM   666  O  O   . ASP A 1 127 ? 9.805   -8.405  8.616   1.00 21.14 ? 104  ASP A O   1 
ATOM   667  C  CB  . ASP A 1 127 ? 10.468  -7.445  5.678   1.00 19.41 ? 104  ASP A CB  1 
ATOM   668  C  CG  . ASP A 1 127 ? 11.453  -6.302  5.717   1.00 19.86 ? 104  ASP A CG  1 
ATOM   669  O  OD1 . ASP A 1 127 ? 12.059  -6.041  4.643   1.00 20.59 ? 104  ASP A OD1 1 
ATOM   670  O  OD2 . ASP A 1 127 ? 11.609  -5.649  6.784   1.00 18.80 ? 104  ASP A OD2 1 
ATOM   671  N  N   . GLU A 1 128 ? 12.018  -7.875  8.530   1.00 22.25 ? 105  GLU A N   1 
ATOM   672  C  CA  . GLU A 1 128 ? 12.104  -7.466  9.949   1.00 23.28 ? 105  GLU A CA  1 
ATOM   673  C  C   . GLU A 1 128 ? 10.953  -6.547  10.377  1.00 22.22 ? 105  GLU A C   1 
ATOM   674  O  O   . GLU A 1 128 ? 10.389  -6.688  11.453  1.00 21.63 ? 105  GLU A O   1 
ATOM   675  C  CB  . GLU A 1 128 ? 13.450  -6.759  10.214  1.00 24.83 ? 105  GLU A CB  1 
ATOM   676  C  CG  . GLU A 1 128 ? 13.792  -6.498  11.722  1.00 30.87 ? 105  GLU A CG  1 
ATOM   677  C  CD  . GLU A 1 128 ? 14.495  -7.712  12.414  1.00 39.64 ? 105  GLU A CD  1 
ATOM   678  O  OE1 . GLU A 1 128 ? 14.060  -8.886  12.194  1.00 41.94 ? 105  GLU A OE1 1 
ATOM   679  O  OE2 . GLU A 1 128 ? 15.483  -7.487  13.182  1.00 40.98 ? 105  GLU A OE2 1 
ATOM   680  N  N   . LYS A 1 129 ? 10.627  -5.589  9.509   1.00 21.93 ? 106  LYS A N   1 
ATOM   681  C  CA  . LYS A 1 129 ? 9.677   -4.529  9.815   1.00 20.09 ? 106  LYS A CA  1 
ATOM   682  C  C   . LYS A 1 129 ? 8.219   -4.884  9.501   1.00 18.68 ? 106  LYS A C   1 
ATOM   683  O  O   . LYS A 1 129 ? 7.325   -4.125  9.841   1.00 17.51 ? 106  LYS A O   1 
ATOM   684  C  CB  . LYS A 1 129 ? 10.137  -3.245  9.142   1.00 20.22 ? 106  LYS A CB  1 
ATOM   685  C  CG  . LYS A 1 129 ? 11.202  -2.461  9.984   1.00 23.46 ? 106  LYS A CG  1 
ATOM   686  C  CD  . LYS A 1 129 ? 10.528  -1.401  10.946  1.00 29.11 ? 106  LYS A CD  1 
ATOM   687  C  CE  . LYS A 1 129 ? 11.507  -0.428  11.666  1.00 33.72 ? 106  LYS A CE  1 
ATOM   688  N  NZ  . LYS A 1 129 ? 12.673  -1.139  12.375  1.00 35.99 ? 106  LYS A NZ  1 
ATOM   689  N  N   . ASN A 1 130 ? 7.998   -6.051  8.886   1.00 17.67 ? 107  ASN A N   1 
ATOM   690  C  CA  . ASN A 1 130 ? 6.668   -6.578  8.634   1.00 16.99 ? 107  ASN A CA  1 
ATOM   691  C  C   . ASN A 1 130 ? 6.298   -7.780  9.473   1.00 17.88 ? 107  ASN A C   1 
ATOM   692  O  O   . ASN A 1 130 ? 5.120   -7.951  9.767   1.00 18.28 ? 107  ASN A O   1 
ATOM   693  C  CB  . ASN A 1 130 ? 6.522   -7.042  7.195   1.00 17.36 ? 107  ASN A CB  1 
ATOM   694  C  CG  . ASN A 1 130 ? 6.611   -5.921  6.190   1.00 16.23 ? 107  ASN A CG  1 
ATOM   695  O  OD1 . ASN A 1 130 ? 6.082   -4.823  6.403   1.00 15.00 ? 107  ASN A OD1 1 
ATOM   696  N  ND2 . ASN A 1 130 ? 7.263   -6.208  5.065   1.00 13.38 ? 107  ASN A ND2 1 
ATOM   697  N  N   . LYS A 1 131 ? 7.268   -8.633  9.825   1.00 18.17 ? 108  LYS A N   1 
ATOM   698  C  CA  . LYS A 1 131 ? 7.010   -9.906  10.525  1.00 18.61 ? 108  LYS A CA  1 
ATOM   699  C  C   . LYS A 1 131 ? 6.094   -9.872  11.756  1.00 18.99 ? 108  LYS A C   1 
ATOM   700  O  O   . LYS A 1 131 ? 5.288   -10.790 11.948  1.00 18.91 ? 108  LYS A O   1 
ATOM   701  C  CB  . LYS A 1 131 ? 8.316   -10.666 10.837  1.00 19.51 ? 108  LYS A CB  1 
ATOM   702  C  CG  . LYS A 1 131 ? 9.270   -10.074 11.876  1.00 21.19 ? 108  LYS A CG  1 
ATOM   703  C  CD  . LYS A 1 131 ? 10.425  -11.098 12.158  1.00 27.06 ? 108  LYS A CD  1 
ATOM   704  C  CE  . LYS A 1 131 ? 11.402  -10.642 13.292  1.00 29.91 ? 108  LYS A CE  1 
ATOM   705  N  NZ  . LYS A 1 131 ? 12.646  -11.489 13.373  1.00 30.01 ? 108  LYS A NZ  1 
ATOM   706  N  N   . ARG A 1 132 ? 6.208   -8.828  12.575  1.00 18.90 ? 109  ARG A N   1 
ATOM   707  C  CA  . ARG A 1 132 ? 5.311   -8.642  13.713  1.00 18.75 ? 109  ARG A CA  1 
ATOM   708  C  C   . ARG A 1 132 ? 4.079   -7.788  13.350  1.00 18.23 ? 109  ARG A C   1 
ATOM   709  O  O   . ARG A 1 132 ? 3.206   -7.536  14.222  1.00 18.05 ? 109  ARG A O   1 
ATOM   710  C  CB  . ARG A 1 132 ? 6.059   -7.979  14.862  1.00 18.91 ? 109  ARG A CB  1 
ATOM   711  C  CG  . ARG A 1 132 ? 6.934   -8.930  15.644  1.00 22.84 ? 109  ARG A CG  1 
ATOM   712  C  CD  . ARG A 1 132 ? 7.801   -8.130  16.602  1.00 30.92 ? 109  ARG A CD  1 
ATOM   713  N  NE  . ARG A 1 132 ? 8.646   -7.217  15.823  1.00 38.83 ? 109  ARG A NE  1 
ATOM   714  C  CZ  . ARG A 1 132 ? 9.932   -7.438  15.522  1.00 42.40 ? 109  ARG A CZ  1 
ATOM   715  N  NH1 . ARG A 1 132 ? 10.593  -6.542  14.777  1.00 41.97 ? 109  ARG A NH1 1 
ATOM   716  N  NH2 . ARG A 1 132 ? 10.565  -8.541  15.973  1.00 42.84 ? 109  ARG A NH2 1 
ATOM   717  N  N   . GLY A 1 133 ? 4.024   -7.324  12.083  1.00 16.72 ? 110  GLY A N   1 
ATOM   718  C  CA  . GLY A 1 133 ? 2.961   -6.407  11.602  1.00 14.27 ? 110  GLY A CA  1 
ATOM   719  C  C   . GLY A 1 133 ? 1.681   -7.063  11.113  1.00 12.80 ? 110  GLY A C   1 
ATOM   720  O  O   . GLY A 1 133 ? 1.385   -8.228  11.419  1.00 12.22 ? 110  GLY A O   1 
ATOM   721  N  N   . GLY A 1 134 ? 0.916   -6.296  10.356  1.00 12.08 ? 111  GLY A N   1 
ATOM   722  C  CA  . GLY A 1 134 ? -0.348  -6.748  9.753   1.00 11.57 ? 111  GLY A CA  1 
ATOM   723  C  C   . GLY A 1 134 ? -0.847  -5.679  8.798   1.00 11.51 ? 111  GLY A C   1 
ATOM   724  O  O   . GLY A 1 134 ? -0.143  -4.703  8.531   1.00 11.43 ? 111  GLY A O   1 
ATOM   725  N  N   . ARG A 1 135 ? -2.060  -5.820  8.293   1.00 11.58 ? 112  ARG A N   1 
ATOM   726  C  CA  . ARG A 1 135 ? -2.520  -4.892  7.278   1.00 11.57 ? 112  ARG A CA  1 
ATOM   727  C  C   . ARG A 1 135 ? -3.985  -4.536  7.470   1.00 12.13 ? 112  ARG A C   1 
ATOM   728  O  O   . ARG A 1 135 ? -4.739  -5.315  8.067   1.00 11.28 ? 112  ARG A O   1 
ATOM   729  C  CB  . ARG A 1 135 ? -2.382  -5.584  5.943   1.00 11.98 ? 112  ARG A CB  1 
ATOM   730  C  CG  . ARG A 1 135 ? -3.161  -6.921  5.899   1.00 11.50 ? 112  ARG A CG  1 
ATOM   731  C  CD  . ARG A 1 135 ? -3.230  -7.475  4.488   1.00 12.36 ? 112  ARG A CD  1 
ATOM   732  N  NE  . ARG A 1 135 ? -3.871  -8.790  4.442   1.00 15.98 ? 112  ARG A NE  1 
ATOM   733  C  CZ  . ARG A 1 135 ? -4.055  -9.513  3.332   1.00 14.74 ? 112  ARG A CZ  1 
ATOM   734  N  NH1 . ARG A 1 135 ? -4.646  -10.693 3.412   1.00 12.64 ? 112  ARG A NH1 1 
ATOM   735  N  NH2 . ARG A 1 135 ? -3.664  -9.055  2.145   1.00 14.62 ? 112  ARG A NH2 1 
ATOM   736  N  N   . TRP A 1 136 ? -4.388  -3.382  6.940   1.00 12.63 ? 113  TRP A N   1 
ATOM   737  C  CA  . TRP A 1 136 ? -5.805  -3.039  6.825   1.00 13.37 ? 113  TRP A CA  1 
ATOM   738  C  C   . TRP A 1 136 ? -6.229  -3.399  5.417   1.00 14.83 ? 113  TRP A C   1 
ATOM   739  O  O   . TRP A 1 136 ? -5.729  -2.805  4.431   1.00 14.73 ? 113  TRP A O   1 
ATOM   740  C  CB  . TRP A 1 136 ? -6.076  -1.550  7.101   1.00 13.16 ? 113  TRP A CB  1 
ATOM   741  C  CG  . TRP A 1 136 ? -6.006  -1.158  8.572   1.00 12.51 ? 113  TRP A CG  1 
ATOM   742  C  CD1 . TRP A 1 136 ? -4.945  -0.578  9.213   1.00 10.00 ? 113  TRP A CD1 1 
ATOM   743  C  CD2 . TRP A 1 136 ? -7.039  -1.327  9.575   1.00 13.33 ? 113  TRP A CD2 1 
ATOM   744  N  NE1 . TRP A 1 136 ? -5.239  -0.388  10.536  1.00 10.51 ? 113  TRP A NE1 1 
ATOM   745  C  CE2 . TRP A 1 136 ? -6.510  -0.842  10.799  1.00 11.39 ? 113  TRP A CE2 1 
ATOM   746  C  CE3 . TRP A 1 136 ? -8.352  -1.855  9.560   1.00 11.69 ? 113  TRP A CE3 1 
ATOM   747  C  CZ2 . TRP A 1 136 ? -7.252  -0.855  12.016  1.00 10.80 ? 113  TRP A CZ2 1 
ATOM   748  C  CZ3 . TRP A 1 136 ? -9.087  -1.864  10.781  1.00 11.69 ? 113  TRP A CZ3 1 
ATOM   749  C  CH2 . TRP A 1 136 ? -8.534  -1.357  11.981  1.00 7.56  ? 113  TRP A CH2 1 
ATOM   750  N  N   . LEU A 1 137 ? -7.158  -4.355  5.320   1.00 15.76 ? 114  LEU A N   1 
ATOM   751  C  CA  . LEU A 1 137 ? -7.543  -4.924  4.045   1.00 17.06 ? 114  LEU A CA  1 
ATOM   752  C  C   . LEU A 1 137 ? -8.851  -4.395  3.458   1.00 18.40 ? 114  LEU A C   1 
ATOM   753  O  O   . LEU A 1 137 ? -9.890  -4.460  4.100   1.00 18.78 ? 114  LEU A O   1 
ATOM   754  C  CB  . LEU A 1 137 ? -7.649  -6.418  4.202   1.00 17.37 ? 114  LEU A CB  1 
ATOM   755  C  CG  . LEU A 1 137 ? -7.974  -7.168  2.905   1.00 19.63 ? 114  LEU A CG  1 
ATOM   756  C  CD1 . LEU A 1 137 ? -6.920  -6.908  1.821   1.00 20.58 ? 114  LEU A CD1 1 
ATOM   757  C  CD2 . LEU A 1 137 ? -8.100  -8.644  3.206   1.00 18.52 ? 114  LEU A CD2 1 
ATOM   758  N  N   . ILE A 1 138 ? -8.797  -3.906  2.217   1.00 19.86 ? 115  ILE A N   1 
ATOM   759  C  CA  . ILE A 1 138 ? -9.970  -3.407  1.510   1.00 20.85 ? 115  ILE A CA  1 
ATOM   760  C  C   . ILE A 1 138 ? -10.268 -4.435  0.463   1.00 22.21 ? 115  ILE A C   1 
ATOM   761  O  O   . ILE A 1 138 ? -9.532  -4.535  -0.502  1.00 23.57 ? 115  ILE A O   1 
ATOM   762  C  CB  . ILE A 1 138 ? -9.662  -2.062  0.803   1.00 20.93 ? 115  ILE A CB  1 
ATOM   763  C  CG1 . ILE A 1 138 ? -8.998  -1.087  1.768   1.00 20.21 ? 115  ILE A CG1 1 
ATOM   764  C  CG2 . ILE A 1 138 ? -10.908 -1.420  0.199   1.00 19.86 ? 115  ILE A CG2 1 
ATOM   765  C  CD1 . ILE A 1 138 ? -9.838  -0.742  2.925   1.00 21.25 ? 115  ILE A CD1 1 
ATOM   766  N  N   . THR A 1 139 ? -11.307 -5.243  0.651   1.00 23.43 ? 116  THR A N   1 
ATOM   767  C  CA  . THR A 1 139 ? -11.697 -6.209  -0.400  1.00 24.03 ? 116  THR A CA  1 
ATOM   768  C  C   . THR A 1 139 ? -12.773 -5.553  -1.272  1.00 24.51 ? 116  THR A C   1 
ATOM   769  O  O   . THR A 1 139 ? -13.827 -5.131  -0.788  1.00 24.96 ? 116  THR A O   1 
ATOM   770  C  CB  . THR A 1 139 ? -12.154 -7.624  0.136   1.00 23.70 ? 116  THR A CB  1 
ATOM   771  O  OG1 . THR A 1 139 ? -13.353 -7.492  0.887   1.00 24.41 ? 116  THR A OG1 1 
ATOM   772  C  CG2 . THR A 1 139 ? -11.128 -8.255  1.041   1.00 23.19 ? 116  THR A CG2 1 
ATOM   773  N  N   . LEU A 1 140 ? -12.457 -5.422  -2.546  1.00 24.91 ? 117  LEU A N   1 
ATOM   774  C  CA  . LEU A 1 140 ? -13.328 -4.815  -3.503  1.00 26.08 ? 117  LEU A CA  1 
ATOM   775  C  C   . LEU A 1 140 ? -14.050 -5.971  -4.203  1.00 27.38 ? 117  LEU A C   1 
ATOM   776  O  O   . LEU A 1 140 ? -13.537 -7.103  -4.242  1.00 28.35 ? 117  LEU A O   1 
ATOM   777  C  CB  . LEU A 1 140 ? -12.486 -4.030  -4.524  1.00 25.85 ? 117  LEU A CB  1 
ATOM   778  C  CG  . LEU A 1 140 ? -11.943 -2.639  -4.184  1.00 25.16 ? 117  LEU A CG  1 
ATOM   779  C  CD1 . LEU A 1 140 ? -11.019 -2.647  -3.036  1.00 27.90 ? 117  LEU A CD1 1 
ATOM   780  C  CD2 . LEU A 1 140 ? -11.199 -2.069  -5.346  1.00 25.80 ? 117  LEU A CD2 1 
ATOM   781  N  N   . ASN A 1 141 ? -15.241 -5.703  -4.745  1.00 27.92 ? 118  ASN A N   1 
ATOM   782  C  CA  . ASN A 1 141 ? -15.920 -6.677  -5.606  1.00 27.61 ? 118  ASN A CA  1 
ATOM   783  C  C   . ASN A 1 141 ? -15.703 -6.399  -7.111  1.00 27.50 ? 118  ASN A C   1 
ATOM   784  O  O   . ASN A 1 141 ? -15.146 -5.360  -7.524  1.00 26.73 ? 118  ASN A O   1 
ATOM   785  C  CB  . ASN A 1 141 ? -17.412 -6.849  -5.229  1.00 27.18 ? 118  ASN A CB  1 
ATOM   786  C  CG  . ASN A 1 141 ? -18.264 -5.629  -5.575  1.00 29.00 ? 118  ASN A CG  1 
ATOM   787  O  OD1 . ASN A 1 141 ? -18.262 -5.147  -6.710  1.00 29.68 ? 118  ASN A OD1 1 
ATOM   788  N  ND2 . ASN A 1 141 ? -19.016 -5.136  -4.597  1.00 30.10 ? 118  ASN A ND2 1 
ATOM   789  N  N   . LYS A 1 142 ? -16.156 -7.347  -7.916  1.00 27.36 ? 119  LYS A N   1 
ATOM   790  C  CA  . LYS A 1 142 ? -15.976 -7.315  -9.352  1.00 27.35 ? 119  LYS A CA  1 
ATOM   791  C  C   . LYS A 1 142 ? -16.428 -5.963  -9.963  1.00 26.98 ? 119  LYS A C   1 
ATOM   792  O  O   . LYS A 1 142 ? -15.810 -5.446  -10.890 1.00 27.39 ? 119  LYS A O   1 
ATOM   793  C  CB  . LYS A 1 142 ? -16.742 -8.495  -9.950  1.00 27.79 ? 119  LYS A CB  1 
ATOM   794  C  CG  . LYS A 1 142 ? -16.937 -9.698  -8.968  1.00 28.67 ? 119  LYS A CG  1 
ATOM   795  C  CD  . LYS A 1 142 ? -16.074 -10.942 -9.323  1.00 29.09 ? 119  LYS A CD  1 
ATOM   796  C  CE  . LYS A 1 142 ? -16.831 -11.832 -10.335 1.00 30.41 ? 119  LYS A CE  1 
ATOM   797  N  NZ  . LYS A 1 142 ? -16.107 -13.001 -10.926 1.00 31.22 ? 119  LYS A NZ  1 
ATOM   798  N  N   . GLN A 1 143 ? -17.504 -5.387  -9.434  1.00 26.56 ? 120  GLN A N   1 
ATOM   799  C  CA  A GLN A 1 143 ? -18.023 -4.115  -9.934  0.50 25.57 ? 120  GLN A CA  1 
ATOM   800  C  CA  B GLN A 1 143 ? -18.011 -4.097  -9.926  0.50 25.83 ? 120  GLN A CA  1 
ATOM   801  C  C   . GLN A 1 143 ? -17.109 -2.921  -9.562  1.00 25.64 ? 120  GLN A C   1 
ATOM   802  O  O   . GLN A 1 143 ? -17.011 -1.948  -10.304 1.00 26.85 ? 120  GLN A O   1 
ATOM   803  C  CB  A GLN A 1 143 ? -19.474 -3.908  -9.453  0.50 24.90 ? 120  GLN A CB  1 
ATOM   804  C  CB  B GLN A 1 143 ? -19.434 -3.835  -9.424  0.50 25.33 ? 120  GLN A CB  1 
ATOM   805  C  CG  A GLN A 1 143 ? -20.503 -4.944  -9.991  0.50 22.86 ? 120  GLN A CG  1 
ATOM   806  C  CG  B GLN A 1 143 ? -20.500 -4.344  -10.361 0.50 24.52 ? 120  GLN A CG  1 
ATOM   807  C  CD  A GLN A 1 143 ? -20.427 -6.312  -9.315  0.50 19.96 ? 120  GLN A CD  1 
ATOM   808  C  CD  B GLN A 1 143 ? -20.363 -3.747  -11.758 0.50 23.72 ? 120  GLN A CD  1 
ATOM   809  O  OE1 A GLN A 1 143 ? -20.406 -6.411  -8.108  0.50 20.05 ? 120  GLN A OE1 1 
ATOM   810  O  OE1 B GLN A 1 143 ? -20.721 -2.593  -12.000 0.50 20.98 ? 120  GLN A OE1 1 
ATOM   811  N  NE2 A GLN A 1 143 ? -20.398 -7.364  -10.104 0.50 19.99 ? 120  GLN A NE2 1 
ATOM   812  N  NE2 B GLN A 1 143 ? -19.846 -4.541  -12.685 0.50 23.03 ? 120  GLN A NE2 1 
ATOM   813  N  N   . GLN A 1 144 ? -16.436 -2.999  -8.419  1.00 25.13 ? 121  GLN A N   1 
ATOM   814  C  CA  . GLN A 1 144 ? -15.618 -1.885  -7.957  1.00 24.06 ? 121  GLN A CA  1 
ATOM   815  C  C   . GLN A 1 144 ? -14.270 -1.792  -8.680  1.00 24.00 ? 121  GLN A C   1 
ATOM   816  O  O   . GLN A 1 144 ? -13.604 -0.748  -8.595  1.00 24.58 ? 121  GLN A O   1 
ATOM   817  C  CB  . GLN A 1 144 ? -15.413 -1.915  -6.444  1.00 23.63 ? 121  GLN A CB  1 
ATOM   818  C  CG  . GLN A 1 144 ? -16.679 -1.753  -5.618  1.00 23.24 ? 121  GLN A CG  1 
ATOM   819  C  CD  . GLN A 1 144 ? -16.420 -2.125  -4.155  1.00 23.76 ? 121  GLN A CD  1 
ATOM   820  O  OE1 . GLN A 1 144 ? -16.473 -3.312  -3.771  1.00 21.07 ? 121  GLN A OE1 1 
ATOM   821  N  NE2 . GLN A 1 144 ? -16.089 -1.118  -3.340  1.00 20.32 ? 121  GLN A NE2 1 
ATOM   822  N  N   . ARG A 1 145 ? -13.861 -2.842  -9.396  1.00 23.14 ? 122  ARG A N   1 
ATOM   823  C  CA  . ARG A 1 145 ? -12.668 -2.734  -10.253 1.00 22.81 ? 122  ARG A CA  1 
ATOM   824  C  C   . ARG A 1 145 ? -12.823 -1.523  -11.191 1.00 23.24 ? 122  ARG A C   1 
ATOM   825  O  O   . ARG A 1 145 ? -11.854 -0.773  -11.420 1.00 23.39 ? 122  ARG A O   1 
ATOM   826  C  CB  . ARG A 1 145 ? -12.432 -3.983  -11.095 1.00 22.39 ? 122  ARG A CB  1 
ATOM   827  C  CG  . ARG A 1 145 ? -11.300 -3.805  -12.104 1.00 22.84 ? 122  ARG A CG  1 
ATOM   828  C  CD  . ARG A 1 145 ? -10.895 -5.067  -12.810 1.00 21.26 ? 122  ARG A CD  1 
ATOM   829  N  NE  . ARG A 1 145 ? -10.381 -6.044  -11.863 1.00 22.85 ? 122  ARG A NE  1 
ATOM   830  C  CZ  . ARG A 1 145 ? -10.135 -7.320  -12.160 1.00 24.65 ? 122  ARG A CZ  1 
ATOM   831  N  NH1 . ARG A 1 145 ? -10.323 -7.779  -13.401 1.00 21.81 ? 122  ARG A NH1 1 
ATOM   832  N  NH2 . ARG A 1 145 ? -9.667  -8.137  -11.216 1.00 24.72 ? 122  ARG A NH2 1 
ATOM   833  N  N   . ARG A 1 146 ? -14.057 -1.333  -11.685 1.00 22.42 ? 123  ARG A N   1 
ATOM   834  C  CA  . ARG A 1 146 ? -14.391 -0.289  -12.633 1.00 21.35 ? 123  ARG A CA  1 
ATOM   835  C  C   . ARG A 1 146 ? -14.451 1.055   -11.945 1.00 21.12 ? 123  ARG A C   1 
ATOM   836  O  O   . ARG A 1 146 ? -13.925 2.027   -12.455 1.00 20.50 ? 123  ARG A O   1 
ATOM   837  C  CB  . ARG A 1 146 ? -15.731 -0.599  -13.325 1.00 21.13 ? 123  ARG A CB  1 
ATOM   838  C  CG  . ARG A 1 146 ? -16.265 0.542   -14.178 1.00 20.23 ? 123  ARG A CG  1 
ATOM   839  C  CD  . ARG A 1 146 ? -17.679 0.249   -14.637 1.00 21.03 ? 123  ARG A CD  1 
ATOM   840  N  NE  . ARG A 1 146 ? -18.357 1.351   -15.323 1.00 18.81 ? 123  ARG A NE  1 
ATOM   841  C  CZ  . ARG A 1 146 ? -19.355 2.016   -14.766 1.00 21.80 ? 123  ARG A CZ  1 
ATOM   842  N  NH1 . ARG A 1 146 ? -19.739 1.673   -13.535 1.00 21.19 ? 123  ARG A NH1 1 
ATOM   843  N  NH2 . ARG A 1 146 ? -19.965 3.009   -15.409 1.00 20.28 ? 123  ARG A NH2 1 
ATOM   844  N  N   . SER A 1 147 ? -15.101 1.125   -10.792 1.00 21.33 ? 124  SER A N   1 
ATOM   845  C  CA  . SER A 1 147 ? -15.355 2.448   -10.174 1.00 21.71 ? 124  SER A CA  1 
ATOM   846  C  C   . SER A 1 147 ? -14.410 2.901   -9.051  1.00 20.94 ? 124  SER A C   1 
ATOM   847  O  O   . SER A 1 147 ? -14.215 4.113   -8.890  1.00 20.88 ? 124  SER A O   1 
ATOM   848  C  CB  . SER A 1 147 ? -16.792 2.535   -9.693  1.00 21.75 ? 124  SER A CB  1 
ATOM   849  O  OG  . SER A 1 147 ? -17.123 1.294   -9.123  1.00 24.28 ? 124  SER A OG  1 
ATOM   850  N  N   . ASP A 1 148 ? -13.825 1.953   -8.303  1.00 19.97 ? 125  ASP A N   1 
ATOM   851  C  CA  . ASP A 1 148 ? -12.906 2.297   -7.191  1.00 18.98 ? 125  ASP A CA  1 
ATOM   852  C  C   . ASP A 1 148 ? -11.445 1.854   -7.259  1.00 17.96 ? 125  ASP A C   1 
ATOM   853  O  O   . ASP A 1 148 ? -10.579 2.563   -6.785  1.00 17.66 ? 125  ASP A O   1 
ATOM   854  C  CB  . ASP A 1 148 ? -13.469 1.799   -5.882  1.00 19.45 ? 125  ASP A CB  1 
ATOM   855  C  CG  . ASP A 1 148 ? -14.900 2.193   -5.683  1.00 22.63 ? 125  ASP A CG  1 
ATOM   856  O  OD1 . ASP A 1 148 ? -15.283 3.387   -5.959  1.00 26.06 ? 125  ASP A OD1 1 
ATOM   857  O  OD2 . ASP A 1 148 ? -15.642 1.285   -5.246  1.00 23.61 ? 125  ASP A OD2 1 
ATOM   858  N  N   . LEU A 1 149 ? -11.158 0.676   -7.806  1.00 17.53 ? 126  LEU A N   1 
ATOM   859  C  CA  . LEU A 1 149 ? -9.787  0.206   -7.836  1.00 16.39 ? 126  LEU A CA  1 
ATOM   860  C  C   . LEU A 1 149 ? -8.766  1.333   -8.037  1.00 16.34 ? 126  LEU A C   1 
ATOM   861  O  O   . LEU A 1 149 ? -7.906  1.520   -7.157  1.00 17.51 ? 126  LEU A O   1 
ATOM   862  C  CB  . LEU A 1 149 ? -9.591  -0.949  -8.813  1.00 16.44 ? 126  LEU A CB  1 
ATOM   863  C  CG  . LEU A 1 149 ? -8.201  -1.645  -8.842  1.00 17.05 ? 126  LEU A CG  1 
ATOM   864  C  CD1 . LEU A 1 149 ? -7.785  -2.260  -7.446  1.00 15.39 ? 126  LEU A CD1 1 
ATOM   865  C  CD2 . LEU A 1 149 ? -8.150  -2.708  -9.948  1.00 11.21 ? 126  LEU A CD2 1 
ATOM   866  N  N   . ASP A 1 150 ? -8.837  2.102   -9.131  1.00 15.04 ? 127  ASP A N   1 
ATOM   867  C  CA  . ASP A 1 150 ? -7.745  3.062   -9.395  1.00 14.59 ? 127  ASP A CA  1 
ATOM   868  C  C   . ASP A 1 150 ? -7.727  4.229   -8.421  1.00 14.21 ? 127  ASP A C   1 
ATOM   869  O  O   . ASP A 1 150 ? -6.645  4.737   -8.037  1.00 14.55 ? 127  ASP A O   1 
ATOM   870  C  CB  . ASP A 1 150 ? -7.733  3.627   -10.823 1.00 13.94 ? 127  ASP A CB  1 
ATOM   871  C  CG  . ASP A 1 150 ? -7.741  2.567   -11.882 1.00 15.41 ? 127  ASP A CG  1 
ATOM   872  O  OD1 . ASP A 1 150 ? -8.484  2.817   -12.882 1.00 16.94 ? 127  ASP A OD1 1 
ATOM   873  O  OD2 . ASP A 1 150 ? -7.028  1.507   -11.753 1.00 13.28 ? 127  ASP A OD2 1 
ATOM   874  N  N   . ARG A 1 151 ? -8.905  4.688   -8.038  1.00 13.41 ? 128  ARG A N   1 
ATOM   875  C  CA  . ARG A 1 151 ? -8.938  5.843   -7.170  1.00 13.88 ? 128  ARG A CA  1 
ATOM   876  C  C   . ARG A 1 151 ? -8.551  5.491   -5.741  1.00 13.09 ? 128  ARG A C   1 
ATOM   877  O  O   . ARG A 1 151 ? -7.858  6.275   -5.110  1.00 13.66 ? 128  ARG A O   1 
ATOM   878  C  CB  . ARG A 1 151 ? -10.259 6.610   -7.248  1.00 14.56 ? 128  ARG A CB  1 
ATOM   879  C  CG  . ARG A 1 151 ? -11.473 5.812   -6.858  1.00 17.01 ? 128  ARG A CG  1 
ATOM   880  C  CD  . ARG A 1 151 ? -12.752 6.537   -7.242  1.00 21.74 ? 128  ARG A CD  1 
ATOM   881  N  NE  . ARG A 1 151 ? -13.868 5.935   -6.530  1.00 23.90 ? 128  ARG A NE  1 
ATOM   882  C  CZ  . ARG A 1 151 ? -14.189 6.262   -5.286  1.00 26.33 ? 128  ARG A CZ  1 
ATOM   883  N  NH1 . ARG A 1 151 ? -15.207 5.673   -4.676  1.00 27.64 ? 128  ARG A NH1 1 
ATOM   884  N  NH2 . ARG A 1 151 ? -13.473 7.176   -4.646  1.00 27.41 ? 128  ARG A NH2 1 
ATOM   885  N  N   . PHE A 1 152 ? -8.970  4.330   -5.246  1.00 11.84 ? 129  PHE A N   1 
ATOM   886  C  CA  . PHE A 1 152 ? -8.516  3.852   -3.939  1.00 11.29 ? 129  PHE A CA  1 
ATOM   887  C  C   . PHE A 1 152 ? -6.992  3.626   -3.913  1.00 11.29 ? 129  PHE A C   1 
ATOM   888  O  O   . PHE A 1 152 ? -6.314  4.028   -2.963  1.00 11.17 ? 129  PHE A O   1 
ATOM   889  C  CB  . PHE A 1 152 ? -9.232  2.555   -3.571  1.00 11.60 ? 129  PHE A CB  1 
ATOM   890  C  CG  . PHE A 1 152 ? -10.663 2.724   -3.128  1.00 10.82 ? 129  PHE A CG  1 
ATOM   891  C  CD1 . PHE A 1 152 ? -11.366 1.623   -2.647  1.00 10.67 ? 129  PHE A CD1 1 
ATOM   892  C  CD2 . PHE A 1 152 ? -11.291 3.966   -3.147  1.00 10.86 ? 129  PHE A CD2 1 
ATOM   893  C  CE1 . PHE A 1 152 ? -12.698 1.748   -2.215  1.00 11.97 ? 129  PHE A CE1 1 
ATOM   894  C  CE2 . PHE A 1 152 ? -12.607 4.110   -2.723  1.00 11.78 ? 129  PHE A CE2 1 
ATOM   895  C  CZ  . PHE A 1 152 ? -13.319 2.985   -2.258  1.00 11.97 ? 129  PHE A CZ  1 
ATOM   896  N  N   . TRP A 1 153 ? -6.440  2.973   -4.936  1.00 11.10 ? 130  TRP A N   1 
ATOM   897  C  CA  . TRP A 1 153 ? -4.990  2.816   -4.984  1.00 11.57 ? 130  TRP A CA  1 
ATOM   898  C  C   . TRP A 1 153 ? -4.254  4.190   -5.079  1.00 12.74 ? 130  TRP A C   1 
ATOM   899  O  O   . TRP A 1 153 ? -3.290  4.453   -4.309  1.00 13.68 ? 130  TRP A O   1 
ATOM   900  C  CB  . TRP A 1 153 ? -4.577  1.879   -6.099  1.00 10.52 ? 130  TRP A CB  1 
ATOM   901  C  CG  . TRP A 1 153 ? -3.091  1.588   -6.132  1.00 9.70  ? 130  TRP A CG  1 
ATOM   902  C  CD1 . TRP A 1 153 ? -2.238  1.806   -7.184  1.00 7.94  ? 130  TRP A CD1 1 
ATOM   903  C  CD2 . TRP A 1 153 ? -2.289  1.018   -5.085  1.00 8.42  ? 130  TRP A CD2 1 
ATOM   904  N  NE1 . TRP A 1 153 ? -0.970  1.446   -6.851  1.00 5.63  ? 130  TRP A NE1 1 
ATOM   905  C  CE2 . TRP A 1 153 ? -0.970  0.921   -5.581  1.00 7.88  ? 130  TRP A CE2 1 
ATOM   906  C  CE3 . TRP A 1 153 ? -2.557  0.554   -3.793  1.00 6.82  ? 130  TRP A CE3 1 
ATOM   907  C  CZ2 . TRP A 1 153 ? 0.094   0.395   -4.808  1.00 6.48  ? 130  TRP A CZ2 1 
ATOM   908  C  CZ3 . TRP A 1 153 ? -1.499  0.004   -3.035  1.00 6.05  ? 130  TRP A CZ3 1 
ATOM   909  C  CH2 . TRP A 1 153 ? -0.196  -0.039  -3.535  1.00 6.75  ? 130  TRP A CH2 1 
ATOM   910  N  N   . LEU A 1 154 ? -4.702  5.091   -5.955  1.00 12.65 ? 131  LEU A N   1 
ATOM   911  C  CA  . LEU A 1 154 ? -4.018  6.377   -5.992  1.00 12.81 ? 131  LEU A CA  1 
ATOM   912  C  C   . LEU A 1 154 ? -4.089  7.054   -4.633  1.00 13.09 ? 131  LEU A C   1 
ATOM   913  O  O   . LEU A 1 154 ? -3.094  7.590   -4.138  1.00 14.31 ? 131  LEU A O   1 
ATOM   914  C  CB  . LEU A 1 154 ? -4.526  7.279   -7.111  1.00 11.80 ? 131  LEU A CB  1 
ATOM   915  C  CG  . LEU A 1 154 ? -3.952  8.695   -7.116  1.00 9.41  ? 131  LEU A CG  1 
ATOM   916  C  CD1 . LEU A 1 154 ? -2.472  8.709   -7.236  1.00 4.40  ? 131  LEU A CD1 1 
ATOM   917  C  CD2 . LEU A 1 154 ? -4.596  9.518   -8.222  1.00 6.47  ? 131  LEU A CD2 1 
ATOM   918  N  N   . GLU A 1 155 ? -5.256  7.011   -4.028  1.00 13.20 ? 132  GLU A N   1 
ATOM   919  C  CA  . GLU A 1 155 ? -5.460  7.575   -2.696  1.00 14.07 ? 132  GLU A CA  1 
ATOM   920  C  C   . GLU A 1 155 ? -4.494  6.949   -1.704  1.00 13.71 ? 132  GLU A C   1 
ATOM   921  O  O   . GLU A 1 155 ? -3.877  7.640   -0.893  1.00 13.80 ? 132  GLU A O   1 
ATOM   922  C  CB  . GLU A 1 155 ? -6.918  7.344   -2.256  1.00 14.55 ? 132  GLU A CB  1 
ATOM   923  C  CG  . GLU A 1 155 ? -7.411  8.099   -1.002  1.00 19.28 ? 132  GLU A CG  1 
ATOM   924  C  CD  . GLU A 1 155 ? -7.022  9.581   -0.951  1.00 28.05 ? 132  GLU A CD  1 
ATOM   925  O  OE1 . GLU A 1 155 ? -7.022  10.304  -1.986  1.00 30.76 ? 132  GLU A OE1 1 
ATOM   926  O  OE2 . GLU A 1 155 ? -6.730  10.036  0.169   1.00 33.41 ? 132  GLU A OE2 1 
ATOM   927  N  N   . THR A 1 156 ? -4.344  5.632   -1.784  1.00 13.89 ? 133  THR A N   1 
ATOM   928  C  CA  . THR A 1 156 ? -3.430  4.897   -0.909  1.00 13.07 ? 133  THR A CA  1 
ATOM   929  C  C   . THR A 1 156 ? -1.984  5.292   -1.111  1.00 12.90 ? 133  THR A C   1 
ATOM   930  O  O   . THR A 1 156 ? -1.263  5.484   -0.131  1.00 12.28 ? 133  THR A O   1 
ATOM   931  C  CB  . THR A 1 156 ? -3.618  3.425   -1.086  1.00 13.39 ? 133  THR A CB  1 
ATOM   932  O  OG1 . THR A 1 156 ? -5.024  3.137   -0.892  1.00 12.86 ? 133  THR A OG1 1 
ATOM   933  C  CG2 . THR A 1 156 ? -2.754  2.651   -0.083  1.00 12.22 ? 133  THR A CG2 1 
ATOM   934  N  N   . LEU A 1 157 ? -1.581  5.425   -2.378  1.00 12.61 ? 134  LEU A N   1 
ATOM   935  C  CA  . LEU A 1 157 ? -0.252  5.913   -2.725  1.00 12.50 ? 134  LEU A CA  1 
ATOM   936  C  C   . LEU A 1 157 ? 0.010   7.287   -2.070  1.00 12.93 ? 134  LEU A C   1 
ATOM   937  O  O   . LEU A 1 157 ? 1.082   7.507   -1.481  1.00 13.00 ? 134  LEU A O   1 
ATOM   938  C  CB  . LEU A 1 157 ? -0.060  5.966   -4.266  1.00 12.64 ? 134  LEU A CB  1 
ATOM   939  C  CG  . LEU A 1 157 ? 0.088   4.641   -5.070  1.00 11.92 ? 134  LEU A CG  1 
ATOM   940  C  CD1 . LEU A 1 157 ? 0.115   4.828   -6.601  1.00 9.47  ? 134  LEU A CD1 1 
ATOM   941  C  CD2 . LEU A 1 157 ? 1.276   3.810   -4.647  1.00 9.38  ? 134  LEU A CD2 1 
ATOM   942  N  N   . LEU A 1 158 ? -0.966  8.200   -2.157  1.00 13.12 ? 135  LEU A N   1 
ATOM   943  C  CA  . LEU A 1 158 ? -0.823  9.562   -1.606  1.00 13.28 ? 135  LEU A CA  1 
ATOM   944  C  C   . LEU A 1 158 ? -0.842  9.588   -0.073  1.00 13.76 ? 135  LEU A C   1 
ATOM   945  O  O   . LEU A 1 158 ? -0.265  10.476  0.560   1.00 13.96 ? 135  LEU A O   1 
ATOM   946  C  CB  . LEU A 1 158 ? -1.890  10.515  -2.195  1.00 12.77 ? 135  LEU A CB  1 
ATOM   947  C  CG  . LEU A 1 158 ? -1.818  10.763  -3.729  1.00 13.69 ? 135  LEU A CG  1 
ATOM   948  C  CD1 . LEU A 1 158 ? -3.048  11.485  -4.258  1.00 11.00 ? 135  LEU A CD1 1 
ATOM   949  C  CD2 . LEU A 1 158 ? -0.552  11.539  -4.132  1.00 7.89  ? 135  LEU A CD2 1 
ATOM   950  N  N   . CYS A 1 159 ? -1.506  8.609   0.533   1.00 14.59 ? 136  CYS A N   1 
ATOM   951  C  CA  . CYS A 1 159 ? -1.483  8.472   1.993   1.00 15.10 ? 136  CYS A CA  1 
ATOM   952  C  C   . CYS A 1 159 ? -0.071  8.105   2.442   1.00 14.99 ? 136  CYS A C   1 
ATOM   953  O  O   . CYS A 1 159 ? 0.431   8.622   3.451   1.00 15.28 ? 136  CYS A O   1 
ATOM   954  C  CB  . CYS A 1 159 ? -2.482  7.399   2.460   1.00 14.89 ? 136  CYS A CB  1 
ATOM   955  S  SG  . CYS A 1 159 ? -4.228  7.987   2.604   1.00 18.19 ? 136  CYS A SG  1 
ATOM   956  N  N   . LEU A 1 160 ? 0.561   7.210   1.686   1.00 14.37 ? 137  LEU A N   1 
ATOM   957  C  CA  . LEU A 1 160 ? 1.896   6.791   1.991   1.00 14.08 ? 137  LEU A CA  1 
ATOM   958  C  C   . LEU A 1 160 ? 2.824   7.989   1.834   1.00 14.89 ? 137  LEU A C   1 
ATOM   959  O  O   . LEU A 1 160 ? 3.353   8.516   2.818   1.00 15.60 ? 137  LEU A O   1 
ATOM   960  C  CB  . LEU A 1 160 ? 2.329   5.639   1.085   1.00 13.15 ? 137  LEU A CB  1 
ATOM   961  C  CG  . LEU A 1 160 ? 1.565   4.320   1.249   1.00 13.72 ? 137  LEU A CG  1 
ATOM   962  C  CD1 . LEU A 1 160 ? 2.224   3.167   0.454   1.00 14.20 ? 137  LEU A CD1 1 
ATOM   963  C  CD2 . LEU A 1 160 ? 1.393   3.903   2.710   1.00 10.03 ? 137  LEU A CD2 1 
ATOM   964  N  N   . ILE A 1 161 ? 2.978   8.461   0.602   1.00 14.62 ? 138  ILE A N   1 
ATOM   965  C  CA  . ILE A 1 161 ? 4.074   9.365   0.300   1.00 13.52 ? 138  ILE A CA  1 
ATOM   966  C  C   . ILE A 1 161 ? 3.927   10.689  0.997   1.00 14.22 ? 138  ILE A C   1 
ATOM   967  O  O   . ILE A 1 161 ? 4.939   11.346  1.318   1.00 15.18 ? 138  ILE A O   1 
ATOM   968  C  CB  . ILE A 1 161 ? 4.320   9.519   -1.214  1.00 13.23 ? 138  ILE A CB  1 
ATOM   969  C  CG1 . ILE A 1 161 ? 3.145   10.155  -1.920  1.00 10.13 ? 138  ILE A CG1 1 
ATOM   970  C  CG2 . ILE A 1 161 ? 4.604   8.158   -1.851  1.00 11.98 ? 138  ILE A CG2 1 
ATOM   971  C  CD1 . ILE A 1 161 ? 3.533   10.497  -3.256  1.00 9.80  ? 138  ILE A CD1 1 
ATOM   972  N  N   . GLY A 1 162 ? 2.692   11.079  1.279   1.00 13.81 ? 139  GLY A N   1 
ATOM   973  C  CA  . GLY A 1 162 ? 2.473   12.368  1.926   1.00 14.48 ? 139  GLY A CA  1 
ATOM   974  C  C   . GLY A 1 162 ? 2.337   12.257  3.431   1.00 15.05 ? 139  GLY A C   1 
ATOM   975  O  O   . GLY A 1 162 ? 1.884   13.184  4.091   1.00 13.91 ? 139  GLY A O   1 
ATOM   976  N  N   . GLU A 1 163 ? 2.685   11.079  3.953   1.00 16.41 ? 140  GLU A N   1 
ATOM   977  C  CA  . GLU A 1 163 ? 2.648   10.784  5.388   1.00 17.52 ? 140  GLU A CA  1 
ATOM   978  C  C   . GLU A 1 163 ? 1.315   11.225  6.060   1.00 17.99 ? 140  GLU A C   1 
ATOM   979  O  O   . GLU A 1 163 ? 1.298   12.010  7.017   1.00 17.65 ? 140  GLU A O   1 
ATOM   980  C  CB  . GLU A 1 163 ? 3.886   11.382  6.090   1.00 16.96 ? 140  GLU A CB  1 
ATOM   981  C  CG  . GLU A 1 163 ? 5.197   11.127  5.386   1.00 17.63 ? 140  GLU A CG  1 
ATOM   982  C  CD  . GLU A 1 163 ? 5.785   9.745   5.649   1.00 20.69 ? 140  GLU A CD  1 
ATOM   983  O  OE1 . GLU A 1 163 ? 5.479   9.134   6.704   1.00 24.60 ? 140  GLU A OE1 1 
ATOM   984  O  OE2 . GLU A 1 163 ? 6.600   9.284   4.823   1.00 15.54 ? 140  GLU A OE2 1 
ATOM   985  N  N   . SER A 1 164 ? 0.199   10.696  5.585   1.00 18.82 ? 141  SER A N   1 
ATOM   986  C  CA  . SER A 1 164 ? -1.088  11.190  6.070   1.00 20.37 ? 141  SER A CA  1 
ATOM   987  C  C   . SER A 1 164 ? -1.466  10.649  7.439   1.00 20.70 ? 141  SER A C   1 
ATOM   988  O  O   . SER A 1 164 ? -2.546  10.935  7.960   1.00 20.66 ? 141  SER A O   1 
ATOM   989  C  CB  . SER A 1 164 ? -2.178  10.875  5.058   1.00 20.85 ? 141  SER A CB  1 
ATOM   990  O  OG  . SER A 1 164 ? -1.885  11.537  3.826   1.00 23.04 ? 141  SER A OG  1 
ATOM   991  N  N   . PHE A 1 165 ? -0.579  9.859   8.022   1.00 21.18 ? 142  PHE A N   1 
ATOM   992  C  CA  . PHE A 1 165 ? -0.892  9.205   9.277   1.00 21.56 ? 142  PHE A CA  1 
ATOM   993  C  C   . PHE A 1 165 ? -0.209  9.890   10.459  1.00 23.26 ? 142  PHE A C   1 
ATOM   994  O  O   . PHE A 1 165 ? -0.151  9.339   11.556  1.00 23.23 ? 142  PHE A O   1 
ATOM   995  C  CB  . PHE A 1 165 ? -0.598  7.720   9.182   1.00 20.76 ? 142  PHE A CB  1 
ATOM   996  C  CG  . PHE A 1 165 ? -1.377  7.037   8.094   1.00 17.66 ? 142  PHE A CG  1 
ATOM   997  C  CD1 . PHE A 1 165 ? -0.738  6.555   6.963   1.00 14.93 ? 142  PHE A CD1 1 
ATOM   998  C  CD2 . PHE A 1 165 ? -2.761  6.906   8.191   1.00 17.08 ? 142  PHE A CD2 1 
ATOM   999  C  CE1 . PHE A 1 165 ? -1.455  5.916   5.934   1.00 16.17 ? 142  PHE A CE1 1 
ATOM   1000 C  CE2 . PHE A 1 165 ? -3.507  6.271   7.161   1.00 17.26 ? 142  PHE A CE2 1 
ATOM   1001 C  CZ  . PHE A 1 165 ? -2.850  5.778   6.038   1.00 16.58 ? 142  PHE A CZ  1 
ATOM   1002 N  N   . ASP A 1 166 ? 0.277   11.111  10.197  1.00 25.13 ? 143  ASP A N   1 
ATOM   1003 C  CA  . ASP A 1 166 ? 0.762   12.062  11.202  1.00 26.63 ? 143  ASP A CA  1 
ATOM   1004 C  C   . ASP A 1 166 ? 1.729   11.447  12.258  1.00 26.56 ? 143  ASP A C   1 
ATOM   1005 O  O   . ASP A 1 166 ? 2.828   11.005  11.897  1.00 26.98 ? 143  ASP A O   1 
ATOM   1006 C  CB  . ASP A 1 166 ? -0.428  12.895  11.772  1.00 27.67 ? 143  ASP A CB  1 
ATOM   1007 C  CG  . ASP A 1 166 ? -1.551  12.012  12.405  1.00 31.10 ? 143  ASP A CG  1 
ATOM   1008 O  OD1 . ASP A 1 166 ? -1.403  11.634  13.615  1.00 33.39 ? 143  ASP A OD1 1 
ATOM   1009 O  OD2 . ASP A 1 166 ? -2.570  11.716  11.694  1.00 32.57 ? 143  ASP A OD2 1 
ATOM   1010 N  N   . ASP A 1 167 ? 1.343   11.390  13.534  1.00 26.84 ? 144  ASP A N   1 
ATOM   1011 C  CA  . ASP A 1 167 ? 2.238   10.839  14.573  1.00 27.03 ? 144  ASP A CA  1 
ATOM   1012 C  C   . ASP A 1 167 ? 2.504   9.364   14.394  1.00 26.25 ? 144  ASP A C   1 
ATOM   1013 O  O   . ASP A 1 167 ? 3.462   8.870   14.945  1.00 26.45 ? 144  ASP A O   1 
ATOM   1014 C  CB  . ASP A 1 167 ? 1.676   10.999  15.994  1.00 27.69 ? 144  ASP A CB  1 
ATOM   1015 C  CG  . ASP A 1 167 ? 1.585   12.423  16.440  1.00 29.76 ? 144  ASP A CG  1 
ATOM   1016 O  OD1 . ASP A 1 167 ? 2.567   13.180  16.266  1.00 31.85 ? 144  ASP A OD1 1 
ATOM   1017 O  OD2 . ASP A 1 167 ? 0.513   12.777  16.984  1.00 32.91 ? 144  ASP A OD2 1 
ATOM   1018 N  N   . TYR A 1 168 ? 1.642   8.644   13.677  1.00 25.34 ? 145  TYR A N   1 
ATOM   1019 C  CA  . TYR A 1 168 ? 1.869   7.218   13.505  1.00 24.87 ? 145  TYR A CA  1 
ATOM   1020 C  C   . TYR A 1 168 ? 2.463   6.810   12.168  1.00 25.17 ? 145  TYR A C   1 
ATOM   1021 O  O   . TYR A 1 168 ? 2.460   5.611   11.852  1.00 25.19 ? 145  TYR A O   1 
ATOM   1022 C  CB  . TYR A 1 168 ? 0.610   6.401   13.813  1.00 23.94 ? 145  TYR A CB  1 
ATOM   1023 C  CG  . TYR A 1 168 ? 0.121   6.569   15.216  1.00 23.44 ? 145  TYR A CG  1 
ATOM   1024 C  CD1 . TYR A 1 168 ? -1.031  7.325   15.470  1.00 22.85 ? 145  TYR A CD1 1 
ATOM   1025 C  CD2 . TYR A 1 168 ? 0.816   6.006   16.308  1.00 21.87 ? 145  TYR A CD2 1 
ATOM   1026 C  CE1 . TYR A 1 168 ? -1.499  7.509   16.751  1.00 21.69 ? 145  TYR A CE1 1 
ATOM   1027 C  CE2 . TYR A 1 168 ? 0.348   6.174   17.605  1.00 20.64 ? 145  TYR A CE2 1 
ATOM   1028 C  CZ  . TYR A 1 168 ? -0.817  6.940   17.816  1.00 21.49 ? 145  TYR A CZ  1 
ATOM   1029 O  OH  . TYR A 1 168 ? -1.335  7.148   19.082  1.00 20.74 ? 145  TYR A OH  1 
ATOM   1030 N  N   . SER A 1 169 ? 2.995   7.770   11.395  1.00 25.63 ? 146  SER A N   1 
ATOM   1031 C  CA  . SER A 1 169 ? 3.526   7.448   10.032  1.00 25.51 ? 146  SER A CA  1 
ATOM   1032 C  C   . SER A 1 169 ? 4.745   6.521   9.989   1.00 25.29 ? 146  SER A C   1 
ATOM   1033 O  O   . SER A 1 169 ? 5.022   5.929   8.942   1.00 26.46 ? 146  SER A O   1 
ATOM   1034 C  CB  . SER A 1 169 ? 3.646   8.681   9.086   1.00 25.91 ? 146  SER A CB  1 
ATOM   1035 O  OG  A SER A 1 169 ? 2.527   8.759   8.190   0.50 24.54 ? 146  SER A OG  1 
ATOM   1036 O  OG  B SER A 1 169 ? 4.071   9.865   9.753   0.50 25.38 ? 146  SER A OG  1 
ATOM   1037 N  N   . ASP A 1 170 ? 5.422   6.353   11.127  1.00 24.49 ? 147  ASP A N   1 
ATOM   1038 C  CA  . ASP A 1 170 ? 6.515   5.368   11.294  1.00 23.87 ? 147  ASP A CA  1 
ATOM   1039 C  C   . ASP A 1 170 ? 6.079   3.921   11.516  1.00 22.49 ? 147  ASP A C   1 
ATOM   1040 O  O   . ASP A 1 170 ? 6.924   3.023   11.604  1.00 22.13 ? 147  ASP A O   1 
ATOM   1041 C  CB  . ASP A 1 170 ? 7.368   5.727   12.516  1.00 24.76 ? 147  ASP A CB  1 
ATOM   1042 C  CG  . ASP A 1 170 ? 8.428   6.775   12.220  1.00 28.23 ? 147  ASP A CG  1 
ATOM   1043 O  OD1 . ASP A 1 170 ? 8.440   7.414   11.123  1.00 29.49 ? 147  ASP A OD1 1 
ATOM   1044 O  OD2 . ASP A 1 170 ? 9.253   6.954   13.136  1.00 32.74 ? 147  ASP A OD2 1 
ATOM   1045 N  N   . ASP A 1 171 ? 4.784   3.689   11.686  1.00 20.64 ? 148  ASP A N   1 
ATOM   1046 C  CA  . ASP A 1 171 ? 4.279   2.329   11.778  1.00 18.51 ? 148  ASP A CA  1 
ATOM   1047 C  C   . ASP A 1 171 ? 3.862   1.831   10.414  1.00 16.23 ? 148  ASP A C   1 
ATOM   1048 O  O   . ASP A 1 171 ? 3.720   0.659   10.219  1.00 16.72 ? 148  ASP A O   1 
ATOM   1049 C  CB  . ASP A 1 171 ? 3.110   2.237   12.748  1.00 19.18 ? 148  ASP A CB  1 
ATOM   1050 C  CG  . ASP A 1 171 ? 3.561   2.081   14.165  1.00 21.98 ? 148  ASP A CG  1 
ATOM   1051 O  OD1 . ASP A 1 171 ? 4.250   2.993   14.685  1.00 26.11 ? 148  ASP A OD1 1 
ATOM   1052 O  OD2 . ASP A 1 171 ? 3.230   1.037   14.765  1.00 24.40 ? 148  ASP A OD2 1 
ATOM   1053 N  N   . VAL A 1 172 ? 3.666   2.728   9.477   1.00 14.25 ? 149  VAL A N   1 
ATOM   1054 C  CA  . VAL A 1 172 ? 3.307   2.371   8.131   1.00 13.25 ? 149  VAL A CA  1 
ATOM   1055 C  C   . VAL A 1 172 ? 4.540   1.788   7.390   1.00 13.94 ? 149  VAL A C   1 
ATOM   1056 O  O   . VAL A 1 172 ? 5.615   2.409   7.362   1.00 13.75 ? 149  VAL A O   1 
ATOM   1057 C  CB  . VAL A 1 172 ? 2.738   3.619   7.423   1.00 13.13 ? 149  VAL A CB  1 
ATOM   1058 C  CG1 . VAL A 1 172 ? 2.563   3.415   5.915   1.00 10.92 ? 149  VAL A CG1 1 
ATOM   1059 C  CG2 . VAL A 1 172 ? 1.434   4.053   8.098   1.00 11.42 ? 149  VAL A CG2 1 
ATOM   1060 N  N   . CYS A 1 173 ? 4.396   0.575   6.845   1.00 13.66 ? 150  CYS A N   1 
ATOM   1061 C  CA  . CYS A 1 173 ? 5.435   -0.024  6.006   1.00 14.29 ? 150  CYS A CA  1 
ATOM   1062 C  C   . CYS A 1 173 ? 5.147   0.135   4.534   1.00 13.45 ? 150  CYS A C   1 
ATOM   1063 O  O   . CYS A 1 173 ? 6.051   0.458   3.772   1.00 13.76 ? 150  CYS A O   1 
ATOM   1064 C  CB  . CYS A 1 173 ? 5.615   -1.506  6.308   1.00 14.83 ? 150  CYS A CB  1 
ATOM   1065 S  SG  . CYS A 1 173 ? 5.840   -1.802  8.080   1.00 17.66 ? 150  CYS A SG  1 
ATOM   1066 N  N   . GLY A 1 174 ? 3.900   -0.095  4.131   1.00 12.41 ? 151  GLY A N   1 
ATOM   1067 C  CA  . GLY A 1 174 ? 3.556   0.016   2.736   1.00 11.72 ? 151  GLY A CA  1 
ATOM   1068 C  C   . GLY A 1 174 ? 2.165   -0.426  2.367   1.00 11.87 ? 151  GLY A C   1 
ATOM   1069 O  O   . GLY A 1 174 ? 1.294   -0.572  3.230   1.00 11.20 ? 151  GLY A O   1 
ATOM   1070 N  N   . ALA A 1 175 ? 1.947   -0.633  1.072   1.00 11.29 ? 152  ALA A N   1 
ATOM   1071 C  CA  . ALA A 1 175 ? 0.647   -1.042  0.620   1.00 11.80 ? 152  ALA A CA  1 
ATOM   1072 C  C   . ALA A 1 175 ? 0.739   -2.006  -0.568  1.00 12.94 ? 152  ALA A C   1 
ATOM   1073 O  O   . ALA A 1 175 ? 1.755   -2.019  -1.290  1.00 13.35 ? 152  ALA A O   1 
ATOM   1074 C  CB  . ALA A 1 175 ? -0.177  0.165   0.283   1.00 10.96 ? 152  ALA A CB  1 
ATOM   1075 N  N   . VAL A 1 176 ? -0.328  -2.799  -0.765  1.00 12.77 ? 153  VAL A N   1 
ATOM   1076 C  CA  . VAL A 1 176 ? -0.387  -3.812  -1.817  1.00 12.45 ? 153  VAL A CA  1 
ATOM   1077 C  C   . VAL A 1 176 ? -1.787  -3.784  -2.454  1.00 12.76 ? 153  VAL A C   1 
ATOM   1078 O  O   . VAL A 1 176 ? -2.815  -3.879  -1.748  1.00 12.94 ? 153  VAL A O   1 
ATOM   1079 C  CB  . VAL A 1 176 ? -0.082  -5.272  -1.285  1.00 12.04 ? 153  VAL A CB  1 
ATOM   1080 C  CG1 . VAL A 1 176 ? 0.181   -6.235  -2.441  1.00 11.97 ? 153  VAL A CG1 1 
ATOM   1081 C  CG2 . VAL A 1 176 ? 1.126   -5.283  -0.365  1.00 12.53 ? 153  VAL A CG2 1 
ATOM   1082 N  N   . VAL A 1 177 ? -1.803  -3.651  -3.781  1.00 12.39 ? 154  VAL A N   1 
ATOM   1083 C  CA  . VAL A 1 177 ? -2.989  -3.782  -4.593  1.00 12.21 ? 154  VAL A CA  1 
ATOM   1084 C  C   . VAL A 1 177 ? -2.841  -5.085  -5.355  1.00 13.21 ? 154  VAL A C   1 
ATOM   1085 O  O   . VAL A 1 177 ? -1.877  -5.265  -6.116  1.00 13.45 ? 154  VAL A O   1 
ATOM   1086 C  CB  . VAL A 1 177 ? -3.149  -2.600  -5.602  1.00 12.50 ? 154  VAL A CB  1 
ATOM   1087 C  CG1 . VAL A 1 177 ? -1.900  -2.402  -6.485  1.00 11.34 ? 154  VAL A CG1 1 
ATOM   1088 C  CG2 . VAL A 1 177 ? -4.323  -2.823  -6.479  1.00 12.12 ? 154  VAL A CG2 1 
ATOM   1089 N  N   . ASN A 1 178 ? -3.787  -5.996  -5.123  1.00 13.39 ? 155  ASN A N   1 
ATOM   1090 C  CA  . ASN A 1 178 ? -3.891  -7.247  -5.842  1.00 12.78 ? 155  ASN A CA  1 
ATOM   1091 C  C   . ASN A 1 178 ? -5.023  -7.198  -6.865  1.00 13.44 ? 155  ASN A C   1 
ATOM   1092 O  O   . ASN A 1 178 ? -6.169  -6.886  -6.531  1.00 12.36 ? 155  ASN A O   1 
ATOM   1093 C  CB  . ASN A 1 178 ? -4.194  -8.376  -4.866  1.00 13.08 ? 155  ASN A CB  1 
ATOM   1094 C  CG  . ASN A 1 178 ? -3.092  -8.583  -3.809  1.00 13.93 ? 155  ASN A CG  1 
ATOM   1095 O  OD1 . ASN A 1 178 ? -3.341  -8.488  -2.601  1.00 12.45 ? 155  ASN A OD1 1 
ATOM   1096 N  ND2 . ASN A 1 178 ? -1.888  -8.907  -4.265  1.00 15.40 ? 155  ASN A ND2 1 
ATOM   1097 N  N   . VAL A 1 179 ? -4.702  -7.522  -8.117  1.00 14.48 ? 156  VAL A N   1 
ATOM   1098 C  CA  . VAL A 1 179 ? -5.709  -7.627  -9.179  1.00 14.70 ? 156  VAL A CA  1 
ATOM   1099 C  C   . VAL A 1 179 ? -6.053  -9.114  -9.321  1.00 16.32 ? 156  VAL A C   1 
ATOM   1100 O  O   . VAL A 1 179 ? -5.193  -9.929  -9.605  1.00 15.87 ? 156  VAL A O   1 
ATOM   1101 C  CB  . VAL A 1 179 ? -5.167  -7.025  -10.506 1.00 14.31 ? 156  VAL A CB  1 
ATOM   1102 C  CG1 . VAL A 1 179 ? -6.160  -7.194  -11.673 1.00 10.78 ? 156  VAL A CG1 1 
ATOM   1103 C  CG2 . VAL A 1 179 ? -4.785  -5.583  -10.282 1.00 12.37 ? 156  VAL A CG2 1 
ATOM   1104 N  N   . ARG A 1 180 ? -7.316  -9.464  -9.110  1.00 18.79 ? 157  ARG A N   1 
ATOM   1105 C  CA  . ARG A 1 180 ? -7.725  -10.866 -8.988  1.00 21.16 ? 157  ARG A CA  1 
ATOM   1106 C  C   . ARG A 1 180 ? -9.096  -11.035 -9.592  1.00 23.54 ? 157  ARG A C   1 
ATOM   1107 O  O   . ARG A 1 180 ? -10.027 -10.250 -9.268  1.00 24.41 ? 157  ARG A O   1 
ATOM   1108 C  CB  . ARG A 1 180 ? -7.852  -11.264 -7.507  1.00 21.10 ? 157  ARG A CB  1 
ATOM   1109 C  CG  . ARG A 1 180 ? -6.581  -11.287 -6.720  1.00 21.20 ? 157  ARG A CG  1 
ATOM   1110 C  CD  . ARG A 1 180 ? -5.874  -12.577 -6.896  1.00 22.60 ? 157  ARG A CD  1 
ATOM   1111 N  NE  . ARG A 1 180 ? -4.624  -12.580 -6.148  1.00 28.72 ? 157  ARG A NE  1 
ATOM   1112 C  CZ  . ARG A 1 180 ? -3.516  -11.940 -6.533  1.00 32.78 ? 157  ARG A CZ  1 
ATOM   1113 N  NH1 . ARG A 1 180 ? -3.493  -11.229 -7.674  1.00 32.15 ? 157  ARG A NH1 1 
ATOM   1114 N  NH2 . ARG A 1 180 ? -2.423  -11.994 -5.769  1.00 33.26 ? 157  ARG A NH2 1 
ATOM   1115 N  N   . ALA A 1 181 ? -9.250  -12.064 -10.433 1.00 25.33 ? 158  ALA A N   1 
ATOM   1116 C  CA  . ALA A 1 181 ? -10.585 -12.477 -10.919 1.00 26.42 ? 158  ALA A CA  1 
ATOM   1117 C  C   . ALA A 1 181 ? -11.670 -12.545 -9.806  1.00 27.24 ? 158  ALA A C   1 
ATOM   1118 O  O   . ALA A 1 181 ? -12.802 -12.083 -10.013 1.00 27.86 ? 158  ALA A O   1 
ATOM   1119 C  CB  . ALA A 1 181 ? -10.474 -13.813 -11.650 1.00 26.59 ? 158  ALA A CB  1 
ATOM   1120 N  N   . LYS A 1 182 ? -11.309 -13.066 -8.626  1.00 27.51 ? 159  LYS A N   1 
ATOM   1121 C  CA  . LYS A 1 182 ? -12.284 -13.349 -7.548  1.00 27.71 ? 159  LYS A CA  1 
ATOM   1122 C  C   . LYS A 1 182 ? -12.650 -12.160 -6.704  1.00 27.22 ? 159  LYS A C   1 
ATOM   1123 O  O   . LYS A 1 182 ? -13.532 -12.275 -5.839  1.00 27.67 ? 159  LYS A O   1 
ATOM   1124 C  CB  . LYS A 1 182 ? -11.788 -14.454 -6.595  1.00 28.16 ? 159  LYS A CB  1 
ATOM   1125 C  CG  . LYS A 1 182 ? -11.830 -15.857 -7.214  1.00 31.67 ? 159  LYS A CG  1 
ATOM   1126 C  CD  . LYS A 1 182 ? -11.562 -16.941 -6.172  1.00 36.72 ? 159  LYS A CD  1 
ATOM   1127 C  CE  . LYS A 1 182 ? -11.030 -18.229 -6.824  1.00 38.81 ? 159  LYS A CE  1 
ATOM   1128 N  NZ  . LYS A 1 182 ? -10.010 -18.844 -5.913  1.00 40.97 ? 159  LYS A NZ  1 
ATOM   1129 N  N   . GLY A 1 183 ? -11.974 -11.031 -6.935  1.00 26.30 ? 160  GLY A N   1 
ATOM   1130 C  CA  . GLY A 1 183 ? -12.161 -9.797  -6.143  1.00 24.37 ? 160  GLY A CA  1 
ATOM   1131 C  C   . GLY A 1 183 ? -10.810 -9.115  -6.007  1.00 23.65 ? 160  GLY A C   1 
ATOM   1132 O  O   . GLY A 1 183 ? -9.803  -9.797  -5.716  1.00 24.63 ? 160  GLY A O   1 
ATOM   1133 N  N   . ASP A 1 184 ? -10.751 -7.801  -6.257  1.00 21.18 ? 161  ASP A N   1 
ATOM   1134 C  CA  . ASP A 1 184 ? -9.488  -7.078  -6.108  1.00 19.11 ? 161  ASP A CA  1 
ATOM   1135 C  C   . ASP A 1 184 ? -9.318  -6.748  -4.650  1.00 17.74 ? 161  ASP A C   1 
ATOM   1136 O  O   . ASP A 1 184 ? -10.314 -6.580  -3.960  1.00 17.15 ? 161  ASP A O   1 
ATOM   1137 C  CB  . ASP A 1 184 ? -9.444  -5.827  -6.986  1.00 18.47 ? 161  ASP A CB  1 
ATOM   1138 C  CG  . ASP A 1 184 ? -9.517  -6.162  -8.485  1.00 20.49 ? 161  ASP A CG  1 
ATOM   1139 O  OD1 . ASP A 1 184 ? -10.150 -5.378  -9.231  1.00 19.19 ? 161  ASP A OD1 1 
ATOM   1140 O  OD2 . ASP A 1 184 ? -8.938  -7.211  -8.930  1.00 21.38 ? 161  ASP A OD2 1 
ATOM   1141 N  N   . LYS A 1 185 ? -8.068  -6.697  -4.188  1.00 16.27 ? 162  LYS A N   1 
ATOM   1142 C  CA  . LYS A 1 185 ? -7.728  -6.295  -2.813  1.00 15.82 ? 162  LYS A CA  1 
ATOM   1143 C  C   . LYS A 1 185 ? -6.701  -5.160  -2.779  1.00 15.91 ? 162  LYS A C   1 
ATOM   1144 O  O   . LYS A 1 185 ? -5.741  -5.127  -3.579  1.00 16.32 ? 162  LYS A O   1 
ATOM   1145 C  CB  . LYS A 1 185 ? -7.151  -7.482  -2.018  1.00 15.57 ? 162  LYS A CB  1 
ATOM   1146 C  CG  . LYS A 1 185 ? -8.200  -8.432  -1.403  1.00 16.15 ? 162  LYS A CG  1 
ATOM   1147 C  CD  . LYS A 1 185 ? -7.639  -9.819  -1.084  1.00 14.52 ? 162  LYS A CD  1 
ATOM   1148 C  CE  . LYS A 1 185 ? -7.096  -10.490 -2.324  1.00 11.19 ? 162  LYS A CE  1 
ATOM   1149 N  NZ  . LYS A 1 185 ? -6.389  -11.719 -1.915  1.00 15.99 ? 162  LYS A NZ  1 
ATOM   1150 N  N   . ILE A 1 186 ? -6.883  -4.246  -1.838  1.00 15.13 ? 163  ILE A N   1 
ATOM   1151 C  CA  . ILE A 1 186 ? -5.850  -3.275  -1.494  1.00 14.80 ? 163  ILE A CA  1 
ATOM   1152 C  C   . ILE A 1 186 ? -5.643  -3.287  0.014   1.00 15.27 ? 163  ILE A C   1 
ATOM   1153 O  O   . ILE A 1 186 ? -6.633  -3.283  0.790   1.00 15.32 ? 163  ILE A O   1 
ATOM   1154 C  CB  . ILE A 1 186 ? -6.260  -1.839  -1.871  1.00 14.65 ? 163  ILE A CB  1 
ATOM   1155 C  CG1 . ILE A 1 186 ? -6.647  -1.766  -3.349  1.00 14.09 ? 163  ILE A CG1 1 
ATOM   1156 C  CG2 . ILE A 1 186 ? -5.154  -0.830  -1.490  1.00 13.50 ? 163  ILE A CG2 1 
ATOM   1157 C  CD1 . ILE A 1 186 ? -7.349  -0.447  -3.707  1.00 11.90 ? 163  ILE A CD1 1 
ATOM   1158 N  N   . ALA A 1 187 ? -4.377  -3.246  0.433   1.00 14.21 ? 164  ALA A N   1 
ATOM   1159 C  CA  . ALA A 1 187 ? -4.079  -3.200  1.846   1.00 13.56 ? 164  ALA A CA  1 
ATOM   1160 C  C   . ALA A 1 187 ? -2.901  -2.290  2.157   1.00 13.33 ? 164  ALA A C   1 
ATOM   1161 O  O   . ALA A 1 187 ? -1.968  -2.177  1.346   1.00 12.90 ? 164  ALA A O   1 
ATOM   1162 C  CB  . ALA A 1 187 ? -3.814  -4.611  2.366   1.00 13.13 ? 164  ALA A CB  1 
ATOM   1163 N  N   . ILE A 1 188 ? -2.977  -1.665  3.338   1.00 12.74 ? 165  ILE A N   1 
ATOM   1164 C  CA  . ILE A 1 188 ? -1.896  -0.908  3.968   1.00 12.79 ? 165  ILE A CA  1 
ATOM   1165 C  C   . ILE A 1 188 ? -1.318  -1.761  5.095   1.00 12.70 ? 165  ILE A C   1 
ATOM   1166 O  O   . ILE A 1 188 ? -2.046  -2.210  5.999   1.00 12.41 ? 165  ILE A O   1 
ATOM   1167 C  CB  . ILE A 1 188 ? -2.380  0.471   4.547   1.00 13.05 ? 165  ILE A CB  1 
ATOM   1168 C  CG1 . ILE A 1 188 ? -2.521  1.505   3.434   1.00 14.75 ? 165  ILE A CG1 1 
ATOM   1169 C  CG2 . ILE A 1 188 ? -1.391  1.052   5.563   1.00 11.71 ? 165  ILE A CG2 1 
ATOM   1170 C  CD1 . ILE A 1 188 ? -3.090  2.830   3.956   1.00 15.66 ? 165  ILE A CD1 1 
ATOM   1171 N  N   . TRP A 1 189 ? -0.003  -1.975  4.999   1.00 12.63 ? 166  TRP A N   1 
ATOM   1172 C  CA  . TRP A 1 189 ? 0.811   -2.736  5.933   1.00 12.33 ? 166  TRP A CA  1 
ATOM   1173 C  C   . TRP A 1 189 ? 1.434   -1.866  7.014   1.00 12.77 ? 166  TRP A C   1 
ATOM   1174 O  O   . TRP A 1 189 ? 2.043   -0.829  6.732   1.00 12.71 ? 166  TRP A O   1 
ATOM   1175 C  CB  . TRP A 1 189 ? 1.919   -3.388  5.159   1.00 12.33 ? 166  TRP A CB  1 
ATOM   1176 C  CG  . TRP A 1 189 ? 1.500   -4.560  4.346   1.00 12.89 ? 166  TRP A CG  1 
ATOM   1177 C  CD1 . TRP A 1 189 ? 0.286   -4.766  3.724   1.00 12.68 ? 166  TRP A CD1 1 
ATOM   1178 C  CD2 . TRP A 1 189 ? 2.315   -5.689  4.030   1.00 11.76 ? 166  TRP A CD2 1 
ATOM   1179 N  NE1 . TRP A 1 189 ? 0.304   -5.965  3.053   1.00 13.09 ? 166  TRP A NE1 1 
ATOM   1180 C  CE2 . TRP A 1 189 ? 1.530   -6.559  3.227   1.00 12.57 ? 166  TRP A CE2 1 
ATOM   1181 C  CE3 . TRP A 1 189 ? 3.632   -6.067  4.364   1.00 11.49 ? 166  TRP A CE3 1 
ATOM   1182 C  CZ2 . TRP A 1 189 ? 2.019   -7.808  2.756   1.00 12.10 ? 166  TRP A CZ2 1 
ATOM   1183 C  CZ3 . TRP A 1 189 ? 4.129   -7.309  3.867   1.00 10.96 ? 166  TRP A CZ3 1 
ATOM   1184 C  CH2 . TRP A 1 189 ? 3.317   -8.155  3.073   1.00 8.51  ? 166  TRP A CH2 1 
ATOM   1185 N  N   . THR A 1 190 ? 1.261   -2.287  8.260   1.00 13.56 ? 167  THR A N   1 
ATOM   1186 C  CA  . THR A 1 190 ? 1.856   -1.591  9.383   1.00 14.77 ? 167  THR A CA  1 
ATOM   1187 C  C   . THR A 1 190 ? 2.783   -2.557  10.159  1.00 15.90 ? 167  THR A C   1 
ATOM   1188 O  O   . THR A 1 190 ? 2.688   -3.790  10.026  1.00 15.21 ? 167  THR A O   1 
ATOM   1189 C  CB  . THR A 1 190 ? 0.812   -0.892  10.288  1.00 14.83 ? 167  THR A CB  1 
ATOM   1190 O  OG1 . THR A 1 190 ? 0.473   -1.736  11.410  1.00 15.85 ? 167  THR A OG1 1 
ATOM   1191 C  CG2 . THR A 1 190 ? -0.473  -0.495  9.485   1.00 13.62 ? 167  THR A CG2 1 
ATOM   1192 N  N   . THR A 1 191 ? 3.687   -1.969  10.949  1.00 17.31 ? 168  THR A N   1 
ATOM   1193 C  CA  . THR A 1 191 ? 4.877   -2.664  11.460  1.00 18.36 ? 168  THR A CA  1 
ATOM   1194 C  C   . THR A 1 191 ? 4.681   -3.552  12.704  1.00 20.15 ? 168  THR A C   1 
ATOM   1195 O  O   . THR A 1 191 ? 5.409   -4.543  12.886  1.00 20.47 ? 168  THR A O   1 
ATOM   1196 C  CB  . THR A 1 191 ? 6.020   -1.682  11.705  1.00 17.92 ? 168  THR A CB  1 
ATOM   1197 O  OG1 . THR A 1 191 ? 7.250   -2.410  11.666  1.00 17.72 ? 168  THR A OG1 1 
ATOM   1198 C  CG2 . THR A 1 191 ? 5.865   -0.947  13.050  1.00 16.44 ? 168  THR A CG2 1 
ATOM   1199 N  N   . GLU A 1 192 ? 3.699   -3.194  13.541  1.00 21.32 ? 169  GLU A N   1 
ATOM   1200 C  CA  . GLU A 1 192 ? 3.476   -3.867  14.801  1.00 22.95 ? 169  GLU A CA  1 
ATOM   1201 C  C   . GLU A 1 192 ? 1.977   -4.014  15.054  1.00 23.27 ? 169  GLU A C   1 
ATOM   1202 O  O   . GLU A 1 192 ? 1.265   -3.033  15.168  1.00 22.65 ? 169  GLU A O   1 
ATOM   1203 C  CB  . GLU A 1 192 ? 4.199   -3.144  15.969  1.00 23.16 ? 169  GLU A CB  1 
ATOM   1204 C  CG  . GLU A 1 192 ? 3.998   -3.846  17.346  1.00 25.29 ? 169  GLU A CG  1 
ATOM   1205 C  CD  . GLU A 1 192 ? 4.540   -5.299  17.391  1.00 29.28 ? 169  GLU A CD  1 
ATOM   1206 O  OE1 . GLU A 1 192 ? 3.724   -6.248  17.585  1.00 26.75 ? 169  GLU A OE1 1 
ATOM   1207 O  OE2 . GLU A 1 192 ? 5.786   -5.481  17.207  1.00 33.22 ? 169  GLU A OE2 1 
ATOM   1208 N  N   . CYS A 1 193 ? 1.496   -5.251  15.112  1.00 24.46 ? 170  CYS A N   1 
ATOM   1209 C  CA  . CYS A 1 193 ? 0.066   -5.468  15.180  1.00 25.71 ? 170  CYS A CA  1 
ATOM   1210 C  C   . CYS A 1 193 ? -0.474  -5.416  16.612  1.00 26.54 ? 170  CYS A C   1 
ATOM   1211 O  O   . CYS A 1 193 ? -1.671  -5.542  16.834  1.00 27.12 ? 170  CYS A O   1 
ATOM   1212 C  CB  . CYS A 1 193 ? -0.345  -6.738  14.422  1.00 25.62 ? 170  CYS A CB  1 
ATOM   1213 S  SG  . CYS A 1 193 ? 0.027   -8.243  15.261  1.00 26.93 ? 170  CYS A SG  1 
ATOM   1214 N  N   . GLU A 1 194 ? 0.409   -5.185  17.576  1.00 27.67 ? 171  GLU A N   1 
ATOM   1215 C  CA  . GLU A 1 194 ? 0.011   -5.104  18.970  1.00 28.57 ? 171  GLU A CA  1 
ATOM   1216 C  C   . GLU A 1 194 ? -0.002  -3.675  19.485  1.00 28.57 ? 171  GLU A C   1 
ATOM   1217 O  O   . GLU A 1 194 ? -0.338  -3.455  20.659  1.00 29.31 ? 171  GLU A O   1 
ATOM   1218 C  CB  . GLU A 1 194 ? 0.917   -5.986  19.834  1.00 29.25 ? 171  GLU A CB  1 
ATOM   1219 C  CG  . GLU A 1 194 ? 0.206   -7.260  20.340  1.00 32.91 ? 171  GLU A CG  1 
ATOM   1220 C  CD  . GLU A 1 194 ? 1.177   -8.403  20.499  1.00 38.75 ? 171  GLU A CD  1 
ATOM   1221 O  OE1 . GLU A 1 194 ? 2.330   -8.125  20.921  1.00 42.15 ? 171  GLU A OE1 1 
ATOM   1222 O  OE2 . GLU A 1 194 ? 0.813   -9.562  20.166  1.00 39.21 ? 171  GLU A OE2 1 
ATOM   1223 N  N   . ASN A 1 195 ? 0.393   -2.718  18.623  1.00 27.90 ? 172  ASN A N   1 
ATOM   1224 C  CA  A ASN A 1 195 ? 0.274   -1.281  18.907  0.50 27.33 ? 172  ASN A CA  1 
ATOM   1225 C  CA  B ASN A 1 195 ? 0.252   -1.298  18.929  0.50 27.49 ? 172  ASN A CA  1 
ATOM   1226 C  C   . ASN A 1 195 ? -1.166  -0.812  18.595  1.00 27.73 ? 172  ASN A C   1 
ATOM   1227 O  O   . ASN A 1 195 ? -1.399  -0.126  17.588  1.00 27.91 ? 172  ASN A O   1 
ATOM   1228 C  CB  A ASN A 1 195 ? 1.306   -0.450  18.103  0.50 26.77 ? 172  ASN A CB  1 
ATOM   1229 C  CB  B ASN A 1 195 ? 1.302   -0.482  18.186  0.50 27.08 ? 172  ASN A CB  1 
ATOM   1230 C  CG  A ASN A 1 195 ? 2.755   -0.667  18.561  0.50 24.94 ? 172  ASN A CG  1 
ATOM   1231 C  CG  B ASN A 1 195 ? 1.513   0.878   18.788  0.50 25.80 ? 172  ASN A CG  1 
ATOM   1232 O  OD1 A ASN A 1 195 ? 3.002   -1.065  19.687  0.50 24.04 ? 172  ASN A OD1 1 
ATOM   1233 O  OD1 B ASN A 1 195 ? 0.580   1.527   19.272  0.50 23.82 ? 172  ASN A OD1 1 
ATOM   1234 N  ND2 A ASN A 1 195 ? 3.713   -0.383  17.680  0.50 21.75 ? 172  ASN A ND2 1 
ATOM   1235 N  ND2 B ASN A 1 195 ? 2.751   1.331   18.751  0.50 26.04 ? 172  ASN A ND2 1 
ATOM   1236 N  N   . ARG A 1 196 ? -2.120  -1.194  19.453  1.00 27.88 ? 173  ARG A N   1 
ATOM   1237 C  CA  . ARG A 1 196 ? -3.550  -0.864  19.315  1.00 28.29 ? 173  ARG A CA  1 
ATOM   1238 C  C   . ARG A 1 196 ? -3.847  0.583   18.827  1.00 27.83 ? 173  ARG A C   1 
ATOM   1239 O  O   . ARG A 1 196 ? -4.607  0.752   17.873  1.00 27.74 ? 173  ARG A O   1 
ATOM   1240 C  CB  . ARG A 1 196 ? -4.228  -1.173  20.658  1.00 28.83 ? 173  ARG A CB  1 
ATOM   1241 C  CG  . ARG A 1 196 ? -5.754  -1.070  20.732  1.00 32.11 ? 173  ARG A CG  1 
ATOM   1242 C  CD  . ARG A 1 196 ? -6.355  -2.176  21.694  1.00 37.13 ? 173  ARG A CD  1 
ATOM   1243 N  NE  . ARG A 1 196 ? -6.612  -1.907  23.144  1.00 38.32 ? 173  ARG A NE  1 
ATOM   1244 C  CZ  . ARG A 1 196 ? -6.347  -0.802  23.850  1.00 36.21 ? 173  ARG A CZ  1 
ATOM   1245 N  NH1 . ARG A 1 196 ? -6.663  -0.780  25.137  1.00 36.31 ? 173  ARG A NH1 1 
ATOM   1246 N  NH2 . ARG A 1 196 ? -5.771  0.256   23.310  1.00 36.07 ? 173  ARG A NH2 1 
ATOM   1247 N  N   . GLU A 1 197 ? -3.242  1.603   19.466  1.00 27.43 ? 174  GLU A N   1 
ATOM   1248 C  CA  . GLU A 1 197 ? -3.474  3.036   19.127  1.00 27.53 ? 174  GLU A CA  1 
ATOM   1249 C  C   . GLU A 1 197 ? -2.981  3.420   17.733  1.00 26.26 ? 174  GLU A C   1 
ATOM   1250 O  O   . GLU A 1 197 ? -3.639  4.180   17.019  1.00 26.31 ? 174  GLU A O   1 
ATOM   1251 C  CB  . GLU A 1 197 ? -2.838  4.013   20.135  1.00 27.80 ? 174  GLU A CB  1 
ATOM   1252 C  CG  . GLU A 1 197 ? -3.260  3.814   21.579  1.00 33.75 ? 174  GLU A CG  1 
ATOM   1253 C  CD  . GLU A 1 197 ? -2.280  2.905   22.378  1.00 41.48 ? 174  GLU A CD  1 
ATOM   1254 O  OE1 . GLU A 1 197 ? -1.752  1.854   21.845  1.00 41.58 ? 174  GLU A OE1 1 
ATOM   1255 O  OE2 . GLU A 1 197 ? -2.043  3.265   23.559  1.00 42.49 ? 174  GLU A OE2 1 
ATOM   1256 N  N   . ALA A 1 198 ? -1.794  2.942   17.378  1.00 24.54 ? 175  ALA A N   1 
ATOM   1257 C  CA  . ALA A 1 198 ? -1.253  3.184   16.065  1.00 23.08 ? 175  ALA A CA  1 
ATOM   1258 C  C   . ALA A 1 198 ? -2.123  2.517   14.975  1.00 21.76 ? 175  ALA A C   1 
ATOM   1259 O  O   . ALA A 1 198 ? -2.606  3.183   14.040  1.00 21.64 ? 175  ALA A O   1 
ATOM   1260 C  CB  . ALA A 1 198 ? 0.191   2.700   15.995  1.00 23.14 ? 175  ALA A CB  1 
ATOM   1261 N  N   . VAL A 1 199 ? -2.323  1.214   15.119  1.00 19.52 ? 176  VAL A N   1 
ATOM   1262 C  CA  . VAL A 1 199 ? -3.090  0.430   14.171  1.00 18.03 ? 176  VAL A CA  1 
ATOM   1263 C  C   . VAL A 1 199 ? -4.471  1.035   13.888  1.00 17.85 ? 176  VAL A C   1 
ATOM   1264 O  O   . VAL A 1 199 ? -4.822  1.242   12.725  1.00 17.03 ? 176  VAL A O   1 
ATOM   1265 C  CB  . VAL A 1 199 ? -3.215  -1.047  14.647  1.00 17.64 ? 176  VAL A CB  1 
ATOM   1266 C  CG1 . VAL A 1 199 ? -4.177  -1.849  13.771  1.00 16.61 ? 176  VAL A CG1 1 
ATOM   1267 C  CG2 . VAL A 1 199 ? -1.869  -1.684  14.638  1.00 16.52 ? 176  VAL A CG2 1 
ATOM   1268 N  N   . THR A 1 200 ? -5.242  1.313   14.944  1.00 17.47 ? 177  THR A N   1 
ATOM   1269 C  CA  . THR A 1 200 ? -6.627  1.779   14.768  1.00 16.46 ? 177  THR A CA  1 
ATOM   1270 C  C   . THR A 1 200 ? -6.664  3.216   14.258  1.00 16.75 ? 177  THR A C   1 
ATOM   1271 O  O   . THR A 1 200 ? -7.466  3.557   13.403  1.00 17.55 ? 177  THR A O   1 
ATOM   1272 C  CB  . THR A 1 200 ? -7.505  1.590   16.055  1.00 15.94 ? 177  THR A CB  1 
ATOM   1273 O  OG1 . THR A 1 200 ? -6.968  2.345   17.121  1.00 14.97 ? 177  THR A OG1 1 
ATOM   1274 C  CG2 . THR A 1 200 ? -7.524  0.165   16.503  1.00 14.79 ? 177  THR A CG2 1 
ATOM   1275 N  N   . HIS A 1 201 ? -5.786  4.066   14.758  1.00 17.13 ? 178  HIS A N   1 
ATOM   1276 C  CA  . HIS A 1 201 ? -5.666  5.405   14.197  1.00 18.16 ? 178  HIS A CA  1 
ATOM   1277 C  C   . HIS A 1 201 ? -5.482  5.337   12.683  1.00 18.30 ? 178  HIS A C   1 
ATOM   1278 O  O   . HIS A 1 201 ? -6.218  5.990   11.945  1.00 19.37 ? 178  HIS A O   1 
ATOM   1279 C  CB  . HIS A 1 201 ? -4.498  6.178   14.818  1.00 18.42 ? 178  HIS A CB  1 
ATOM   1280 C  CG  . HIS A 1 201 ? -4.400  7.597   14.350  1.00 20.29 ? 178  HIS A CG  1 
ATOM   1281 N  ND1 . HIS A 1 201 ? -5.143  8.621   14.906  1.00 22.50 ? 178  HIS A ND1 1 
ATOM   1282 C  CD2 . HIS A 1 201 ? -3.667  8.161   13.359  1.00 24.12 ? 178  HIS A CD2 1 
ATOM   1283 C  CE1 . HIS A 1 201 ? -4.863  9.753   14.286  1.00 23.09 ? 178  HIS A CE1 1 
ATOM   1284 N  NE2 . HIS A 1 201 ? -3.968  9.503   13.342  1.00 24.45 ? 178  HIS A NE2 1 
ATOM   1285 N  N   . ILE A 1 202 ? -4.511  4.547   12.228  1.00 17.93 ? 179  ILE A N   1 
ATOM   1286 C  CA  . ILE A 1 202 ? -4.214  4.398   10.789  1.00 17.52 ? 179  ILE A CA  1 
ATOM   1287 C  C   . ILE A 1 202 ? -5.423  3.923   10.027  1.00 17.52 ? 179  ILE A C   1 
ATOM   1288 O  O   . ILE A 1 202 ? -5.779  4.480   8.976   1.00 18.07 ? 179  ILE A O   1 
ATOM   1289 C  CB  . ILE A 1 202 ? -3.039  3.450   10.552  1.00 17.30 ? 179  ILE A CB  1 
ATOM   1290 C  CG1 . ILE A 1 202 ? -1.747  4.153   10.968  1.00 16.54 ? 179  ILE A CG1 1 
ATOM   1291 C  CG2 . ILE A 1 202 ? -2.970  2.988   9.066   1.00 18.57 ? 179  ILE A CG2 1 
ATOM   1292 C  CD1 . ILE A 1 202 ? -0.636  3.213   11.324  1.00 14.34 ? 179  ILE A CD1 1 
ATOM   1293 N  N   . GLY A 1 203 ? -6.083  2.919   10.574  1.00 17.28 ? 180  GLY A N   1 
ATOM   1294 C  CA  . GLY A 1 203 ? -7.324  2.454   10.004  1.00 17.46 ? 180  GLY A CA  1 
ATOM   1295 C  C   . GLY A 1 203 ? -8.345  3.565   9.850   1.00 17.80 ? 180  GLY A C   1 
ATOM   1296 O  O   . GLY A 1 203 ? -8.932  3.713   8.784   1.00 18.82 ? 180  GLY A O   1 
ATOM   1297 N  N   . ARG A 1 204 ? -8.567  4.342   10.908  1.00 17.59 ? 181  ARG A N   1 
ATOM   1298 C  CA  . ARG A 1 204 ? -9.582  5.383   10.895  1.00 17.21 ? 181  ARG A CA  1 
ATOM   1299 C  C   . ARG A 1 204 ? -9.277  6.481   9.864   1.00 17.94 ? 181  ARG A C   1 
ATOM   1300 O  O   . ARG A 1 204 ? -10.192 6.949   9.160   1.00 17.93 ? 181  ARG A O   1 
ATOM   1301 C  CB  . ARG A 1 204 ? -9.708  6.001   12.271  1.00 16.64 ? 181  ARG A CB  1 
ATOM   1302 C  CG  . ARG A 1 204 ? -10.468 5.157   13.278  1.00 16.88 ? 181  ARG A CG  1 
ATOM   1303 C  CD  . ARG A 1 204 ? -10.854 5.968   14.532  1.00 15.18 ? 181  ARG A CD  1 
ATOM   1304 N  NE  . ARG A 1 204 ? -9.690  6.502   15.243  1.00 15.39 ? 181  ARG A NE  1 
ATOM   1305 C  CZ  . ARG A 1 204 ? -8.972  5.827   16.155  1.00 18.08 ? 181  ARG A CZ  1 
ATOM   1306 N  NH1 . ARG A 1 204 ? -9.281  4.560   16.487  1.00 15.78 ? 181  ARG A NH1 1 
ATOM   1307 N  NH2 . ARG A 1 204 ? -7.928  6.417   16.740  1.00 16.82 ? 181  ARG A NH2 1 
ATOM   1308 N  N   . VAL A 1 205 ? -8.008  6.918   9.799   1.00 18.29 ? 182  VAL A N   1 
ATOM   1309 C  CA  . VAL A 1 205 ? -7.529  7.868   8.758   1.00 17.98 ? 182  VAL A CA  1 
ATOM   1310 C  C   . VAL A 1 205 ? -7.663  7.281   7.328   1.00 17.88 ? 182  VAL A C   1 
ATOM   1311 O  O   . VAL A 1 205 ? -8.079  7.967   6.403   1.00 17.55 ? 182  VAL A O   1 
ATOM   1312 C  CB  . VAL A 1 205 ? -6.046  8.237   8.971   1.00 18.22 ? 182  VAL A CB  1 
ATOM   1313 C  CG1 . VAL A 1 205 ? -5.553  9.167   7.869   1.00 16.78 ? 182  VAL A CG1 1 
ATOM   1314 C  CG2 . VAL A 1 205 ? -5.787  8.812   10.373  1.00 17.59 ? 182  VAL A CG2 1 
ATOM   1315 N  N   . TYR A 1 206 ? -7.294  6.013   7.172   1.00 17.89 ? 183  TYR A N   1 
ATOM   1316 C  CA  . TYR A 1 206 ? -7.386  5.316   5.905   1.00 18.23 ? 183  TYR A CA  1 
ATOM   1317 C  C   . TYR A 1 206 ? -8.829  5.310   5.429   1.00 19.46 ? 183  TYR A C   1 
ATOM   1318 O  O   . TYR A 1 206 ? -9.128  5.810   4.329   1.00 20.74 ? 183  TYR A O   1 
ATOM   1319 C  CB  . TYR A 1 206 ? -6.859  3.877   6.051   1.00 18.04 ? 183  TYR A CB  1 
ATOM   1320 C  CG  . TYR A 1 206 ? -6.603  3.146   4.731   1.00 16.86 ? 183  TYR A CG  1 
ATOM   1321 C  CD1 . TYR A 1 206 ? -6.214  3.852   3.581   1.00 13.64 ? 183  TYR A CD1 1 
ATOM   1322 C  CD2 . TYR A 1 206 ? -6.746  1.755   4.636   1.00 16.66 ? 183  TYR A CD2 1 
ATOM   1323 C  CE1 . TYR A 1 206 ? -5.971  3.222   2.398   1.00 12.89 ? 183  TYR A CE1 1 
ATOM   1324 C  CE2 . TYR A 1 206 ? -6.494  1.094   3.410   1.00 16.44 ? 183  TYR A CE2 1 
ATOM   1325 C  CZ  . TYR A 1 206 ? -6.102  1.853   2.308   1.00 14.49 ? 183  TYR A CZ  1 
ATOM   1326 O  OH  . TYR A 1 206 ? -5.843  1.258   1.111   1.00 13.53 ? 183  TYR A OH  1 
ATOM   1327 N  N   . LYS A 1 207 ? -9.728  4.769   6.252   1.00 19.90 ? 184  LYS A N   1 
ATOM   1328 C  CA  . LYS A 1 207 ? -11.160 4.733   5.947   1.00 20.73 ? 184  LYS A CA  1 
ATOM   1329 C  C   . LYS A 1 207 ? -11.723 6.088   5.565   1.00 21.49 ? 184  LYS A C   1 
ATOM   1330 O  O   . LYS A 1 207 ? -12.578 6.208   4.689   1.00 22.22 ? 184  LYS A O   1 
ATOM   1331 C  CB  . LYS A 1 207 ? -11.934 4.206   7.145   1.00 20.98 ? 184  LYS A CB  1 
ATOM   1332 C  CG  . LYS A 1 207 ? -13.307 3.652   6.783   1.00 21.55 ? 184  LYS A CG  1 
ATOM   1333 C  CD  . LYS A 1 207 ? -14.120 3.284   7.989   1.00 20.16 ? 184  LYS A CD  1 
ATOM   1334 C  CE  . LYS A 1 207 ? -15.314 2.492   7.568   1.00 20.43 ? 184  LYS A CE  1 
ATOM   1335 N  NZ  . LYS A 1 207 ? -16.339 2.648   8.623   1.00 23.07 ? 184  LYS A NZ  1 
ATOM   1336 N  N   . GLU A 1 208 ? -11.241 7.123   6.218   1.00 22.60 ? 185  GLU A N   1 
ATOM   1337 C  CA  . GLU A 1 208 ? -11.782 8.433   5.984   1.00 24.46 ? 185  GLU A CA  1 
ATOM   1338 C  C   . GLU A 1 208 ? -11.181 9.052   4.713   1.00 24.74 ? 185  GLU A C   1 
ATOM   1339 O  O   . GLU A 1 208 ? -11.919 9.641   3.898   1.00 24.83 ? 185  GLU A O   1 
ATOM   1340 C  CB  . GLU A 1 208 ? -11.571 9.302   7.223   1.00 25.59 ? 185  GLU A CB  1 
ATOM   1341 C  CG  . GLU A 1 208 ? -12.488 10.531  7.351   1.00 29.30 ? 185  GLU A CG  1 
ATOM   1342 C  CD  . GLU A 1 208 ? -11.897 11.740  6.648   1.00 34.50 ? 185  GLU A CD  1 
ATOM   1343 O  OE1 . GLU A 1 208 ? -10.647 11.916  6.711   1.00 37.13 ? 185  GLU A OE1 1 
ATOM   1344 O  OE2 . GLU A 1 208 ? -12.682 12.502  6.027   1.00 35.54 ? 185  GLU A OE2 1 
ATOM   1345 N  N   . ARG A 1 209 ? -9.865  8.897   4.519   1.00 24.65 ? 186  ARG A N   1 
ATOM   1346 C  CA  . ARG A 1 209 ? -9.230  9.427   3.312   1.00 24.47 ? 186  ARG A CA  1 
ATOM   1347 C  C   . ARG A 1 209 ? -9.821  8.736   2.083   1.00 23.88 ? 186  ARG A C   1 
ATOM   1348 O  O   . ARG A 1 209 ? -9.977  9.359   1.049   1.00 23.97 ? 186  ARG A O   1 
ATOM   1349 C  CB  . ARG A 1 209 ? -7.699  9.360   3.372   1.00 24.80 ? 186  ARG A CB  1 
ATOM   1350 C  CG  . ARG A 1 209 ? -6.997  10.619  3.999   1.00 28.00 ? 186  ARG A CG  1 
ATOM   1351 C  CD  . ARG A 1 209 ? -6.779  11.793  2.989   1.00 33.68 ? 186  ARG A CD  1 
ATOM   1352 N  NE  . ARG A 1 209 ? -5.357  12.194  2.865   1.00 39.02 ? 186  ARG A NE  1 
ATOM   1353 C  CZ  . ARG A 1 209 ? -4.653  12.275  1.716   1.00 41.70 ? 186  ARG A CZ  1 
ATOM   1354 N  NH1 . ARG A 1 209 ? -5.207  12.031  0.534   1.00 41.92 ? 186  ARG A NH1 1 
ATOM   1355 N  NH2 . ARG A 1 209 ? -3.367  12.630  1.729   1.00 43.56 ? 186  ARG A NH2 1 
ATOM   1356 N  N   . LEU A 1 210 ? -10.226 7.474   2.228   1.00 23.07 ? 187  LEU A N   1 
ATOM   1357 C  CA  . LEU A 1 210 ? -10.839 6.713   1.124   1.00 22.23 ? 187  LEU A CA  1 
ATOM   1358 C  C   . LEU A 1 210 ? -12.314 7.014   0.895   1.00 22.71 ? 187  LEU A C   1 
ATOM   1359 O  O   . LEU A 1 210 ? -12.903 6.470   -0.044  1.00 22.67 ? 187  LEU A O   1 
ATOM   1360 C  CB  . LEU A 1 210 ? -10.742 5.207   1.392   1.00 21.29 ? 187  LEU A CB  1 
ATOM   1361 C  CG  . LEU A 1 210 ? -9.492  4.350   1.228   1.00 19.35 ? 187  LEU A CG  1 
ATOM   1362 C  CD1 . LEU A 1 210 ? -9.918  2.893   1.306   1.00 16.27 ? 187  LEU A CD1 1 
ATOM   1363 C  CD2 . LEU A 1 210 ? -8.744  4.597   -0.055  1.00 14.97 ? 187  LEU A CD2 1 
ATOM   1364 N  N   . GLY A 1 211 ? -12.933 7.804   1.785   1.00 23.42 ? 188  GLY A N   1 
ATOM   1365 C  CA  . GLY A 1 211 ? -14.366 8.132   1.694   1.00 23.16 ? 188  GLY A CA  1 
ATOM   1366 C  C   . GLY A 1 211 ? -15.371 7.011   1.994   1.00 23.99 ? 188  GLY A C   1 
ATOM   1367 O  O   . GLY A 1 211 ? -16.543 7.120   1.636   1.00 23.61 ? 188  GLY A O   1 
ATOM   1368 N  N   . LEU A 1 212 ? -14.948 5.946   2.671   1.00 24.91 ? 189  LEU A N   1 
ATOM   1369 C  CA  . LEU A 1 212 ? -15.867 4.817   2.964   1.00 26.25 ? 189  LEU A CA  1 
ATOM   1370 C  C   . LEU A 1 212 ? -16.955 5.176   4.003   1.00 27.89 ? 189  LEU A C   1 
ATOM   1371 O  O   . LEU A 1 212 ? -16.648 5.746   5.043   1.00 28.62 ? 189  LEU A O   1 
ATOM   1372 C  CB  . LEU A 1 212 ? -15.084 3.576   3.413   1.00 25.31 ? 189  LEU A CB  1 
ATOM   1373 C  CG  . LEU A 1 212 ? -14.139 2.900   2.408   1.00 24.15 ? 189  LEU A CG  1 
ATOM   1374 C  CD1 . LEU A 1 212 ? -13.398 1.753   3.071   1.00 21.64 ? 189  LEU A CD1 1 
ATOM   1375 C  CD2 . LEU A 1 212 ? -14.850 2.418   1.150   1.00 21.09 ? 189  LEU A CD2 1 
ATOM   1376 N  N   . PRO A 1 213 ? -18.237 4.867   3.709   1.00 29.45 ? 190  PRO A N   1 
ATOM   1377 C  CA  . PRO A 1 213 ? -19.317 5.187   4.670   1.00 30.76 ? 190  PRO A CA  1 
ATOM   1378 C  C   . PRO A 1 213 ? -19.249 4.270   5.913   1.00 32.11 ? 190  PRO A C   1 
ATOM   1379 O  O   . PRO A 1 213 ? -18.727 3.148   5.803   1.00 32.17 ? 190  PRO A O   1 
ATOM   1380 C  CB  . PRO A 1 213 ? -20.593 4.895   3.877   1.00 30.87 ? 190  PRO A CB  1 
ATOM   1381 C  CG  . PRO A 1 213 ? -20.158 3.842   2.846   1.00 30.10 ? 190  PRO A CG  1 
ATOM   1382 C  CD  . PRO A 1 213 ? -18.738 4.171   2.505   1.00 29.13 ? 190  PRO A CD  1 
ATOM   1383 N  N   . PRO A 1 214 ? -19.777 4.735   7.080   1.00 33.10 ? 191  PRO A N   1 
ATOM   1384 C  CA  . PRO A 1 214 ? -19.671 4.014   8.375   1.00 33.58 ? 191  PRO A CA  1 
ATOM   1385 C  C   . PRO A 1 214 ? -20.159 2.573   8.350   1.00 34.11 ? 191  PRO A C   1 
ATOM   1386 O  O   . PRO A 1 214 ? -19.705 1.768   9.158   1.00 34.25 ? 191  PRO A O   1 
ATOM   1387 C  CB  . PRO A 1 214 ? -20.551 4.845   9.312   1.00 33.23 ? 191  PRO A CB  1 
ATOM   1388 C  CG  . PRO A 1 214 ? -20.458 6.231   8.753   1.00 33.49 ? 191  PRO A CG  1 
ATOM   1389 C  CD  . PRO A 1 214 ? -20.446 6.043   7.253   1.00 33.06 ? 191  PRO A CD  1 
ATOM   1390 N  N   . LYS A 1 215 ? -21.067 2.253   7.428   1.00 34.99 ? 192  LYS A N   1 
ATOM   1391 C  CA  . LYS A 1 215 ? -21.628 0.897   7.325   1.00 35.37 ? 192  LYS A CA  1 
ATOM   1392 C  C   . LYS A 1 215 ? -20.683 -0.143  6.678   1.00 34.57 ? 192  LYS A C   1 
ATOM   1393 O  O   . LYS A 1 215 ? -20.943 -1.357  6.770   1.00 35.11 ? 192  LYS A O   1 
ATOM   1394 C  CB  . LYS A 1 215 ? -22.995 0.935   6.622   1.00 35.95 ? 192  LYS A CB  1 
ATOM   1395 C  CG  . LYS A 1 215 ? -22.934 1.101   5.100   1.00 39.28 ? 192  LYS A CG  1 
ATOM   1396 C  CD  . LYS A 1 215 ? -24.262 1.672   4.542   1.00 44.56 ? 192  LYS A CD  1 
ATOM   1397 C  CE  . LYS A 1 215 ? -24.513 1.210   3.114   1.00 45.02 ? 192  LYS A CE  1 
ATOM   1398 N  NZ  . LYS A 1 215 ? -23.280 1.361   2.290   1.00 46.61 ? 192  LYS A NZ  1 
ATOM   1399 N  N   . ILE A 1 216 ? -19.615 0.324   6.019   1.00 33.26 ? 193  ILE A N   1 
ATOM   1400 C  CA  . ILE A 1 216 ? -18.604 -0.557  5.408   1.00 31.87 ? 193  ILE A CA  1 
ATOM   1401 C  C   . ILE A 1 216 ? -17.501 -0.699  6.433   1.00 31.14 ? 193  ILE A C   1 
ATOM   1402 O  O   . ILE A 1 216 ? -16.895 0.302   6.841   1.00 32.02 ? 193  ILE A O   1 
ATOM   1403 C  CB  . ILE A 1 216 ? -18.010 0.019   4.077   1.00 32.21 ? 193  ILE A CB  1 
ATOM   1404 C  CG1 . ILE A 1 216 ? -19.087 0.165   2.970   1.00 31.53 ? 193  ILE A CG1 1 
ATOM   1405 C  CG2 . ILE A 1 216 ? -16.786 -0.801  3.610   1.00 32.48 ? 193  ILE A CG2 1 
ATOM   1406 C  CD1 . ILE A 1 216 ? -19.285 -1.030  2.006   1.00 28.92 ? 193  ILE A CD1 1 
ATOM   1407 N  N   . VAL A 1 217 ? -17.259 -1.935  6.849   1.00 29.33 ? 194  VAL A N   1 
ATOM   1408 C  CA  . VAL A 1 217 ? -16.397 -2.270  7.980   1.00 27.79 ? 194  VAL A CA  1 
ATOM   1409 C  C   . VAL A 1 217 ? -15.115 -2.875  7.387   1.00 26.78 ? 194  VAL A C   1 
ATOM   1410 O  O   . VAL A 1 217 ? -15.177 -3.727  6.510   1.00 26.93 ? 194  VAL A O   1 
ATOM   1411 C  CB  . VAL A 1 217 ? -17.144 -3.279  8.946   1.00 27.80 ? 194  VAL A CB  1 
ATOM   1412 C  CG1 . VAL A 1 217 ? -16.201 -4.041  9.864   1.00 26.92 ? 194  VAL A CG1 1 
ATOM   1413 C  CG2 . VAL A 1 217 ? -18.245 -2.547  9.770   1.00 28.74 ? 194  VAL A CG2 1 
ATOM   1414 N  N   . ILE A 1 218 ? -13.948 -2.426  7.824   1.00 25.24 ? 195  ILE A N   1 
ATOM   1415 C  CA  . ILE A 1 218 ? -12.725 -3.021  7.284   1.00 23.58 ? 195  ILE A CA  1 
ATOM   1416 C  C   . ILE A 1 218 ? -11.919 -3.682  8.381   1.00 22.81 ? 195  ILE A C   1 
ATOM   1417 O  O   . ILE A 1 218 ? -11.975 -3.245  9.542   1.00 23.07 ? 195  ILE A O   1 
ATOM   1418 C  CB  . ILE A 1 218 ? -11.900 -2.030  6.449   1.00 23.26 ? 195  ILE A CB  1 
ATOM   1419 C  CG1 . ILE A 1 218 ? -11.440 -0.817  7.277   1.00 22.70 ? 195  ILE A CG1 1 
ATOM   1420 C  CG2 . ILE A 1 218 ? -12.729 -1.607  5.256   1.00 23.73 ? 195  ILE A CG2 1 
ATOM   1421 C  CD1 . ILE A 1 218 ? -10.324 0.012   6.631   1.00 19.70 ? 195  ILE A CD1 1 
ATOM   1422 N  N   . GLY A 1 219 ? -11.190 -4.742  8.038   1.00 21.42 ? 196  GLY A N   1 
ATOM   1423 C  CA  . GLY A 1 219 ? -10.511 -5.506  9.077   1.00 20.25 ? 196  GLY A CA  1 
ATOM   1424 C  C   . GLY A 1 219 ? -9.016  -5.385  9.049   1.00 19.49 ? 196  GLY A C   1 
ATOM   1425 O  O   . GLY A 1 219 ? -8.417  -5.081  8.021   1.00 18.72 ? 196  GLY A O   1 
ATOM   1426 N  N   . TYR A 1 220 ? -8.414  -5.627  10.200  1.00 19.57 ? 197  TYR A N   1 
ATOM   1427 C  CA  . TYR A 1 220 ? -6.960  -5.621  10.320  1.00 19.32 ? 197  TYR A CA  1 
ATOM   1428 C  C   . TYR A 1 220 ? -6.562  -6.996  10.740  1.00 19.89 ? 197  TYR A C   1 
ATOM   1429 O  O   . TYR A 1 220 ? -7.109  -7.513  11.702  1.00 20.00 ? 197  TYR A O   1 
ATOM   1430 C  CB  . TYR A 1 220 ? -6.496  -4.638  11.393  1.00 18.87 ? 197  TYR A CB  1 
ATOM   1431 C  CG  . TYR A 1 220 ? -4.996  -4.527  11.494  1.00 17.41 ? 197  TYR A CG  1 
ATOM   1432 C  CD1 . TYR A 1 220 ? -4.294  -3.612  10.687  1.00 16.50 ? 197  TYR A CD1 1 
ATOM   1433 C  CD2 . TYR A 1 220 ? -4.267  -5.345  12.367  1.00 16.13 ? 197  TYR A CD2 1 
ATOM   1434 C  CE1 . TYR A 1 220 ? -2.910  -3.508  10.740  1.00 14.73 ? 197  TYR A CE1 1 
ATOM   1435 C  CE2 . TYR A 1 220 ? -2.866  -5.247  12.438  1.00 15.74 ? 197  TYR A CE2 1 
ATOM   1436 C  CZ  . TYR A 1 220 ? -2.193  -4.320  11.612  1.00 15.97 ? 197  TYR A CZ  1 
ATOM   1437 O  OH  . TYR A 1 220 ? -0.811  -4.184  11.660  1.00 12.83 ? 197  TYR A OH  1 
ATOM   1438 N  N   . GLN A 1 221 ? -5.600  -7.581  10.035  1.00 20.62 ? 198  GLN A N   1 
ATOM   1439 C  CA  . GLN A 1 221 ? -5.138  -8.936  10.320  1.00 21.28 ? 198  GLN A CA  1 
ATOM   1440 C  C   . GLN A 1 221 ? -3.644  -8.976  10.412  1.00 20.86 ? 198  GLN A C   1 
ATOM   1441 O  O   . GLN A 1 221 ? -2.981  -8.378  9.556   1.00 21.22 ? 198  GLN A O   1 
ATOM   1442 C  CB  . GLN A 1 221 ? -5.533  -9.867  9.193   1.00 21.72 ? 198  GLN A CB  1 
ATOM   1443 C  CG  . GLN A 1 221 ? -7.009  -10.131 9.104   1.00 26.42 ? 198  GLN A CG  1 
ATOM   1444 C  CD  . GLN A 1 221 ? -7.472  -10.100 7.667   1.00 34.35 ? 198  GLN A CD  1 
ATOM   1445 O  OE1 . GLN A 1 221 ? -6.638  -10.140 6.721   1.00 36.78 ? 198  GLN A OE1 1 
ATOM   1446 N  NE2 . GLN A 1 221 ? -8.806  -10.025 7.474   1.00 33.81 ? 198  GLN A NE2 1 
ATOM   1447 N  N   . SER A 1 222 ? -3.110  -9.689  11.414  1.00 20.23 ? 199  SER A N   1 
ATOM   1448 C  CA  . SER A 1 222 ? -1.662  -9.931  11.503  1.00 20.06 ? 199  SER A CA  1 
ATOM   1449 C  C   . SER A 1 222 ? -1.128  -10.823 10.367  1.00 19.71 ? 199  SER A C   1 
ATOM   1450 O  O   . SER A 1 222 ? -1.757  -11.835 9.985   1.00 20.04 ? 199  SER A O   1 
ATOM   1451 C  CB  . SER A 1 222 ? -1.288  -10.547 12.857  1.00 20.45 ? 199  SER A CB  1 
ATOM   1452 O  OG  . SER A 1 222 ? -1.577  -11.932 12.911  1.00 20.72 ? 199  SER A OG  1 
ATOM   1453 N  N   . HIS A 1 223 ? 0.027   -10.451 9.835   1.00 18.31 ? 200  HIS A N   1 
ATOM   1454 C  CA  . HIS A 1 223 ? 0.706   -11.271 8.845   1.00 17.86 ? 200  HIS A CA  1 
ATOM   1455 C  C   . HIS A 1 223 ? 0.980   -12.690 9.328   1.00 18.25 ? 200  HIS A C   1 
ATOM   1456 O  O   . HIS A 1 223 ? 0.945   -13.621 8.528   1.00 17.36 ? 200  HIS A O   1 
ATOM   1457 C  CB  . HIS A 1 223 ? 2.012   -10.612 8.426   1.00 17.27 ? 200  HIS A CB  1 
ATOM   1458 C  CG  . HIS A 1 223 ? 1.815   -9.293  7.755   1.00 17.05 ? 200  HIS A CG  1 
ATOM   1459 N  ND1 . HIS A 1 223 ? 0.834   -9.085  6.806   1.00 15.94 ? 200  HIS A ND1 1 
ATOM   1460 C  CD2 . HIS A 1 223 ? 2.462   -8.111  7.900   1.00 15.50 ? 200  HIS A CD2 1 
ATOM   1461 C  CE1 . HIS A 1 223 ? 0.888   -7.830  6.398   1.00 16.48 ? 200  HIS A CE1 1 
ATOM   1462 N  NE2 . HIS A 1 223 ? 1.866   -7.218  7.044   1.00 16.06 ? 200  HIS A NE2 1 
ATOM   1463 N  N   . ALA A 1 224 ? 1.246   -12.841 10.633  1.00 19.09 ? 201  ALA A N   1 
ATOM   1464 C  CA  . ALA A 1 224 ? 1.436   -14.151 11.278  1.00 19.70 ? 201  ALA A CA  1 
ATOM   1465 C  C   . ALA A 1 224 ? 0.219   -15.037 11.082  1.00 20.63 ? 201  ALA A C   1 
ATOM   1466 O  O   . ALA A 1 224 ? 0.371   -16.200 10.740  1.00 21.15 ? 201  ALA A O   1 
ATOM   1467 C  CB  . ALA A 1 224 ? 1.778   -14.002 12.775  1.00 19.34 ? 201  ALA A CB  1 
ATOM   1468 N  N   . ASP A 1 225 ? -0.989  -14.502 11.284  1.00 21.65 ? 202  ASP A N   1 
ATOM   1469 C  CA  . ASP A 1 225 ? -2.208  -15.270 10.999  1.00 22.79 ? 202  ASP A CA  1 
ATOM   1470 C  C   . ASP A 1 225 ? -2.343  -15.559 9.518   1.00 23.36 ? 202  ASP A C   1 
ATOM   1471 O  O   . ASP A 1 225 ? -2.558  -16.695 9.147   1.00 24.39 ? 202  ASP A O   1 
ATOM   1472 C  CB  . ASP A 1 225 ? -3.479  -14.581 11.529  1.00 23.29 ? 202  ASP A CB  1 
ATOM   1473 C  CG  . ASP A 1 225 ? -3.504  -14.481 13.063  1.00 23.43 ? 202  ASP A CG  1 
ATOM   1474 O  OD1 . ASP A 1 225 ? -4.246  -13.633 13.616  1.00 21.31 ? 202  ASP A OD1 1 
ATOM   1475 O  OD2 . ASP A 1 225 ? -2.761  -15.256 13.703  1.00 24.34 ? 202  ASP A OD2 1 
ATOM   1476 N  N   . THR A 1 226 ? -2.222  -14.545 8.664   1.00 24.14 ? 203  THR A N   1 
ATOM   1477 C  CA  . THR A 1 226 ? -2.270  -14.775 7.223   1.00 24.46 ? 203  THR A CA  1 
ATOM   1478 C  C   . THR A 1 226 ? -1.290  -15.886 6.821   1.00 25.48 ? 203  THR A C   1 
ATOM   1479 O  O   . THR A 1 226 ? -1.642  -16.751 6.022   1.00 25.77 ? 203  THR A O   1 
ATOM   1480 C  CB  . THR A 1 226 ? -1.970  -13.491 6.416   1.00 24.45 ? 203  THR A CB  1 
ATOM   1481 O  OG1 . THR A 1 226 ? -2.705  -12.395 6.979   1.00 24.95 ? 203  THR A OG1 1 
ATOM   1482 C  CG2 . THR A 1 226 ? -2.334  -13.671 4.934   1.00 21.50 ? 203  THR A CG2 1 
ATOM   1483 N  N   . ALA A 1 227 ? -0.086  -15.892 7.404   1.00 26.46 ? 204  ALA A N   1 
ATOM   1484 C  CA  . ALA A 1 227 ? 0.986   -16.806 6.971   1.00 27.01 ? 204  ALA A CA  1 
ATOM   1485 C  C   . ALA A 1 227 ? 0.725   -18.251 7.359   1.00 27.80 ? 204  ALA A C   1 
ATOM   1486 O  O   . ALA A 1 227 ? 1.266   -19.164 6.746   1.00 28.12 ? 204  ALA A O   1 
ATOM   1487 C  CB  . ALA A 1 227 ? 2.339   -16.352 7.501   1.00 26.60 ? 204  ALA A CB  1 
ATOM   1488 N  N   . THR A 1 228 ? -0.140  -18.454 8.354   1.00 29.26 ? 205  THR A N   1 
ATOM   1489 C  CA  . THR A 1 228 ? -0.314  -19.777 9.004   1.00 29.78 ? 205  THR A CA  1 
ATOM   1490 C  C   . THR A 1 228 ? -1.782  -20.153 9.361   1.00 31.45 ? 205  THR A C   1 
ATOM   1491 O  O   . THR A 1 228 ? -1.982  -20.952 10.281  1.00 31.94 ? 205  THR A O   1 
ATOM   1492 C  CB  . THR A 1 228 ? 0.571   -19.909 10.305  1.00 28.77 ? 205  THR A CB  1 
ATOM   1493 O  OG1 . THR A 1 228 ? -0.022  -19.154 11.357  1.00 27.29 ? 205  THR A OG1 1 
ATOM   1494 C  CG2 . THR A 1 228 ? 1.994   -19.408 10.102  1.00 26.84 ? 205  THR A CG2 1 
ATOM   1495 N  N   . LYS A 1 229 ? -2.788  -19.596 8.658   1.00 32.98 ? 206  LYS A N   1 
ATOM   1496 C  CA  . LYS A 1 229 ? -4.219  -19.946 8.895   1.00 34.82 ? 206  LYS A CA  1 
ATOM   1497 C  C   . LYS A 1 229 ? -5.134  -19.704 7.677   1.00 36.14 ? 206  LYS A C   1 
ATOM   1498 O  O   . LYS A 1 229 ? -4.654  -19.499 6.557   1.00 36.62 ? 206  LYS A O   1 
ATOM   1499 C  CB  . LYS A 1 229 ? -4.822  -19.166 10.095  1.00 34.80 ? 206  LYS A CB  1 
ATOM   1500 C  CG  . LYS A 1 229 ? -3.982  -19.081 11.352  1.00 35.51 ? 206  LYS A CG  1 
ATOM   1501 C  CD  . LYS A 1 229 ? -4.821  -18.959 12.630  1.00 38.97 ? 206  LYS A CD  1 
ATOM   1502 C  CE  . LYS A 1 229 ? -3.894  -18.784 13.868  1.00 41.16 ? 206  LYS A CE  1 
ATOM   1503 N  NZ  . LYS A 1 229 ? -2.523  -19.433 13.732  1.00 40.43 ? 206  LYS A NZ  1 
ATOM   1504 N  N   . SER A 1 230 ? -6.451  -19.724 7.951   1.00 37.60 ? 207  SER A N   1 
ATOM   1505 C  CA  . SER A 1 230 ? -7.601  -19.275 7.098   1.00 38.29 ? 207  SER A CA  1 
ATOM   1506 C  C   . SER A 1 230 ? -8.491  -20.446 6.697   1.00 38.52 ? 207  SER A C   1 
ATOM   1507 O  O   . SER A 1 230 ? -9.165  -21.043 7.541   1.00 38.67 ? 207  SER A O   1 
ATOM   1508 C  CB  . SER A 1 230 ? -7.213  -18.433 5.860   1.00 38.78 ? 207  SER A CB  1 
ATOM   1509 O  OG  . SER A 1 230 ? -8.374  -17.966 5.164   1.00 38.77 ? 207  SER A OG  1 
ATOM   1510 N  N   . LYS A 1 235 ? -10.348 -13.760 10.311  1.00 36.37 ? 212  LYS A N   1 
ATOM   1511 C  CA  . LYS A 1 235 ? -9.778  -13.599 11.650  1.00 36.05 ? 212  LYS A CA  1 
ATOM   1512 C  C   . LYS A 1 235 ? -9.286  -12.152 11.999  1.00 35.22 ? 212  LYS A C   1 
ATOM   1513 O  O   . LYS A 1 235 ? -8.081  -11.929 12.180  1.00 35.78 ? 212  LYS A O   1 
ATOM   1514 C  CB  . LYS A 1 235 ? -8.673  -14.659 11.869  1.00 36.72 ? 212  LYS A CB  1 
ATOM   1515 C  CG  . LYS A 1 235 ? -7.867  -15.110 10.602  1.00 38.50 ? 212  LYS A CG  1 
ATOM   1516 C  CD  . LYS A 1 235 ? -8.435  -16.364 9.899   1.00 42.11 ? 212  LYS A CD  1 
ATOM   1517 C  CE  . LYS A 1 235 ? -9.082  -17.393 10.866  1.00 43.00 ? 212  LYS A CE  1 
ATOM   1518 N  NZ  . LYS A 1 235 ? -9.780  -18.499 10.117  1.00 44.41 ? 212  LYS A NZ  1 
ATOM   1519 N  N   . ASN A 1 236 ? -10.205 -11.178 12.109  1.00 33.60 ? 213  ASN A N   1 
ATOM   1520 C  CA  . ASN A 1 236 ? -9.835  -9.737  12.290  1.00 31.86 ? 213  ASN A CA  1 
ATOM   1521 C  C   . ASN A 1 236 ? -9.396  -9.273  13.720  1.00 31.63 ? 213  ASN A C   1 
ATOM   1522 O  O   . ASN A 1 236 ? -10.220 -9.191  14.621  1.00 31.67 ? 213  ASN A O   1 
ATOM   1523 C  CB  . ASN A 1 236 ? -10.995 -8.824  11.851  1.00 31.38 ? 213  ASN A CB  1 
ATOM   1524 C  CG  . ASN A 1 236 ? -11.167 -8.726  10.344  1.00 29.50 ? 213  ASN A CG  1 
ATOM   1525 O  OD1 . ASN A 1 236 ? -10.262 -8.950  9.563   1.00 29.98 ? 213  ASN A OD1 1 
ATOM   1526 N  ND2 . ASN A 1 236 ? -12.337 -8.329  9.941   1.00 29.06 ? 213  ASN A ND2 1 
ATOM   1527 N  N   . ARG A 1 237 ? -8.126  -8.930  13.926  1.00 30.84 ? 214  ARG A N   1 
ATOM   1528 C  CA  . ARG A 1 237 ? -7.696  -8.309  15.184  1.00 29.96 ? 214  ARG A CA  1 
ATOM   1529 C  C   . ARG A 1 237 ? -8.473  -7.021  15.508  1.00 28.58 ? 214  ARG A C   1 
ATOM   1530 O  O   . ARG A 1 237 ? -8.883  -6.834  16.654  1.00 29.02 ? 214  ARG A O   1 
ATOM   1531 C  CB  . ARG A 1 237 ? -6.178  -7.997  15.186  1.00 31.10 ? 214  ARG A CB  1 
ATOM   1532 C  CG  . ARG A 1 237 ? -5.212  -9.184  15.030  1.00 33.75 ? 214  ARG A CG  1 
ATOM   1533 C  CD  . ARG A 1 237 ? -5.189  -10.097 16.246  1.00 38.42 ? 214  ARG A CD  1 
ATOM   1534 N  NE  . ARG A 1 237 ? -4.363  -11.291 16.016  1.00 42.34 ? 214  ARG A NE  1 
ATOM   1535 C  CZ  . ARG A 1 237 ? -3.093  -11.438 16.414  1.00 43.45 ? 214  ARG A CZ  1 
ATOM   1536 N  NH1 . ARG A 1 237 ? -2.465  -10.467 17.090  1.00 40.81 ? 214  ARG A NH1 1 
ATOM   1537 N  NH2 . ARG A 1 237 ? -2.453  -12.576 16.141  1.00 43.52 ? 214  ARG A NH2 1 
ATOM   1538 N  N   . PHE A 1 238 ? -8.652  -6.143  14.514  1.00 26.33 ? 215  PHE A N   1 
ATOM   1539 C  CA  . PHE A 1 238 ? -9.332  -4.843  14.685  1.00 24.25 ? 215  PHE A CA  1 
ATOM   1540 C  C   . PHE A 1 238 ? -10.246 -4.613  13.509  1.00 23.44 ? 215  PHE A C   1 
ATOM   1541 O  O   . PHE A 1 238 ? -9.972  -5.111  12.404  1.00 23.81 ? 215  PHE A O   1 
ATOM   1542 C  CB  . PHE A 1 238 ? -8.340  -3.661  14.715  1.00 23.64 ? 215  PHE A CB  1 
ATOM   1543 C  CG  . PHE A 1 238 ? -7.188  -3.828  15.672  1.00 23.11 ? 215  PHE A CG  1 
ATOM   1544 C  CD1 . PHE A 1 238 ? -5.937  -4.228  15.207  1.00 21.60 ? 215  PHE A CD1 1 
ATOM   1545 C  CD2 . PHE A 1 238 ? -7.344  -3.580  17.031  1.00 22.86 ? 215  PHE A CD2 1 
ATOM   1546 C  CE1 . PHE A 1 238 ? -4.850  -4.383  16.070  1.00 20.66 ? 215  PHE A CE1 1 
ATOM   1547 C  CE2 . PHE A 1 238 ? -6.279  -3.747  17.912  1.00 23.78 ? 215  PHE A CE2 1 
ATOM   1548 C  CZ  . PHE A 1 238 ? -5.016  -4.138  17.423  1.00 23.16 ? 215  PHE A CZ  1 
ATOM   1549 N  N   . VAL A 1 239 ? -11.311 -3.846  13.731  1.00 22.09 ? 216  VAL A N   1 
ATOM   1550 C  CA  . VAL A 1 239 ? -12.169 -3.343  12.648  1.00 21.92 ? 216  VAL A CA  1 
ATOM   1551 C  C   . VAL A 1 239 ? -12.365 -1.839  12.771  1.00 21.78 ? 216  VAL A C   1 
ATOM   1552 O  O   . VAL A 1 239 ? -12.058 -1.267  13.811  1.00 21.92 ? 216  VAL A O   1 
ATOM   1553 C  CB  . VAL A 1 239 ? -13.574 -4.035  12.596  1.00 22.03 ? 216  VAL A CB  1 
ATOM   1554 C  CG1 . VAL A 1 239 ? -13.422 -5.523  12.458  1.00 21.76 ? 216  VAL A CG1 1 
ATOM   1555 C  CG2 . VAL A 1 239 ? -14.404 -3.685  13.833  1.00 21.63 ? 216  VAL A CG2 1 
ATOM   1556 N  N   . VAL A 1 240 ? -12.911 -1.195  11.735  1.00 21.91 ? 217  VAL A N   1 
ATOM   1557 C  CA  . VAL A 1 240 ? -13.015 0.263   11.744  1.00 21.63 ? 217  VAL A CA  1 
ATOM   1558 C  C   . VAL A 1 240 ? -14.143 0.864   10.882  1.00 21.83 ? 217  VAL A C   1 
ATOM   1559 O  O   . VAL A 1 240 ? -14.693 0.190   10.006  1.00 22.28 ? 217  VAL A O   1 
ATOM   1560 C  CB  . VAL A 1 240 ? -11.631 0.858   11.424  1.00 21.63 ? 217  VAL A CB  1 
ATOM   1561 C  CG1 . VAL A 1 240 ? -11.702 1.889   10.354  1.00 21.91 ? 217  VAL A CG1 1 
ATOM   1562 C  CG2 . VAL A 1 240 ? -10.973 1.380   12.706  1.00 20.89 ? 217  VAL A CG2 1 
HETATM 1563 C  C1  . 6LI B 2 .   ? 2.224   -16.023 -1.134  1.00 15.88 ? 1001 6LI A C1  1 
HETATM 1564 N  N1  . 6LI B 2 .   ? 2.640   -14.778 -0.390  1.00 12.34 ? 1001 6LI A N1  1 
HETATM 1565 O  O1  . 6LI B 2 .   ? 1.171   -15.701 -2.111  1.00 19.68 ? 1001 6LI A O1  1 
HETATM 1566 P  P1  . 6LI B 2 .   ? -2.318  -13.442 -1.830  1.00 27.16 ? 1001 6LI A P1  1 
HETATM 1567 CL CL1 . 6LI B 2 .   ? 3.885   -6.654  -5.586  1.00 15.27 ? 1001 6LI A CL1 1 
HETATM 1568 C  C2  . 6LI B 2 .   ? 0.024   -16.551 -1.808  1.00 19.49 ? 1001 6LI A C2  1 
HETATM 1569 N  N2  . 6LI B 2 .   ? 2.676   -12.772 0.408   1.00 8.46  ? 1001 6LI A N2  1 
HETATM 1570 O  O2  . 6LI B 2 .   ? 1.751   -18.358 -0.606  1.00 17.99 ? 1001 6LI A O2  1 
HETATM 1571 C  C3  . 6LI B 2 .   ? 0.119   -16.624 -0.278  1.00 18.40 ? 1001 6LI A C3  1 
HETATM 1572 N  N3  . 6LI B 2 .   ? 5.815   -13.957 2.027   1.00 8.37  ? 1001 6LI A N3  1 
HETATM 1573 O  O3  . 6LI B 2 .   ? -0.739  -17.666 0.212   1.00 18.97 ? 1001 6LI A O3  1 
HETATM 1574 C  C4  . 6LI B 2 .   ? 1.571   -17.004 -0.147  1.00 16.34 ? 1001 6LI A C4  1 
HETATM 1575 N  N4  . 6LI B 2 .   ? 4.685   -15.595 0.636   1.00 11.09 ? 1001 6LI A N4  1 
HETATM 1576 O  O4  . 6LI B 2 .   ? -1.139  -14.553 -1.722  1.00 23.73 ? 1001 6LI A O4  1 
HETATM 1577 C  C5  . 6LI B 2 .   ? -1.234  -15.837 -2.258  1.00 20.02 ? 1001 6LI A C5  1 
HETATM 1578 N  N5  . 6LI B 2 .   ? 6.662   -16.149 1.736   1.00 14.48 ? 1001 6LI A N5  1 
HETATM 1579 O  O5  . 6LI B 2 .   ? 4.824   -11.885 2.184   1.00 10.26 ? 1001 6LI A O5  1 
HETATM 1580 C  C6  . 6LI B 2 .   ? 3.739   -13.413 0.899   1.00 9.35  ? 1001 6LI A C6  1 
HETATM 1581 O  O6  . 6LI B 2 .   ? 2.166   -10.301 -1.354  1.00 9.35  ? 1001 6LI A O6  1 
HETATM 1582 C  C7  . 6LI B 2 .   ? 3.722   -14.694 0.366   1.00 9.97  ? 1001 6LI A C7  1 
HETATM 1583 O  O7  . 6LI B 2 .   ? -3.641  -14.172 -1.865  1.00 24.87 ? 1001 6LI A O7  1 
HETATM 1584 C  C8  . 6LI B 2 .   ? 1.985   -13.607 -0.358  1.00 9.03  ? 1001 6LI A C8  1 
HETATM 1585 O  O8  . 6LI B 2 .   ? -1.902  -12.496 -3.091  1.00 25.04 ? 1001 6LI A O8  1 
HETATM 1586 C  C9  . 6LI B 2 .   ? 5.717   -15.249 1.457   1.00 13.49 ? 1001 6LI A C9  1 
HETATM 1587 O  O9  . 6LI B 2 .   ? -2.075  -12.442 -0.550  1.00 21.38 ? 1001 6LI A O9  1 
HETATM 1588 C  C10 . 6LI B 2 .   ? 4.794   -13.030 1.729   1.00 10.49 ? 1001 6LI A C10 1 
HETATM 1589 C  C11 . 6LI B 2 .   ? 2.241   -11.388 0.735   1.00 7.48  ? 1001 6LI A C11 1 
HETATM 1590 C  C12 . 6LI B 2 .   ? 2.889   -10.316 -0.112  1.00 10.12 ? 1001 6LI A C12 1 
HETATM 1591 C  C13 . 6LI B 2 .   ? 2.620   -9.409  -2.294  1.00 11.81 ? 1001 6LI A C13 1 
HETATM 1592 C  C14 . 6LI B 2 .   ? 3.593   -8.439  -2.026  1.00 11.23 ? 1001 6LI A C14 1 
HETATM 1593 C  C15 . 6LI B 2 .   ? 4.000   -7.582  -3.036  1.00 10.56 ? 1001 6LI A C15 1 
HETATM 1594 C  C16 . 6LI B 2 .   ? 3.437   -7.713  -4.302  1.00 12.24 ? 1001 6LI A C16 1 
HETATM 1595 C  C17 . 6LI B 2 .   ? 2.470   -8.647  -4.567  1.00 10.68 ? 1001 6LI A C17 1 
HETATM 1596 C  C18 . 6LI B 2 .   ? 2.071   -9.495  -3.569  1.00 11.62 ? 1001 6LI A C18 1 
HETATM 1597 C  C1  . GOL C 3 .   ? 15.167  -4.070  -1.897  1.00 58.28 ? 1002 GOL A C1  1 
HETATM 1598 O  O1  . GOL C 3 .   ? 15.792  -3.372  -2.955  1.00 58.00 ? 1002 GOL A O1  1 
HETATM 1599 C  C2  . GOL C 3 .   ? 14.764  -3.124  -0.763  1.00 58.54 ? 1002 GOL A C2  1 
HETATM 1600 O  O2  . GOL C 3 .   ? 14.115  -1.936  -1.202  1.00 57.56 ? 1002 GOL A O2  1 
HETATM 1601 C  C3  . GOL C 3 .   ? 15.962  -2.831  0.142   1.00 58.88 ? 1002 GOL A C3  1 
HETATM 1602 O  O3  . GOL C 3 .   ? 15.780  -3.535  1.355   1.00 58.51 ? 1002 GOL A O3  1 
HETATM 1603 C  C1  . EDO D 4 .   ? 1.764   15.787  -2.348  1.00 41.70 ? 1003 EDO A C1  1 
HETATM 1604 O  O1  . EDO D 4 .   ? 2.191   14.897  -1.299  1.00 39.68 ? 1003 EDO A O1  1 
HETATM 1605 C  C2  . EDO D 4 .   ? 1.043   14.986  -3.450  1.00 41.74 ? 1003 EDO A C2  1 
HETATM 1606 O  O2  . EDO D 4 .   ? 1.156   15.563  -4.779  1.00 39.47 ? 1003 EDO A O2  1 
HETATM 1607 C  C1  . EDO E 4 .   ? -14.919 7.545   9.208   1.00 53.11 ? 1004 EDO A C1  1 
HETATM 1608 O  O1  . EDO E 4 .   ? -15.027 8.498   8.145   1.00 53.05 ? 1004 EDO A O1  1 
HETATM 1609 C  C2  . EDO E 4 .   ? -13.554 7.714   9.885   1.00 52.80 ? 1004 EDO A C2  1 
HETATM 1610 O  O2  . EDO E 4 .   ? -13.004 6.430   10.212  1.00 50.47 ? 1004 EDO A O2  1 
HETATM 1611 C  C1  . EDO F 4 .   ? -7.874  7.693   -11.736 1.00 34.58 ? 1005 EDO A C1  1 
HETATM 1612 O  O1  . EDO F 4 .   ? -7.792  7.679   -10.284 1.00 29.80 ? 1005 EDO A O1  1 
HETATM 1613 C  C2  . EDO F 4 .   ? -6.734  8.469   -12.441 1.00 34.88 ? 1005 EDO A C2  1 
HETATM 1614 O  O2  . EDO F 4 .   ? -5.407  8.169   -11.929 1.00 32.33 ? 1005 EDO A O2  1 
HETATM 1615 C  C1  . EDO G 4 .   ? 10.991  7.135   -13.714 1.00 45.18 ? 1006 EDO A C1  1 
HETATM 1616 O  O1  . EDO G 4 .   ? 10.047  7.079   -14.798 1.00 45.28 ? 1006 EDO A O1  1 
HETATM 1617 C  C2  . EDO G 4 .   ? 10.768  8.377   -12.840 1.00 46.15 ? 1006 EDO A C2  1 
HETATM 1618 O  O2  . EDO G 4 .   ? 10.312  8.045   -11.505 1.00 43.65 ? 1006 EDO A O2  1 
HETATM 1619 O  O   . HOH H 5 .   ? 7.019   9.803   2.291   1.00 20.30 ? 1101 HOH A O   1 
HETATM 1620 O  O   . HOH H 5 .   ? 6.362   13.506  2.618   1.00 16.51 ? 1102 HOH A O   1 
HETATM 1621 O  O   . HOH H 5 .   ? 11.039  -1.551  -0.977  1.00 16.94 ? 1103 HOH A O   1 
HETATM 1622 O  O   . HOH H 5 .   ? 0.590   1.903   -9.446  1.00 8.14  ? 1104 HOH A O   1 
HETATM 1623 O  O   . HOH H 5 .   ? -4.708  4.161   -9.675  1.00 6.74  ? 1105 HOH A O   1 
HETATM 1624 O  O   . HOH H 5 .   ? 3.735   -4.868  7.531   1.00 15.46 ? 1106 HOH A O   1 
HETATM 1625 O  O   . HOH H 5 .   ? 2.532   -10.600 12.114  1.00 22.45 ? 1107 HOH A O   1 
HETATM 1626 O  O   . HOH H 5 .   ? -14.733 -2.707  1.177   1.00 19.49 ? 1108 HOH A O   1 
HETATM 1627 O  O   . HOH H 5 .   ? -18.923 -0.040  -11.521 1.00 13.09 ? 1109 HOH A O   1 
HETATM 1628 O  O   . HOH H 5 .   ? -10.927 8.647   -2.898  1.00 17.52 ? 1110 HOH A O   1 
HETATM 1629 O  O   . HOH H 5 .   ? 3.022   7.113   5.474   1.00 19.49 ? 1111 HOH A O   1 
HETATM 1630 O  O   . HOH H 5 .   ? 3.349   12.923  9.005   1.00 20.95 ? 1112 HOH A O   1 
HETATM 1631 O  O   . HOH H 5 .   ? 4.581   5.530   14.811  1.00 32.06 ? 1113 HOH A O   1 
HETATM 1632 O  O   . HOH H 5 .   ? 1.894   -0.898  13.792  1.00 19.45 ? 1114 HOH A O   1 
HETATM 1633 O  O   . HOH H 5 .   ? -12.394 -6.496  -8.030  1.00 33.95 ? 1115 HOH A O   1 
HETATM 1634 O  O   . HOH H 5 .   ? -12.399 -8.946  -9.430  1.00 24.24 ? 1116 HOH A O   1 
HETATM 1635 O  O   . HOH H 5 .   ? -3.530  -6.575  -0.807  1.00 15.16 ? 1117 HOH A O   1 
HETATM 1636 O  O   . HOH H 5 .   ? -8.479  -14.734 -8.349  1.00 25.24 ? 1118 HOH A O   1 
HETATM 1637 O  O   . HOH H 5 .   ? -3.623  -7.886  17.671  1.00 22.86 ? 1119 HOH A O   1 
HETATM 1638 O  O   . HOH H 5 .   ? -11.489 2.772   15.782  1.00 21.12 ? 1120 HOH A O   1 
HETATM 1639 O  O   . HOH H 5 .   ? -13.909 -7.757  7.577   1.00 23.75 ? 1121 HOH A O   1 
HETATM 1640 O  O   . HOH H 5 .   ? -11.881 -3.462  16.801  1.00 21.37 ? 1122 HOH A O   1 
HETATM 1641 O  O   . HOH H 5 .   ? 9.528   -16.982 -1.080  1.00 20.01 ? 1123 HOH A O   1 
HETATM 1642 O  O   . HOH H 5 .   ? -1.664  -12.655 1.789   1.00 20.83 ? 1124 HOH A O   1 
HETATM 1643 O  O   . HOH H 5 .   ? 12.737  -9.730  -3.030  1.00 15.12 ? 1125 HOH A O   1 
HETATM 1644 O  O   . HOH H 5 .   ? -0.641  -10.064 -2.176  1.00 20.24 ? 1126 HOH A O   1 
HETATM 1645 O  O   . HOH H 5 .   ? -3.363  1.989   -17.898 1.00 21.76 ? 1127 HOH A O   1 
HETATM 1646 O  O   . HOH H 5 .   ? -2.036  6.677   -15.357 1.00 19.33 ? 1128 HOH A O   1 
HETATM 1647 O  O   . HOH H 5 .   ? -3.350  2.110   -10.298 1.00 6.64  ? 1129 HOH A O   1 
HETATM 1648 O  O   . HOH H 5 .   ? -0.969  2.756   -11.494 1.00 2.00  ? 1130 HOH A O   1 
HETATM 1649 O  O   . HOH H 5 .   ? -0.680  4.570   -13.564 1.00 17.38 ? 1131 HOH A O   1 
HETATM 1650 O  O   . HOH H 5 .   ? -11.300 4.374   -9.614  1.00 14.84 ? 1132 HOH A O   1 
HETATM 1651 O  O   . HOH H 5 .   ? -10.859 1.860   -10.899 1.00 16.27 ? 1133 HOH A O   1 
HETATM 1652 O  O   . HOH H 5 .   ? 13.066  -18.204 -4.800  1.00 22.24 ? 1134 HOH A O   1 
HETATM 1653 O  O   . HOH H 5 .   ? -17.529 -3.828  -13.775 1.00 25.21 ? 1135 HOH A O   1 
HETATM 1654 O  O   . HOH H 5 .   ? 14.686  -7.482  7.235   1.00 17.27 ? 1136 HOH A O   1 
HETATM 1655 O  O   . HOH H 5 .   ? 13.495  10.351  -6.943  1.00 8.77  ? 1137 HOH A O   1 
HETATM 1656 O  O   . HOH H 5 .   ? 10.384  2.650   -15.396 1.00 24.50 ? 1138 HOH A O   1 
HETATM 1657 O  O   . HOH H 5 .   ? -1.546  13.939  4.042   1.00 18.68 ? 1139 HOH A O   1 
# 
